data_5QHB
# 
_entry.id   5QHB 
# 
_audit_conform.dict_name       mmcif_pdbx.dic 
_audit_conform.dict_version    5.381 
_audit_conform.dict_location   http://mmcif.pdb.org/dictionaries/ascii/mmcif_pdbx.dic 
# 
loop_
_database_2.database_id 
_database_2.database_code 
_database_2.pdbx_database_accession 
_database_2.pdbx_DOI 
PDB   5QHB         pdb_00005qhb 10.2210/pdb5qhb/pdb 
WWPDB D_1001401948 ?            ?                   
# 
_pdbx_database_status.entry_id                        5QHB 
_pdbx_database_status.status_code                     REL 
_pdbx_database_status.status_code_sf                  REL 
_pdbx_database_status.status_code_mr                  ? 
_pdbx_database_status.status_code_cs                  ? 
_pdbx_database_status.recvd_initial_deposition_date   2018-05-15 
_pdbx_database_status.deposit_site                    RCSB 
_pdbx_database_status.process_site                    RCSB 
_pdbx_database_status.SG_entry                        ? 
_pdbx_database_status.pdb_format_compatible           Y 
_pdbx_database_status.methods_development_category    ? 
_pdbx_database_status.status_code_nmr_data            ? 
# 
loop_
_audit_author.name 
_audit_author.pdbx_ordinal 
_audit_author.identifier_ORCID 
'Krojer, T.'         1  ? 
'Talon, R.'          2  ? 
'Fairhead, M.'       3  ? 
'Diaz Saez, L.'      4  ? 
'Bradley, A.R.'      5  ? 
'Aimon, A.'          6  ? 
'Collins, P.'        7  ? 
'Brandao-Neto, J.'   8  ? 
'Douangamath, A.'    9  ? 
'Ruda, G.F.'         10 ? 
'Szommer, T.'        11 ? 
'Srikannathasan, V.' 12 ? 
'Elkins, J.'         13 ? 
'Spencer, J.'        14 ? 
'London, N.'         15 ? 
'Nelson, A.'         16 ? 
'Brennan, P.E.'      17 ? 
'Huber, K.'          18 ? 
'Bountra, C.'        19 ? 
'Arrowsmith, C.H.'   20 ? 
'Edwards, A.'        21 ? 
'von Delft, F.'      22 ? 
# 
_citation.id                        primary 
_citation.title                     'PanDDA analysis group deposition of models with modelled events (e.g. bound ligands)' 
_citation.journal_abbrev            'To Be Published' 
_citation.journal_volume            ? 
_citation.page_first                ? 
_citation.page_last                 ? 
_citation.year                      ? 
_citation.journal_id_ASTM           ? 
_citation.country                   ? 
_citation.journal_id_ISSN           ? 
_citation.journal_id_CSD            0353 
_citation.book_publisher            ? 
_citation.pdbx_database_id_PubMed   ? 
_citation.pdbx_database_id_DOI      ? 
# 
loop_
_citation_author.citation_id 
_citation_author.name 
_citation_author.identifier_ORCID 
_citation_author.ordinal 
primary 'Krojer, T.'         ? 1  
primary 'Talon, R.'          ? 2  
primary 'Fairhead, M.'       ? 3  
primary 'Diaz Saez, L.'      ? 4  
primary 'Bradley, A.R.'      ? 5  
primary 'Aimon, A.'          ? 6  
primary 'Collins, P.'        ? 7  
primary 'Brandao-Neto, J.'   ? 8  
primary 'Douangamath, A.'    ? 9  
primary 'Ruda, G.F.'         ? 10 
primary 'Szommer, T.'        ? 11 
primary 'Srikannathasan, V.' ? 12 
primary 'Elkins, J.'         ? 13 
primary 'Spencer, J.'        ? 14 
primary 'London, N.'         ? 15 
primary 'Nelson, A.'         ? 16 
primary 'Brennan, P.E.'      ? 17 
primary 'Huber, K.'          ? 18 
primary 'Bountra, C.'        ? 19 
primary 'Arrowsmith, C.H.'   ? 20 
primary 'Edwards, A.'        ? 21 
primary 'von Delft, F.'      ? 22 
# 
_cell.entry_id           5QHB 
_cell.length_a           124.700 
_cell.length_b           124.700 
_cell.length_c           41.190 
_cell.angle_alpha        90.000 
_cell.angle_beta         90.000 
_cell.angle_gamma        120.000 
_cell.Z_PDB              6 
_cell.pdbx_unique_axis   ? 
# 
_symmetry.entry_id                         5QHB 
_symmetry.Int_Tables_number                150 
_symmetry.space_group_name_H-M             'P 3 2 1' 
_symmetry.pdbx_full_space_group_name_H-M   ? 
_symmetry.cell_setting                     ? 
# 
loop_
_entity.id 
_entity.type 
_entity.src_method 
_entity.pdbx_description 
_entity.formula_weight 
_entity.pdbx_number_of_molecules 
_entity.pdbx_ec 
_entity.pdbx_mutation 
_entity.pdbx_fragment 
_entity.details 
1 polymer     man 'Peroxisomal coenzyme A diphosphatase NUDT7'        22197.600 1   3.6.1.- ? ? ? 
2 non-polymer syn 'ACETATE ION'                                       59.044    2   ?       ? ? ? 
3 non-polymer syn 'DIMETHYL SULFOXIDE'                                78.133    2   ?       ? ? ? 
4 non-polymer syn "1-(4'-methyl[1,1'-biphenyl]-2-yl)pyrrolidin-2-one" 251.323   1   ?       ? ? ? 
5 water       nat water                                               18.015    156 ?       ? ? ? 
# 
_entity_name_com.entity_id   1 
_entity_name_com.name        'Nucleoside diphosphate-linked moiety X motif 7,Nudix motif 7' 
# 
_entity_poly.entity_id                      1 
_entity_poly.type                           'polypeptide(L)' 
_entity_poly.nstd_linkage                   no 
_entity_poly.nstd_monomer                   yes 
_entity_poly.pdbx_seq_one_letter_code       
;SMLDDAKARLRKYDIGGKYSHLPYNKYSVLLPLVAKEGKLHLLFTVRSEKLRRAPGEVCFPGGKRDPTDMDDAATALREA
QEEVGLR(HYP)HQVEVV(CSO)CLVPCLIDTDTLITPFVGLIDHNFQAQPNPAEVKDVFLVPLAYFLHPQVHDQHYVTR
LGHRFINHIFEYTNPEDGVTYQIKGMTANLAVLVAFIILEKKPT
;
_entity_poly.pdbx_seq_one_letter_code_can   
;SMLDDAKARLRKYDIGGKYSHLPYNKYSVLLPLVAKEGKLHLLFTVRSEKLRRAPGEVCFPGGKRDPTDMDDAATALREA
QEEVGLRPHQVEVVCCLVPCLIDTDTLITPFVGLIDHNFQAQPNPAEVKDVFLVPLAYFLHPQVHDQHYVTRLGHRFINH
IFEYTNPEDGVTYQIKGMTANLAVLVAFIILEKKPT
;
_entity_poly.pdbx_strand_id                 A 
_entity_poly.pdbx_target_identifier         ? 
# 
loop_
_entity_poly_seq.entity_id 
_entity_poly_seq.num 
_entity_poly_seq.mon_id 
_entity_poly_seq.hetero 
1 1   SER n 
1 2   MET n 
1 3   LEU n 
1 4   ASP n 
1 5   ASP n 
1 6   ALA n 
1 7   LYS n 
1 8   ALA n 
1 9   ARG n 
1 10  LEU n 
1 11  ARG n 
1 12  LYS n 
1 13  TYR n 
1 14  ASP n 
1 15  ILE n 
1 16  GLY n 
1 17  GLY n 
1 18  LYS n 
1 19  TYR n 
1 20  SER n 
1 21  HIS n 
1 22  LEU n 
1 23  PRO n 
1 24  TYR n 
1 25  ASN n 
1 26  LYS n 
1 27  TYR n 
1 28  SER n 
1 29  VAL n 
1 30  LEU n 
1 31  LEU n 
1 32  PRO n 
1 33  LEU n 
1 34  VAL n 
1 35  ALA n 
1 36  LYS n 
1 37  GLU n 
1 38  GLY n 
1 39  LYS n 
1 40  LEU n 
1 41  HIS n 
1 42  LEU n 
1 43  LEU n 
1 44  PHE n 
1 45  THR n 
1 46  VAL n 
1 47  ARG n 
1 48  SER n 
1 49  GLU n 
1 50  LYS n 
1 51  LEU n 
1 52  ARG n 
1 53  ARG n 
1 54  ALA n 
1 55  PRO n 
1 56  GLY n 
1 57  GLU n 
1 58  VAL n 
1 59  CYS n 
1 60  PHE n 
1 61  PRO n 
1 62  GLY n 
1 63  GLY n 
1 64  LYS n 
1 65  ARG n 
1 66  ASP n 
1 67  PRO n 
1 68  THR n 
1 69  ASP n 
1 70  MET n 
1 71  ASP n 
1 72  ASP n 
1 73  ALA n 
1 74  ALA n 
1 75  THR n 
1 76  ALA n 
1 77  LEU n 
1 78  ARG n 
1 79  GLU n 
1 80  ALA n 
1 81  GLN n 
1 82  GLU n 
1 83  GLU n 
1 84  VAL n 
1 85  GLY n 
1 86  LEU n 
1 87  ARG n 
1 88  HYP n 
1 89  HIS n 
1 90  GLN n 
1 91  VAL n 
1 92  GLU n 
1 93  VAL n 
1 94  VAL n 
1 95  CSO n 
1 96  CYS n 
1 97  LEU n 
1 98  VAL n 
1 99  PRO n 
1 100 CYS n 
1 101 LEU n 
1 102 ILE n 
1 103 ASP n 
1 104 THR n 
1 105 ASP n 
1 106 THR n 
1 107 LEU n 
1 108 ILE n 
1 109 THR n 
1 110 PRO n 
1 111 PHE n 
1 112 VAL n 
1 113 GLY n 
1 114 LEU n 
1 115 ILE n 
1 116 ASP n 
1 117 HIS n 
1 118 ASN n 
1 119 PHE n 
1 120 GLN n 
1 121 ALA n 
1 122 GLN n 
1 123 PRO n 
1 124 ASN n 
1 125 PRO n 
1 126 ALA n 
1 127 GLU n 
1 128 VAL n 
1 129 LYS n 
1 130 ASP n 
1 131 VAL n 
1 132 PHE n 
1 133 LEU n 
1 134 VAL n 
1 135 PRO n 
1 136 LEU n 
1 137 ALA n 
1 138 TYR n 
1 139 PHE n 
1 140 LEU n 
1 141 HIS n 
1 142 PRO n 
1 143 GLN n 
1 144 VAL n 
1 145 HIS n 
1 146 ASP n 
1 147 GLN n 
1 148 HIS n 
1 149 TYR n 
1 150 VAL n 
1 151 THR n 
1 152 ARG n 
1 153 LEU n 
1 154 GLY n 
1 155 HIS n 
1 156 ARG n 
1 157 PHE n 
1 158 ILE n 
1 159 ASN n 
1 160 HIS n 
1 161 ILE n 
1 162 PHE n 
1 163 GLU n 
1 164 TYR n 
1 165 THR n 
1 166 ASN n 
1 167 PRO n 
1 168 GLU n 
1 169 ASP n 
1 170 GLY n 
1 171 VAL n 
1 172 THR n 
1 173 TYR n 
1 174 GLN n 
1 175 ILE n 
1 176 LYS n 
1 177 GLY n 
1 178 MET n 
1 179 THR n 
1 180 ALA n 
1 181 ASN n 
1 182 LEU n 
1 183 ALA n 
1 184 VAL n 
1 185 LEU n 
1 186 VAL n 
1 187 ALA n 
1 188 PHE n 
1 189 ILE n 
1 190 ILE n 
1 191 LEU n 
1 192 GLU n 
1 193 LYS n 
1 194 LYS n 
1 195 PRO n 
1 196 THR n 
# 
_entity_src_gen.entity_id                          1 
_entity_src_gen.pdbx_src_id                        1 
_entity_src_gen.pdbx_alt_source_flag               sample 
_entity_src_gen.pdbx_seq_type                      'Biological sequence' 
_entity_src_gen.pdbx_beg_seq_num                   1 
_entity_src_gen.pdbx_end_seq_num                   196 
_entity_src_gen.gene_src_common_name               Human 
_entity_src_gen.gene_src_genus                     ? 
_entity_src_gen.pdbx_gene_src_gene                 NUDT7 
_entity_src_gen.gene_src_species                   ? 
_entity_src_gen.gene_src_strain                    ? 
_entity_src_gen.gene_src_tissue                    ? 
_entity_src_gen.gene_src_tissue_fraction           ? 
_entity_src_gen.gene_src_details                   ? 
_entity_src_gen.pdbx_gene_src_fragment             ? 
_entity_src_gen.pdbx_gene_src_scientific_name      'Homo sapiens' 
_entity_src_gen.pdbx_gene_src_ncbi_taxonomy_id     9606 
_entity_src_gen.pdbx_gene_src_variant              ? 
_entity_src_gen.pdbx_gene_src_cell_line            ? 
_entity_src_gen.pdbx_gene_src_atcc                 ? 
_entity_src_gen.pdbx_gene_src_organ                ? 
_entity_src_gen.pdbx_gene_src_organelle            ? 
_entity_src_gen.pdbx_gene_src_cell                 ? 
_entity_src_gen.pdbx_gene_src_cellular_location    ? 
_entity_src_gen.host_org_common_name               ? 
_entity_src_gen.pdbx_host_org_scientific_name      'Escherichia coli' 
_entity_src_gen.pdbx_host_org_ncbi_taxonomy_id     562 
_entity_src_gen.host_org_genus                     ? 
_entity_src_gen.pdbx_host_org_gene                 ? 
_entity_src_gen.pdbx_host_org_organ                ? 
_entity_src_gen.host_org_species                   ? 
_entity_src_gen.pdbx_host_org_tissue               ? 
_entity_src_gen.pdbx_host_org_tissue_fraction      ? 
_entity_src_gen.pdbx_host_org_strain               ? 
_entity_src_gen.pdbx_host_org_variant              ? 
_entity_src_gen.pdbx_host_org_cell_line            ? 
_entity_src_gen.pdbx_host_org_atcc                 ? 
_entity_src_gen.pdbx_host_org_culture_collection   ? 
_entity_src_gen.pdbx_host_org_cell                 ? 
_entity_src_gen.pdbx_host_org_organelle            ? 
_entity_src_gen.pdbx_host_org_cellular_location    ? 
_entity_src_gen.pdbx_host_org_vector_type          ? 
_entity_src_gen.pdbx_host_org_vector               ? 
_entity_src_gen.host_org_details                   ? 
_entity_src_gen.expression_system_id               ? 
_entity_src_gen.plasmid_name                       ? 
_entity_src_gen.plasmid_details                    ? 
_entity_src_gen.pdbx_description                   ? 
# 
_struct_ref.id                         1 
_struct_ref.db_name                    UNP 
_struct_ref.db_code                    NUDT7_HUMAN 
_struct_ref.pdbx_db_accession          P0C024 
_struct_ref.pdbx_db_isoform            ? 
_struct_ref.entity_id                  1 
_struct_ref.pdbx_seq_one_letter_code   
;SLLDDAKARLRKYDIGGKYSHLPYNKYSVLLPLVAKEGKLHLLFTVRSEKLRRAPGEVCFPGGKRDPTDMDDAATALREA
QEEVGLRPHQVEVVCCLVPCLIDTDTLITPFVGLIDHNFQAQPNPAEVKDVFLVPLAYFLHPQVHDQHYVTRLGHRFINH
IFEYTNPEDGVTYQIKGMTANLAVLVAFIILEKKPT
;
_struct_ref.pdbx_align_begin           14 
# 
_struct_ref_seq.align_id                      1 
_struct_ref_seq.ref_id                        1 
_struct_ref_seq.pdbx_PDB_id_code              5QHB 
_struct_ref_seq.pdbx_strand_id                A 
_struct_ref_seq.seq_align_beg                 1 
_struct_ref_seq.pdbx_seq_align_beg_ins_code   ? 
_struct_ref_seq.seq_align_end                 196 
_struct_ref_seq.pdbx_seq_align_end_ins_code   ? 
_struct_ref_seq.pdbx_db_accession             P0C024 
_struct_ref_seq.db_align_beg                  14 
_struct_ref_seq.pdbx_db_align_beg_ins_code    ? 
_struct_ref_seq.db_align_end                  209 
_struct_ref_seq.pdbx_db_align_end_ins_code    ? 
_struct_ref_seq.pdbx_auth_seq_align_beg       15 
_struct_ref_seq.pdbx_auth_seq_align_end       210 
# 
_struct_ref_seq_dif.align_id                     1 
_struct_ref_seq_dif.pdbx_pdb_id_code             5QHB 
_struct_ref_seq_dif.mon_id                       MET 
_struct_ref_seq_dif.pdbx_pdb_strand_id           A 
_struct_ref_seq_dif.seq_num                      2 
_struct_ref_seq_dif.pdbx_pdb_ins_code            ? 
_struct_ref_seq_dif.pdbx_seq_db_name             UNP 
_struct_ref_seq_dif.pdbx_seq_db_accession_code   P0C024 
_struct_ref_seq_dif.db_mon_id                    LEU 
_struct_ref_seq_dif.pdbx_seq_db_seq_num          15 
_struct_ref_seq_dif.details                      conflict 
_struct_ref_seq_dif.pdbx_auth_seq_num            16 
_struct_ref_seq_dif.pdbx_ordinal                 1 
# 
loop_
_chem_comp.id 
_chem_comp.type 
_chem_comp.mon_nstd_flag 
_chem_comp.name 
_chem_comp.pdbx_synonyms 
_chem_comp.formula 
_chem_comp.formula_weight 
ACT non-polymer         . 'ACETATE ION'                                       ?              'C2 H3 O2 -1'    59.044  
ALA 'L-peptide linking' y ALANINE                                             ?              'C3 H7 N O2'     89.093  
ARG 'L-peptide linking' y ARGININE                                            ?              'C6 H15 N4 O2 1' 175.209 
ASN 'L-peptide linking' y ASPARAGINE                                          ?              'C4 H8 N2 O3'    132.118 
ASP 'L-peptide linking' y 'ASPARTIC ACID'                                     ?              'C4 H7 N O4'     133.103 
CSO 'L-peptide linking' n S-HYDROXYCYSTEINE                                   ?              'C3 H7 N O3 S'   137.158 
CYS 'L-peptide linking' y CYSTEINE                                            ?              'C3 H7 N O2 S'   121.158 
DMS non-polymer         . 'DIMETHYL SULFOXIDE'                                ?              'C2 H6 O S'      78.133  
GLN 'L-peptide linking' y GLUTAMINE                                           ?              'C5 H10 N2 O3'   146.144 
GLU 'L-peptide linking' y 'GLUTAMIC ACID'                                     ?              'C5 H9 N O4'     147.129 
GLY 'peptide linking'   y GLYCINE                                             ?              'C2 H5 N O2'     75.067  
H31 non-polymer         . "1-(4'-methyl[1,1'-biphenyl]-2-yl)pyrrolidin-2-one" ?              'C17 H17 N O'    251.323 
HIS 'L-peptide linking' y HISTIDINE                                           ?              'C6 H10 N3 O2 1' 156.162 
HOH non-polymer         . WATER                                               ?              'H2 O'           18.015  
HYP 'L-peptide linking' n 4-HYDROXYPROLINE                                    HYDROXYPROLINE 'C5 H9 N O3'     131.130 
ILE 'L-peptide linking' y ISOLEUCINE                                          ?              'C6 H13 N O2'    131.173 
LEU 'L-peptide linking' y LEUCINE                                             ?              'C6 H13 N O2'    131.173 
LYS 'L-peptide linking' y LYSINE                                              ?              'C6 H15 N2 O2 1' 147.195 
MET 'L-peptide linking' y METHIONINE                                          ?              'C5 H11 N O2 S'  149.211 
PHE 'L-peptide linking' y PHENYLALANINE                                       ?              'C9 H11 N O2'    165.189 
PRO 'L-peptide linking' y PROLINE                                             ?              'C5 H9 N O2'     115.130 
SER 'L-peptide linking' y SERINE                                              ?              'C3 H7 N O3'     105.093 
THR 'L-peptide linking' y THREONINE                                           ?              'C4 H9 N O3'     119.119 
TYR 'L-peptide linking' y TYROSINE                                            ?              'C9 H11 N O3'    181.189 
VAL 'L-peptide linking' y VALINE                                              ?              'C5 H11 N O2'    117.146 
# 
_exptl.crystals_number   1 
_exptl.entry_id          5QHB 
_exptl.method            'X-RAY DIFFRACTION' 
# 
_exptl_crystal.id                    1 
_exptl_crystal.pdbx_mosaicity        0.000 
_exptl_crystal.pdbx_mosaicity_esd    ? 
_exptl_crystal.density_Matthews      4.16 
_exptl_crystal.density_diffrn        ? 
_exptl_crystal.density_meas          ? 
_exptl_crystal.density_meas_temp     ? 
_exptl_crystal.density_percent_sol   70.47 
_exptl_crystal.size_max              ? 
_exptl_crystal.size_mid              ? 
_exptl_crystal.size_min              ? 
_exptl_crystal.size_rad              ? 
_exptl_crystal.description           ? 
_exptl_crystal.preparation           ? 
# 
_exptl_crystal_grow.crystal_id      1 
_exptl_crystal_grow.method          'VAPOR DIFFUSION, SITTING DROP' 
_exptl_crystal_grow.pH              5.5 
_exptl_crystal_grow.temp            293 
_exptl_crystal_grow.pdbx_details    '0.1M bis-tris pH 5.5 -- 0.1M ammonium acetate -- 5%(w/v) PEG10K' 
_exptl_crystal_grow.temp_details    ? 
_exptl_crystal_grow.pdbx_pH_range   ? 
# 
_diffrn.id                     1 
_diffrn.ambient_temp           100 
_diffrn.crystal_id             1 
_diffrn.ambient_temp_details   ? 
# 
_diffrn_detector.detector               PIXEL 
_diffrn_detector.type                   'DECTRIS PILATUS 6M' 
_diffrn_detector.pdbx_collection_date   2017-09-22 
_diffrn_detector.diffrn_id              1 
_diffrn_detector.details                ? 
# 
_diffrn_radiation.diffrn_id                        1 
_diffrn_radiation.wavelength_id                    1 
_diffrn_radiation.pdbx_diffrn_protocol             'SINGLE WAVELENGTH' 
_diffrn_radiation.pdbx_monochromatic_or_laue_m_l   ? 
_diffrn_radiation.monochromator                    ? 
_diffrn_radiation.pdbx_scattering_type             x-ray 
# 
_diffrn_radiation_wavelength.id           1 
_diffrn_radiation_wavelength.wavelength   0.97628 
_diffrn_radiation_wavelength.wt           1.0 
# 
_diffrn_source.diffrn_id                   1 
_diffrn_source.source                      SYNCHROTRON 
_diffrn_source.type                        'DIAMOND BEAMLINE I04-1' 
_diffrn_source.pdbx_wavelength_list        0.97628 
_diffrn_source.pdbx_synchrotron_site       Diamond 
_diffrn_source.pdbx_synchrotron_beamline   I04-1 
_diffrn_source.pdbx_wavelength             ? 
# 
_reflns.entry_id                     5QHB 
_reflns.pdbx_diffrn_id               1 
_reflns.pdbx_ordinal                 1 
_reflns.observed_criterion_sigma_I   ? 
_reflns.observed_criterion_sigma_F   ? 
_reflns.d_resolution_low             54.000 
_reflns.d_resolution_high            1.570 
_reflns.number_obs                   51396 
_reflns.number_all                   ? 
_reflns.percent_possible_obs         99.800 
_reflns.pdbx_Rmerge_I_obs            0.052 
_reflns.pdbx_Rsym_value              ? 
_reflns.pdbx_netI_over_sigmaI        20.900 
_reflns.B_iso_Wilson_estimate        ? 
_reflns.pdbx_redundancy              11.200 
_reflns.pdbx_Rrim_I_all              0.054 
_reflns.pdbx_Rpim_I_all              0.016 
_reflns.pdbx_CC_half                 0.999 
_reflns.pdbx_netI_over_av_sigmaI     ? 
_reflns.pdbx_number_measured_all     573203 
_reflns.pdbx_scaling_rejects         0 
_reflns.pdbx_chi_squared             ? 
_reflns.Rmerge_F_all                 ? 
_reflns.Rmerge_F_obs                 ? 
_reflns.observed_criterion_F_max     ? 
_reflns.observed_criterion_F_min     ? 
_reflns.observed_criterion_I_max     ? 
_reflns.observed_criterion_I_min     ? 
_reflns.pdbx_d_res_high_opt          ? 
_reflns.pdbx_d_res_low_opt           ? 
_reflns.details                      ? 
# 
loop_
_reflns_shell.pdbx_diffrn_id 
_reflns_shell.pdbx_ordinal 
_reflns_shell.d_res_high 
_reflns_shell.d_res_low 
_reflns_shell.number_measured_obs 
_reflns_shell.number_measured_all 
_reflns_shell.number_unique_obs 
_reflns_shell.pdbx_rejects 
_reflns_shell.Rmerge_I_obs 
_reflns_shell.meanI_over_sigI_obs 
_reflns_shell.pdbx_Rsym_value 
_reflns_shell.pdbx_chi_squared 
_reflns_shell.pdbx_redundancy 
_reflns_shell.percent_possible_obs 
_reflns_shell.pdbx_netI_over_sigmaI_obs 
_reflns_shell.number_possible 
_reflns_shell.number_unique_all 
_reflns_shell.Rmerge_F_all 
_reflns_shell.Rmerge_F_obs 
_reflns_shell.Rmerge_I_all 
_reflns_shell.meanI_over_sigI_all 
_reflns_shell.percent_possible_all 
_reflns_shell.pdbx_Rrim_I_all 
_reflns_shell.pdbx_Rpim_I_all 
_reflns_shell.pdbx_CC_half 
1 1 1.570 1.610  ? 41311 ? ? 2.003 ? ? ? 11.000 ? 1.200  ? 3749 ? ? ? ? 99.700 2.101 0.631 0.654 
1 2 7.020 54.000 ? 6342  ? ? 0.040 ? ? ? 10.000 ? 66.700 ? 634  ? ? ? ? 99.800 0.042 0.014 0.999 
# 
_refine.entry_id                                 5QHB 
_refine.pdbx_refine_id                           'X-RAY DIFFRACTION' 
_refine.ls_d_res_high                            1.5700 
_refine.ls_d_res_low                             108.2300 
_refine.pdbx_ls_sigma_F                          0.000 
_refine.pdbx_data_cutoff_high_absF               ? 
_refine.pdbx_data_cutoff_low_absF                ? 
_refine.ls_percent_reflns_obs                    99.8000 
_refine.ls_number_reflns_obs                     48696 
_refine.ls_number_reflns_all                     ? 
_refine.pdbx_ls_cross_valid_method               THROUGHOUT 
_refine.ls_matrix_type                           ? 
_refine.pdbx_R_Free_selection_details            RANDOM 
_refine.details                                  
'HYDROGENS HAVE BEEN ADDED IN THE RIDING POSITIONS U VALUES      : REFINED INDIVIDUALLY' 
_refine.ls_R_factor_all                          ? 
_refine.ls_R_factor_obs                          0.2007 
_refine.ls_R_factor_R_work                       0.2000 
_refine.ls_wR_factor_R_work                      ? 
_refine.ls_R_factor_R_free                       0.2130 
_refine.ls_wR_factor_R_free                      ? 
_refine.ls_percent_reflns_R_free                 5.2000 
_refine.ls_number_reflns_R_free                  2694 
_refine.ls_number_reflns_R_work                  ? 
_refine.ls_R_factor_R_free_error                 ? 
_refine.B_iso_mean                               35.5690 
_refine.solvent_model_param_bsol                 ? 
_refine.solvent_model_param_ksol                 ? 
_refine.pdbx_isotropic_thermal_model             ? 
_refine.aniso_B[1][1]                            0.5800 
_refine.aniso_B[2][2]                            0.5800 
_refine.aniso_B[3][3]                            -1.8900 
_refine.aniso_B[1][2]                            0.2900 
_refine.aniso_B[1][3]                            0.0000 
_refine.aniso_B[2][3]                            -0.0000 
_refine.correlation_coeff_Fo_to_Fc               0.9660 
_refine.correlation_coeff_Fo_to_Fc_free          0.9630 
_refine.overall_SU_R_Cruickshank_DPI             ? 
_refine.pdbx_overall_SU_R_free_Cruickshank_DPI   ? 
_refine.pdbx_overall_SU_R_Blow_DPI               ? 
_refine.pdbx_overall_SU_R_free_Blow_DPI          ? 
_refine.overall_SU_R_free                        ? 
_refine.pdbx_overall_ESU_R                       0.0640 
_refine.pdbx_overall_ESU_R_Free                  0.0630 
_refine.overall_SU_ML                            0.0540 
_refine.overall_SU_B                             1.6050 
_refine.solvent_model_details                    MASK 
_refine.pdbx_solvent_vdw_probe_radii             1.2000 
_refine.pdbx_solvent_ion_probe_radii             0.8000 
_refine.pdbx_solvent_shrinkage_radii             0.8000 
_refine.ls_number_parameters                     ? 
_refine.ls_number_restraints                     ? 
_refine.pdbx_starting_model                      5T3P 
_refine.pdbx_method_to_determine_struct          'FOURIER SYNTHESIS' 
_refine.pdbx_stereochemistry_target_values       'MAXIMUM LIKELIHOOD' 
_refine.pdbx_stereochem_target_val_spec_case     ? 
_refine.overall_FOM_work_R_set                   ? 
_refine.B_iso_max                                148.110 
_refine.B_iso_min                                20.890 
_refine.pdbx_overall_phase_error                 ? 
_refine.occupancy_max                            ? 
_refine.occupancy_min                            ? 
_refine.pdbx_diffrn_id                           1 
_refine.pdbx_TLS_residual_ADP_flag               ? 
_refine.pdbx_ls_sigma_I                          ? 
_refine.pdbx_data_cutoff_high_rms_absF           ? 
_refine.ls_R_factor_R_free_error_details         ? 
# 
_refine_hist.cycle_id                         final 
_refine_hist.pdbx_refine_id                   'X-RAY DIFFRACTION' 
_refine_hist.d_res_high                       1.5700 
_refine_hist.d_res_low                        108.2300 
_refine_hist.pdbx_number_atoms_ligand         35 
_refine_hist.number_atoms_solvent             156 
_refine_hist.number_atoms_total               1658 
_refine_hist.pdbx_number_residues_total       186 
_refine_hist.pdbx_B_iso_mean_ligand           43.20 
_refine_hist.pdbx_B_iso_mean_solvent          46.21 
_refine_hist.pdbx_number_atoms_protein        1467 
_refine_hist.pdbx_number_atoms_nucleic_acid   0 
# 
loop_
_refine_ls_restr.pdbx_refine_id 
_refine_ls_restr.type 
_refine_ls_restr.number 
_refine_ls_restr.dev_ideal 
_refine_ls_restr.dev_ideal_target 
_refine_ls_restr.weight 
_refine_ls_restr.pdbx_restraint_function 
'X-RAY DIFFRACTION' r_bond_refined_d       1546 0.010  0.019  ? ? 
'X-RAY DIFFRACTION' r_bond_other_d         1464 0.002  0.020  ? ? 
'X-RAY DIFFRACTION' r_angle_refined_deg    2100 1.508  2.007  ? ? 
'X-RAY DIFFRACTION' r_angle_other_deg      3394 0.917  3.000  ? ? 
'X-RAY DIFFRACTION' r_dihedral_angle_1_deg 186  5.947  5.000  ? ? 
'X-RAY DIFFRACTION' r_dihedral_angle_2_deg 67   30.107 24.179 ? ? 
'X-RAY DIFFRACTION' r_dihedral_angle_3_deg 253  12.907 15.000 ? ? 
'X-RAY DIFFRACTION' r_dihedral_angle_4_deg 8    14.829 15.000 ? ? 
'X-RAY DIFFRACTION' r_chiral_restr         238  0.092  0.200  ? ? 
'X-RAY DIFFRACTION' r_gen_planes_refined   1768 0.006  0.021  ? ? 
'X-RAY DIFFRACTION' r_gen_planes_other     296  0.001  0.020  ? ? 
'X-RAY DIFFRACTION' r_mcbond_it            749  2.147  3.273  ? ? 
'X-RAY DIFFRACTION' r_mcbond_other         750  2.146  3.272  ? ? 
'X-RAY DIFFRACTION' r_mcangle_it           933  3.272  4.870  ? ? 
# 
_refine_ls_shell.d_res_high                       1.5700 
_refine_ls_shell.d_res_low                        1.6110 
_refine_ls_shell.pdbx_total_number_of_bins_used   20 
_refine_ls_shell.percent_reflns_obs               99.7100 
_refine_ls_shell.number_reflns_R_work             3596 
_refine_ls_shell.R_factor_all                     ? 
_refine_ls_shell.R_factor_R_work                  0.3310 
_refine_ls_shell.R_factor_R_free                  0.3910 
_refine_ls_shell.percent_reflns_R_free            ? 
_refine_ls_shell.number_reflns_R_free             151 
_refine_ls_shell.R_factor_R_free_error            ? 
_refine_ls_shell.number_reflns_all                3747 
_refine_ls_shell.number_reflns_obs                ? 
_refine_ls_shell.pdbx_refine_id                   'X-RAY DIFFRACTION' 
# 
_struct.entry_id                  5QHB 
_struct.title                     
;PanDDA analysis group deposition of models with modelled events (e.g. bound ligands) -- Crystal Structure of NUDT7 in complex with RK4-332
;
_struct.pdbx_model_details        ? 
_struct.pdbx_CASP_flag            ? 
_struct.pdbx_model_type_details   ? 
# 
_struct_keywords.entry_id        5QHB 
_struct_keywords.text            'PanDDA, SGC - Diamond I04-1 fragment screening, NUDIX domain, XChemExplorer, HYDROLASE' 
_struct_keywords.pdbx_keywords   HYDROLASE 
# 
loop_
_struct_asym.id 
_struct_asym.pdbx_blank_PDB_chainid_flag 
_struct_asym.pdbx_modified 
_struct_asym.entity_id 
_struct_asym.details 
A N N 1 ? 
B N N 2 ? 
C N N 2 ? 
D N N 3 ? 
E N N 3 ? 
F N N 4 ? 
G N N 5 ? 
# 
loop_
_struct_conf.conf_type_id 
_struct_conf.id 
_struct_conf.pdbx_PDB_helix_id 
_struct_conf.beg_label_comp_id 
_struct_conf.beg_label_asym_id 
_struct_conf.beg_label_seq_id 
_struct_conf.pdbx_beg_PDB_ins_code 
_struct_conf.end_label_comp_id 
_struct_conf.end_label_asym_id 
_struct_conf.end_label_seq_id 
_struct_conf.pdbx_end_PDB_ins_code 
_struct_conf.beg_auth_comp_id 
_struct_conf.beg_auth_asym_id 
_struct_conf.beg_auth_seq_id 
_struct_conf.end_auth_comp_id 
_struct_conf.end_auth_asym_id 
_struct_conf.end_auth_seq_id 
_struct_conf.pdbx_PDB_helix_class 
_struct_conf.details 
_struct_conf.pdbx_PDB_helix_length 
HELX_P HELX_P1 AA1 SER A 1   ? LYS A 12  ? SER A 15  LYS A 26  1 ? 12 
HELX_P HELX_P2 AA2 ASP A 71  ? GLY A 85  ? ASP A 85  GLY A 99  1 ? 15 
HELX_P HELX_P3 AA3 ARG A 87  ? HIS A 89  ? ARG A 101 HIS A 103 5 ? 3  
HELX_P HELX_P4 AA4 ALA A 137 ? HIS A 141 ? ALA A 151 HIS A 155 5 ? 5  
HELX_P HELX_P5 AA5 LYS A 176 ? GLU A 192 ? LYS A 190 GLU A 206 1 ? 17 
# 
_struct_conf_type.id          HELX_P 
_struct_conf_type.criteria    ? 
_struct_conf_type.reference   ? 
# 
loop_
_struct_conn.id 
_struct_conn.conn_type_id 
_struct_conn.pdbx_leaving_atom_flag 
_struct_conn.pdbx_PDB_id 
_struct_conn.ptnr1_label_asym_id 
_struct_conn.ptnr1_label_comp_id 
_struct_conn.ptnr1_label_seq_id 
_struct_conn.ptnr1_label_atom_id 
_struct_conn.pdbx_ptnr1_label_alt_id 
_struct_conn.pdbx_ptnr1_PDB_ins_code 
_struct_conn.pdbx_ptnr1_standard_comp_id 
_struct_conn.ptnr1_symmetry 
_struct_conn.ptnr2_label_asym_id 
_struct_conn.ptnr2_label_comp_id 
_struct_conn.ptnr2_label_seq_id 
_struct_conn.ptnr2_label_atom_id 
_struct_conn.pdbx_ptnr2_label_alt_id 
_struct_conn.pdbx_ptnr2_PDB_ins_code 
_struct_conn.ptnr1_auth_asym_id 
_struct_conn.ptnr1_auth_comp_id 
_struct_conn.ptnr1_auth_seq_id 
_struct_conn.ptnr2_auth_asym_id 
_struct_conn.ptnr2_auth_comp_id 
_struct_conn.ptnr2_auth_seq_id 
_struct_conn.ptnr2_symmetry 
_struct_conn.pdbx_ptnr3_label_atom_id 
_struct_conn.pdbx_ptnr3_label_seq_id 
_struct_conn.pdbx_ptnr3_label_comp_id 
_struct_conn.pdbx_ptnr3_label_asym_id 
_struct_conn.pdbx_ptnr3_label_alt_id 
_struct_conn.pdbx_ptnr3_PDB_ins_code 
_struct_conn.details 
_struct_conn.pdbx_dist_value 
_struct_conn.pdbx_value_order 
_struct_conn.pdbx_role 
covale1 covale both ? A ARG 87 C ? ? ? 1_555 A HYP 88 N ? ? A ARG 101 A HYP 102 1_555 ? ? ? ? ? ? ? 1.339 ? ? 
covale2 covale both ? A HYP 88 C ? ? ? 1_555 A HIS 89 N ? ? A HYP 102 A HIS 103 1_555 ? ? ? ? ? ? ? 1.331 ? ? 
covale3 covale both ? A VAL 94 C ? ? ? 1_555 A CSO 95 N ? ? A VAL 108 A CSO 109 1_555 ? ? ? ? ? ? ? 1.331 ? ? 
covale4 covale both ? A CSO 95 C ? ? ? 1_555 A CYS 96 N ? ? A CSO 109 A CYS 110 1_555 ? ? ? ? ? ? ? 1.325 ? ? 
# 
_struct_conn_type.id          covale 
_struct_conn_type.criteria    ? 
_struct_conn_type.reference   ? 
# 
loop_
_struct_sheet.id 
_struct_sheet.type 
_struct_sheet.number_strands 
_struct_sheet.details 
AA1 ? 4 ? 
AA2 ? 4 ? 
AA3 ? 3 ? 
AA4 ? 3 ? 
# 
loop_
_struct_sheet_order.sheet_id 
_struct_sheet_order.range_id_1 
_struct_sheet_order.range_id_2 
_struct_sheet_order.offset 
_struct_sheet_order.sense 
AA1 1 2 ? anti-parallel 
AA1 2 3 ? parallel      
AA1 3 4 ? anti-parallel 
AA2 1 2 ? anti-parallel 
AA2 2 3 ? parallel      
AA2 3 4 ? anti-parallel 
AA3 1 2 ? anti-parallel 
AA3 2 3 ? anti-parallel 
AA4 1 2 ? anti-parallel 
AA4 2 3 ? anti-parallel 
# 
loop_
_struct_sheet_range.sheet_id 
_struct_sheet_range.id 
_struct_sheet_range.beg_label_comp_id 
_struct_sheet_range.beg_label_asym_id 
_struct_sheet_range.beg_label_seq_id 
_struct_sheet_range.pdbx_beg_PDB_ins_code 
_struct_sheet_range.end_label_comp_id 
_struct_sheet_range.end_label_asym_id 
_struct_sheet_range.end_label_seq_id 
_struct_sheet_range.pdbx_end_PDB_ins_code 
_struct_sheet_range.beg_auth_comp_id 
_struct_sheet_range.beg_auth_asym_id 
_struct_sheet_range.beg_auth_seq_id 
_struct_sheet_range.end_auth_comp_id 
_struct_sheet_range.end_auth_asym_id 
_struct_sheet_range.end_auth_seq_id 
AA1 1 VAL A 91  ? CYS A 96  ? VAL A 105 CYS A 110 
AA1 2 THR A 106 ? ILE A 115 ? THR A 120 ILE A 129 
AA1 3 ASN A 25  ? LYS A 36  ? ASN A 39  LYS A 50  
AA1 4 LYS A 39  ? ARG A 47  ? LYS A 53  ARG A 61  
AA2 1 CYS A 100 ? ILE A 102 ? CYS A 114 ILE A 116 
AA2 2 THR A 106 ? ILE A 115 ? THR A 120 ILE A 129 
AA2 3 ASN A 25  ? LYS A 36  ? ASN A 39  LYS A 50  
AA2 4 GLY A 62  ? LYS A 64  ? GLY A 76  LYS A 78  
AA3 1 VAL A 128 ? PRO A 135 ? VAL A 142 PRO A 149 
AA3 2 LYS A 39  ? ARG A 47  ? LYS A 53  ARG A 61  
AA3 3 VAL A 58  ? CYS A 59  ? VAL A 72  CYS A 73  
AA4 1 VAL A 144 ? ASP A 146 ? VAL A 158 ASP A 160 
AA4 2 HIS A 160 ? THR A 165 ? HIS A 174 THR A 179 
AA4 3 THR A 172 ? ILE A 175 ? THR A 186 ILE A 189 
# 
loop_
_pdbx_struct_sheet_hbond.sheet_id 
_pdbx_struct_sheet_hbond.range_id_1 
_pdbx_struct_sheet_hbond.range_id_2 
_pdbx_struct_sheet_hbond.range_1_label_atom_id 
_pdbx_struct_sheet_hbond.range_1_label_comp_id 
_pdbx_struct_sheet_hbond.range_1_label_asym_id 
_pdbx_struct_sheet_hbond.range_1_label_seq_id 
_pdbx_struct_sheet_hbond.range_1_PDB_ins_code 
_pdbx_struct_sheet_hbond.range_1_auth_atom_id 
_pdbx_struct_sheet_hbond.range_1_auth_comp_id 
_pdbx_struct_sheet_hbond.range_1_auth_asym_id 
_pdbx_struct_sheet_hbond.range_1_auth_seq_id 
_pdbx_struct_sheet_hbond.range_2_label_atom_id 
_pdbx_struct_sheet_hbond.range_2_label_comp_id 
_pdbx_struct_sheet_hbond.range_2_label_asym_id 
_pdbx_struct_sheet_hbond.range_2_label_seq_id 
_pdbx_struct_sheet_hbond.range_2_PDB_ins_code 
_pdbx_struct_sheet_hbond.range_2_auth_atom_id 
_pdbx_struct_sheet_hbond.range_2_auth_comp_id 
_pdbx_struct_sheet_hbond.range_2_auth_asym_id 
_pdbx_struct_sheet_hbond.range_2_auth_seq_id 
AA1 1 2 N VAL A 94  ? N VAL A 108 O VAL A 112 ? O VAL A 126 
AA1 2 3 O GLY A 113 ? O GLY A 127 N LEU A 33  ? N LEU A 47  
AA1 3 4 N LYS A 36  ? N LYS A 50  O LYS A 39  ? O LYS A 53  
AA2 1 2 N CYS A 100 ? N CYS A 114 O ILE A 108 ? O ILE A 122 
AA2 2 3 O GLY A 113 ? O GLY A 127 N LEU A 33  ? N LEU A 47  
AA2 3 4 N SER A 28  ? N SER A 42  O GLY A 63  ? O GLY A 77  
AA3 1 2 O PHE A 132 ? O PHE A 146 N PHE A 44  ? N PHE A 58  
AA3 2 3 N THR A 45  ? N THR A 59  O CYS A 59  ? O CYS A 73  
AA4 1 2 N HIS A 145 ? N HIS A 159 O ILE A 161 ? O ILE A 175 
AA4 2 3 N TYR A 164 ? N TYR A 178 O TYR A 173 ? O TYR A 187 
# 
loop_
_struct_site.id 
_struct_site.pdbx_evidence_code 
_struct_site.pdbx_auth_asym_id 
_struct_site.pdbx_auth_comp_id 
_struct_site.pdbx_auth_seq_id 
_struct_site.pdbx_auth_ins_code 
_struct_site.pdbx_num_residues 
_struct_site.details 
AC1 Software A ACT 301 ? 4 'binding site for residue ACT A 301' 
AC2 Software A ACT 302 ? 4 'binding site for residue ACT A 302' 
AC3 Software A DMS 303 ? 5 'binding site for residue DMS A 303' 
AC4 Software A DMS 304 ? 4 'binding site for residue DMS A 304' 
AC5 Software A H31 305 ? 8 'binding site for residue H31 A 305' 
# 
loop_
_struct_site_gen.id 
_struct_site_gen.site_id 
_struct_site_gen.pdbx_num_res 
_struct_site_gen.label_comp_id 
_struct_site_gen.label_asym_id 
_struct_site_gen.label_seq_id 
_struct_site_gen.pdbx_auth_ins_code 
_struct_site_gen.auth_comp_id 
_struct_site_gen.auth_asym_id 
_struct_site_gen.auth_seq_id 
_struct_site_gen.label_atom_id 
_struct_site_gen.label_alt_id 
_struct_site_gen.symmetry 
_struct_site_gen.details 
1  AC1 4 GLY A 56  ? GLY A 70  . ? 1_555 ? 
2  AC1 4 TYR A 173 ? TYR A 187 . ? 1_555 ? 
3  AC1 4 GLN A 174 ? GLN A 188 . ? 1_555 ? 
4  AC1 4 HOH G .   ? HOH A 459 . ? 1_555 ? 
5  AC2 4 HYP A 88  ? HYP A 102 . ? 1_555 ? 
6  AC2 4 HIS A 89  ? HIS A 103 . ? 1_555 ? 
7  AC2 4 VAL A 91  ? VAL A 105 . ? 1_555 ? 
8  AC2 4 HOH G .   ? HOH A 507 . ? 1_555 ? 
9  AC3 5 GLY A 85  ? GLY A 99  . ? 1_555 ? 
10 AC3 5 GLN A 90  ? GLN A 104 . ? 1_555 ? 
11 AC3 5 PHE A 119 ? PHE A 133 . ? 1_555 ? 
12 AC3 5 GLN A 120 ? GLN A 134 . ? 1_555 ? 
13 AC3 5 GLN A 122 ? GLN A 136 . ? 1_555 ? 
14 AC4 4 ASP A 116 ? ASP A 130 . ? 1_555 ? 
15 AC4 4 HIS A 117 ? HIS A 131 . ? 1_555 ? 
16 AC4 4 ASP A 130 ? ASP A 144 . ? 2_545 ? 
17 AC4 4 HOH G .   ? HOH A 450 . ? 2_545 ? 
18 AC5 8 TYR A 27  ? TYR A 41  . ? 1_555 ? 
19 AC5 8 ARG A 47  ? ARG A 61  . ? 1_555 ? 
20 AC5 8 ARG A 53  ? ARG A 67  . ? 1_555 ? 
21 AC5 8 ALA A 54  ? ALA A 68  . ? 1_555 ? 
22 AC5 8 PHE A 60  ? PHE A 74  . ? 1_555 ? 
23 AC5 8 GLY A 62  ? GLY A 76  . ? 1_555 ? 
24 AC5 8 HOH G .   ? HOH A 410 . ? 1_555 ? 
25 AC5 8 HOH G .   ? HOH A 416 . ? 1_555 ? 
# 
_atom_sites.entry_id                    5QHB 
_atom_sites.fract_transf_matrix[1][1]   -0.00275024 
_atom_sites.fract_transf_matrix[1][2]   -0.00659551 
_atom_sites.fract_transf_matrix[1][3]   -0.00588869 
_atom_sites.fract_transf_matrix[2][1]   0.00610599 
_atom_sites.fract_transf_matrix[2][2]   -0.00617299 
_atom_sites.fract_transf_matrix[2][3]   -0.00321849 
_atom_sites.fract_transf_matrix[3][1]   -0.00494454 
_atom_sites.fract_transf_matrix[3][2]   -0.01464996 
_atom_sites.fract_transf_matrix[3][3]   0.01871768 
_atom_sites.fract_transf_vector[1]      0.136140 
_atom_sites.fract_transf_vector[2]      -0.435491 
_atom_sites.fract_transf_vector[3]      1.978759 
# 
loop_
_atom_type.symbol 
C 
N 
O 
S 
# 
loop_
_atom_site.group_PDB 
_atom_site.id 
_atom_site.type_symbol 
_atom_site.label_atom_id 
_atom_site.label_alt_id 
_atom_site.label_comp_id 
_atom_site.label_asym_id 
_atom_site.label_entity_id 
_atom_site.label_seq_id 
_atom_site.pdbx_PDB_ins_code 
_atom_site.Cartn_x 
_atom_site.Cartn_y 
_atom_site.Cartn_z 
_atom_site.occupancy 
_atom_site.B_iso_or_equiv 
_atom_site.pdbx_formal_charge 
_atom_site.auth_seq_id 
_atom_site.auth_comp_id 
_atom_site.auth_asym_id 
_atom_site.auth_atom_id 
_atom_site.pdbx_PDB_model_num 
ATOM   1    N N   . SER A 1 1   ? -21.620 -6.260  5.352   1.00 54.52  ? 15  SER A N   1 
ATOM   2    C CA  . SER A 1 1   ? -20.697 -7.228  4.683   1.00 51.71  ? 15  SER A CA  1 
ATOM   3    C C   . SER A 1 1   ? -19.239 -6.898  5.020   1.00 52.29  ? 15  SER A C   1 
ATOM   4    O O   . SER A 1 1   ? -18.962 -5.838  5.603   1.00 52.69  ? 15  SER A O   1 
ATOM   5    C CB  . SER A 1 1   ? -20.930 -7.225  3.164   1.00 52.89  ? 15  SER A CB  1 
ATOM   6    O OG  . SER A 1 1   ? -20.452 -6.032  2.547   1.00 49.07  ? 15  SER A OG  1 
ATOM   7    N N   . MET A 1 2   ? -18.332 -7.810  4.665   1.00 51.60  ? 16  MET A N   1 
ATOM   8    C CA  . MET A 1 2   ? -16.884 -7.653  4.909   1.00 51.45  ? 16  MET A CA  1 
ATOM   9    C C   . MET A 1 2   ? -16.336 -6.364  4.287   1.00 52.51  ? 16  MET A C   1 
ATOM   10   O O   . MET A 1 2   ? -15.609 -5.608  4.948   1.00 47.17  ? 16  MET A O   1 
ATOM   11   C CB  . MET A 1 2   ? -16.094 -8.868  4.382   1.00 50.61  ? 16  MET A CB  1 
ATOM   12   C CG  . MET A 1 2   ? -14.571 -8.707  4.361   1.00 52.38  ? 16  MET A CG  1 
ATOM   13   S SD  . MET A 1 2   ? -13.680 -10.255 4.071   1.00 55.73  ? 16  MET A SD  1 
ATOM   14   C CE  . MET A 1 2   ? -13.966 -10.515 2.334   1.00 53.28  ? 16  MET A CE  1 
ATOM   15   N N   . LEU A 1 3   ? -16.683 -6.116  3.029   1.00 51.17  ? 17  LEU A N   1 
ATOM   16   C CA  . LEU A 1 3   ? -16.124 -4.963  2.317   1.00 51.76  ? 17  LEU A CA  1 
ATOM   17   C C   . LEU A 1 3   ? -16.720 -3.626  2.758   1.00 51.82  ? 17  LEU A C   1 
ATOM   18   O O   . LEU A 1 3   ? -16.004 -2.628  2.836   1.00 52.39  ? 17  LEU A O   1 
ATOM   19   C CB  . LEU A 1 3   ? -16.269 -5.137  0.812   1.00 50.31  ? 17  LEU A CB  1 
ATOM   20   C CG  . LEU A 1 3   ? -15.331 -6.191  0.219   1.00 53.29  ? 17  LEU A CG  1 
ATOM   21   C CD1 . LEU A 1 3   ? -15.726 -6.498  -1.222  1.00 50.08  ? 17  LEU A CD1 1 
ATOM   22   C CD2 . LEU A 1 3   ? -13.878 -5.735  0.308   1.00 54.21  ? 17  LEU A CD2 1 
ATOM   23   N N   . ASP A 1 4   ? -18.020 -3.610  3.044   1.00 51.43  ? 18  ASP A N   1 
ATOM   24   C CA  . ASP A 1 4   ? -18.673 -2.411  3.574   1.00 52.74  ? 18  ASP A CA  1 
ATOM   25   C C   . ASP A 1 4   ? -18.179 -2.090  4.985   1.00 49.76  ? 18  ASP A C   1 
ATOM   26   O O   . ASP A 1 4   ? -18.075 -0.925  5.359   1.00 44.71  ? 18  ASP A O   1 
ATOM   27   C CB  . ASP A 1 4   ? -20.201 -2.572  3.576   1.00 54.85  ? 18  ASP A CB  1 
ATOM   28   C CG  . ASP A 1 4   ? -20.804 -2.544  2.168   1.00 59.66  ? 18  ASP A CG  1 
ATOM   29   O OD1 . ASP A 1 4   ? -20.067 -2.331  1.176   1.00 58.89  ? 18  ASP A OD1 1 
ATOM   30   O OD2 . ASP A 1 4   ? -22.035 -2.732  2.059   1.00 65.32  ? 18  ASP A OD2 1 
ATOM   31   N N   . ASP A 1 5   ? -17.894 -3.135  5.757   1.00 45.96  ? 19  ASP A N   1 
ATOM   32   C CA  . ASP A 1 5   ? -17.352 -2.988  7.094   1.00 46.46  ? 19  ASP A CA  1 
ATOM   33   C C   . ASP A 1 5   ? -15.935 -2.386  7.046   1.00 42.22  ? 19  ASP A C   1 
ATOM   34   O O   . ASP A 1 5   ? -15.636 -1.491  7.831   1.00 39.07  ? 19  ASP A O   1 
ATOM   35   C CB  . ASP A 1 5   ? -17.354 -4.337  7.839   1.00 50.35  ? 19  ASP A CB  1 
ATOM   36   C CG  . ASP A 1 5   ? -18.747 -4.736  8.362   1.00 54.45  ? 19  ASP A CG  1 
ATOM   37   O OD1 . ASP A 1 5   ? -19.706 -3.926  8.298   1.00 57.73  ? 19  ASP A OD1 1 
ATOM   38   O OD2 . ASP A 1 5   ? -18.880 -5.885  8.840   1.00 59.81  ? 19  ASP A OD2 1 
ATOM   39   N N   . ALA A 1 6   ? -15.098 -2.865  6.132   1.00 37.30  ? 20  ALA A N   1 
ATOM   40   C CA  . ALA A 1 6   ? -13.731 -2.319  5.969   1.00 37.44  ? 20  ALA A CA  1 
ATOM   41   C C   . ALA A 1 6   ? -13.736 -0.843  5.581   1.00 35.94  ? 20  ALA A C   1 
ATOM   42   O O   . ALA A 1 6   ? -13.008 -0.023  6.176   1.00 30.17  ? 20  ALA A O   1 
ATOM   43   C CB  . ALA A 1 6   ? -12.931 -3.121  4.967   1.00 38.95  ? 20  ALA A CB  1 
ATOM   44   N N   . LYS A 1 7   ? -14.581 -0.491  4.615   1.00 32.38  ? 21  LYS A N   1 
ATOM   45   C CA  . LYS A 1 7   ? -14.692 0.890   4.167   1.00 34.85  ? 21  LYS A CA  1 
ATOM   46   C C   . LYS A 1 7   ? -15.197 1.822   5.283   1.00 31.28  ? 21  LYS A C   1 
ATOM   47   O O   . LYS A 1 7   ? -14.668 2.916   5.472   1.00 31.25  ? 21  LYS A O   1 
ATOM   48   C CB  . LYS A 1 7   ? -15.608 0.995   2.950   1.00 37.28  ? 21  LYS A CB  1 
ATOM   49   C CG  . LYS A 1 7   ? -15.039 0.312   1.735   1.00 42.39  ? 21  LYS A CG  1 
ATOM   50   C CD  . LYS A 1 7   ? -15.859 0.584   0.470   1.00 47.89  ? 21  LYS A CD  1 
ATOM   51   C CE  . LYS A 1 7   ? -16.893 -0.495  0.171   1.00 50.28  ? 21  LYS A CE  1 
ATOM   52   N NZ  . LYS A 1 7   ? -17.472 -0.257  -1.187  1.00 51.94  ? 21  LYS A NZ  1 
ATOM   53   N N   . ALA A 1 8   ? -16.190 1.364   6.029   1.00 32.48  ? 22  ALA A N   1 
ATOM   54   C CA  . ALA A 1 8   ? -16.736 2.136   7.138   1.00 33.17  ? 22  ALA A CA  1 
ATOM   55   C C   . ALA A 1 8   ? -15.669 2.365   8.235   1.00 30.71  ? 22  ALA A C   1 
ATOM   56   O O   . ALA A 1 8   ? -15.549 3.487   8.753   1.00 33.03  ? 22  ALA A O   1 
ATOM   57   C CB  . ALA A 1 8   ? -17.984 1.463   7.696   1.00 35.39  ? 22  ALA A CB  1 
ATOM   58   N N   . ARG A 1 9   ? -14.854 1.346   8.523   1.00 29.06  ? 23  ARG A N   1 
ATOM   59   C CA  . ARG A 1 9   ? -13.740 1.485   9.488   1.00 28.98  ? 23  ARG A CA  1 
ATOM   60   C C   . ARG A 1 9   ? -12.707 2.492   8.968   1.00 29.92  ? 23  ARG A C   1 
ATOM   61   O O   . ARG A 1 9   ? -12.280 3.382   9.702   1.00 29.68  ? 23  ARG A O   1 
ATOM   62   C CB  . ARG A 1 9   ? -13.014 0.154   9.756   1.00 32.14  ? 23  ARG A CB  1 
ATOM   63   C CG  . ARG A 1 9   ? -13.760 -0.870  10.610  1.00 35.29  ? 23  ARG A CG  1 
ATOM   64   C CD  . ARG A 1 9   ? -13.862 -0.423  12.052  1.00 38.41  ? 23  ARG A CD  1 
ATOM   65   N NE  . ARG A 1 9   ? -14.369 -1.514  12.898  1.00 40.26  ? 23  ARG A NE  1 
ATOM   66   C CZ  . ARG A 1 9   ? -13.648 -2.538  13.372  1.00 41.46  ? 23  ARG A CZ  1 
ATOM   67   N NH1 . ARG A 1 9   ? -12.344 -2.652  13.132  1.00 36.55  ? 23  ARG A NH1 1 
ATOM   68   N NH2 . ARG A 1 9   ? -14.245 -3.455  14.139  1.00 42.32  ? 23  ARG A NH2 1 
ATOM   69   N N   . LEU A 1 10  ? -12.286 2.321   7.708   1.00 26.19  ? 24  LEU A N   1 
ATOM   70   C CA  . LEU A 1 10  ? -11.274 3.178   7.122   1.00 27.25  ? 24  LEU A CA  1 
ATOM   71   C C   . LEU A 1 10  ? -11.669 4.650   7.094   1.00 28.49  ? 24  LEU A C   1 
ATOM   72   O O   . LEU A 1 10  ? -10.809 5.519   7.324   1.00 29.12  ? 24  LEU A O   1 
ATOM   73   C CB  . LEU A 1 10  ? -10.935 2.703   5.704   1.00 27.61  ? 24  LEU A CB  1 
ATOM   74   C CG  . LEU A 1 10  ? -10.137 1.397   5.582   1.00 28.50  ? 24  LEU A CG  1 
ATOM   75   C CD1 . LEU A 1 10  ? -10.307 0.814   4.172   1.00 29.45  ? 24  LEU A CD1 1 
ATOM   76   C CD2 . LEU A 1 10  ? -8.668  1.588   5.914   1.00 29.24  ? 24  LEU A CD2 1 
ATOM   77   N N   . ARG A 1 11  ? -12.929 4.937   6.799   1.00 29.98  ? 25  ARG A N   1 
ATOM   78   C CA  . ARG A 1 11  ? -13.401 6.332   6.696   1.00 33.37  ? 25  ARG A CA  1 
ATOM   79   C C   . ARG A 1 11  ? -13.228 7.127   7.996   1.00 34.05  ? 25  ARG A C   1 
ATOM   80   O O   . ARG A 1 11  ? -13.030 8.342   7.958   1.00 34.66  ? 25  ARG A O   1 
ATOM   81   C CB  . ARG A 1 11  ? -14.843 6.398   6.192   1.00 38.30  ? 25  ARG A CB  1 
ATOM   82   C CG  . ARG A 1 11  ? -14.946 6.094   4.704   1.00 43.12  ? 25  ARG A CG  1 
ATOM   83   C CD  . ARG A 1 11  ? -16.384 6.111   4.211   1.00 47.09  ? 25  ARG A CD  1 
ATOM   84   N NE  . ARG A 1 11  ? -16.503 5.455   2.902   1.00 52.76  ? 25  ARG A NE  1 
ATOM   85   C CZ  . ARG A 1 11  ? -17.293 4.413   2.595   1.00 57.70  ? 25  ARG A CZ  1 
ATOM   86   N NH1 . ARG A 1 11  ? -18.114 3.841   3.499   1.00 58.33  ? 25  ARG A NH1 1 
ATOM   87   N NH2 . ARG A 1 11  ? -17.268 3.934   1.346   1.00 57.95  ? 25  ARG A NH2 1 
ATOM   88   N N   . LYS A 1 12  ? -13.255 6.434   9.135   1.00 34.07  ? 26  LYS A N   1 
ATOM   89   C CA  . LYS A 1 12  ? -13.036 7.078   10.427  1.00 34.51  ? 26  LYS A CA  1 
ATOM   90   C C   . LYS A 1 12  ? -11.614 7.624   10.637  1.00 34.05  ? 26  LYS A C   1 
ATOM   91   O O   . LYS A 1 12  ? -11.409 8.438   11.532  1.00 34.63  ? 26  LYS A O   1 
ATOM   92   C CB  . LYS A 1 12  ? -13.400 6.115   11.556  1.00 38.17  ? 26  LYS A CB  1 
ATOM   93   C CG  . LYS A 1 12  ? -14.874 5.732   11.555  1.00 41.42  ? 26  LYS A CG  1 
ATOM   94   C CD  . LYS A 1 12  ? -15.210 4.811   12.714  1.00 48.06  ? 26  LYS A CD  1 
ATOM   95   C CE  . LYS A 1 12  ? -16.616 4.248   12.579  1.00 53.17  ? 26  LYS A CE  1 
ATOM   96   N NZ  . LYS A 1 12  ? -17.664 5.307   12.650  1.00 57.90  ? 26  LYS A NZ  1 
ATOM   97   N N   . TYR A 1 13  ? -10.647 7.179   9.831   1.00 30.11  ? 27  TYR A N   1 
ATOM   98   C CA  . TYR A 1 13  ? -9.260  7.588   9.927   1.00 28.12  ? 27  TYR A CA  1 
ATOM   99   C C   . TYR A 1 13  ? -8.814  8.505   8.778   1.00 26.91  ? 27  TYR A C   1 
ATOM   100  O O   . TYR A 1 13  ? -7.639  8.849   8.700   1.00 28.98  ? 27  TYR A O   1 
ATOM   101  C CB  . TYR A 1 13  ? -8.362  6.355   10.002  1.00 27.59  ? 27  TYR A CB  1 
ATOM   102  C CG  . TYR A 1 13  ? -8.660  5.502   11.220  1.00 26.98  ? 27  TYR A CG  1 
ATOM   103  C CD1 . TYR A 1 13  ? -9.687  4.550   11.172  1.00 27.52  ? 27  TYR A CD1 1 
ATOM   104  C CD2 . TYR A 1 13  ? -7.943  5.648   12.407  1.00 28.58  ? 27  TYR A CD2 1 
ATOM   105  C CE1 . TYR A 1 13  ? -9.980  3.760   12.267  1.00 28.95  ? 27  TYR A CE1 1 
ATOM   106  C CE2 . TYR A 1 13  ? -8.235  4.855   13.522  1.00 29.61  ? 27  TYR A CE2 1 
ATOM   107  C CZ  . TYR A 1 13  ? -9.263  3.908   13.433  1.00 31.48  ? 27  TYR A CZ  1 
ATOM   108  O OH  . TYR A 1 13  ? -9.586  3.093   14.505  1.00 33.82  ? 27  TYR A OH  1 
ATOM   109  N N   . ASP A 1 14  ? -9.754  8.873   7.921   1.00 28.32  ? 28  ASP A N   1 
ATOM   110  C CA  . ASP A 1 14  ? -9.506  9.706   6.742   1.00 30.44  ? 28  ASP A CA  1 
ATOM   111  C C   . ASP A 1 14  ? -9.148  11.093  7.252   1.00 34.93  ? 28  ASP A C   1 
ATOM   112  O O   . ASP A 1 14  ? -9.887  11.670  8.049   1.00 38.05  ? 28  ASP A O   1 
ATOM   113  C CB  . ASP A 1 14  ? -10.761 9.766   5.876   1.00 31.24  ? 28  ASP A CB  1 
ATOM   114  C CG  . ASP A 1 14  ? -10.532 10.359  4.487   1.00 34.59  ? 28  ASP A CG  1 
ATOM   115  O OD1 . ASP A 1 14  ? -9.387  10.490  4.023   1.00 33.30  ? 28  ASP A OD1 1 
ATOM   116  O OD2 . ASP A 1 14  ? -11.556 10.623  3.832   1.00 43.09  ? 28  ASP A OD2 1 
ATOM   117  N N   . ILE A 1 15  ? -7.986  11.579  6.852   1.00 35.27  ? 29  ILE A N   1 
ATOM   118  C CA  . ILE A 1 15  ? -7.633  12.975  7.109   1.00 41.61  ? 29  ILE A CA  1 
ATOM   119  C C   . ILE A 1 15  ? -8.018  13.888  5.934   1.00 42.70  ? 29  ILE A C   1 
ATOM   120  O O   . ILE A 1 15  ? -7.978  15.103  6.068   1.00 47.58  ? 29  ILE A O   1 
ATOM   121  C CB  . ILE A 1 15  ? -6.148  13.114  7.479   1.00 45.11  ? 29  ILE A CB  1 
ATOM   122  C CG1 . ILE A 1 15  ? -5.236  12.721  6.315   1.00 46.53  ? 29  ILE A CG1 1 
ATOM   123  C CG2 . ILE A 1 15  ? -5.840  12.267  8.724   1.00 48.70  ? 29  ILE A CG2 1 
ATOM   124  C CD1 . ILE A 1 15  ? -3.980  13.556  6.257   1.00 51.13  ? 29  ILE A CD1 1 
ATOM   125  N N   . GLY A 1 16  ? -8.376  13.299  4.788   1.00 44.55  ? 30  GLY A N   1 
ATOM   126  C CA  . GLY A 1 16  ? -8.691  14.062  3.576   1.00 44.06  ? 30  GLY A CA  1 
ATOM   127  C C   . GLY A 1 16  ? -7.483  14.820  3.032   1.00 44.24  ? 30  GLY A C   1 
ATOM   128  O O   . GLY A 1 16  ? -6.346  14.330  3.084   1.00 44.15  ? 30  GLY A O   1 
ATOM   129  N N   . GLY A 1 17  ? -7.736  16.030  2.525   1.00 44.90  ? 31  GLY A N   1 
ATOM   130  C CA  . GLY A 1 17  ? -6.686  16.899  1.978   1.00 42.62  ? 31  GLY A CA  1 
ATOM   131  C C   . GLY A 1 17  ? -6.079  17.895  2.958   1.00 41.17  ? 31  GLY A C   1 
ATOM   132  O O   . GLY A 1 17  ? -5.403  18.830  2.543   1.00 36.73  ? 31  GLY A O   1 
ATOM   133  N N   . LYS A 1 18  ? -6.303  17.675  4.252   1.00 43.44  ? 32  LYS A N   1 
ATOM   134  C CA  . LYS A 1 18  ? -5.807  18.540  5.320   1.00 41.95  ? 32  LYS A CA  1 
ATOM   135  C C   . LYS A 1 18  ? -4.310  18.940  5.163   1.00 39.33  ? 32  LYS A C   1 
ATOM   136  O O   . LYS A 1 18  ? -3.982  20.116  5.257   1.00 41.31  ? 32  LYS A O   1 
ATOM   137  C CB  . LYS A 1 18  ? -6.100  17.856  6.672   1.00 43.66  ? 32  LYS A CB  1 
ATOM   138  C CG  . LYS A 1 18  ? -5.882  18.720  7.894   1.00 47.14  ? 32  LYS A CG  1 
ATOM   139  C CD  . LYS A 1 18  ? -6.539  18.126  9.137   1.00 47.77  ? 32  LYS A CD  1 
ATOM   140  C CE  . LYS A 1 18  ? -8.029  18.414  9.185   1.00 49.58  ? 32  LYS A CE  1 
ATOM   141  N NZ  . LYS A 1 18  ? -8.622  17.867  10.435  1.00 51.37  ? 32  LYS A NZ  1 
ATOM   142  N N   . TYR A 1 19  ? -3.434  17.978  4.853   1.00 35.75  ? 33  TYR A N   1 
ATOM   143  C CA  . TYR A 1 19  ? -1.982  18.218  4.698   1.00 32.57  ? 33  TYR A CA  1 
ATOM   144  C C   . TYR A 1 19  ? -1.483  18.325  3.229   1.00 32.46  ? 33  TYR A C   1 
ATOM   145  O O   . TYR A 1 19  ? -0.279  18.508  2.980   1.00 32.91  ? 33  TYR A O   1 
ATOM   146  C CB  . TYR A 1 19  ? -1.207  17.115  5.419   1.00 31.00  ? 33  TYR A CB  1 
ATOM   147  C CG  . TYR A 1 19  ? -1.283  17.253  6.930   1.00 30.21  ? 33  TYR A CG  1 
ATOM   148  C CD1 . TYR A 1 19  ? -2.472  17.012  7.616   1.00 29.89  ? 33  TYR A CD1 1 
ATOM   149  C CD2 . TYR A 1 19  ? -0.169  17.655  7.658   1.00 29.77  ? 33  TYR A CD2 1 
ATOM   150  C CE1 . TYR A 1 19  ? -2.555  17.159  9.003   1.00 30.03  ? 33  TYR A CE1 1 
ATOM   151  C CE2 . TYR A 1 19  ? -0.239  17.793  9.042   1.00 28.64  ? 33  TYR A CE2 1 
ATOM   152  C CZ  . TYR A 1 19  ? -1.419  17.567  9.699   1.00 29.10  ? 33  TYR A CZ  1 
ATOM   153  O OH  . TYR A 1 19  ? -1.487  17.669  11.060  1.00 28.26  ? 33  TYR A OH  1 
ATOM   154  N N   . SER A 1 20  ? -2.420  18.289  2.283   1.00 32.56  ? 34  SER A N   1 
ATOM   155  C CA  . SER A 1 20  ? -2.072  18.124  0.874   1.00 30.45  ? 34  SER A CA  1 
ATOM   156  C C   . SER A 1 20  ? -1.515  19.368  0.171   1.00 29.59  ? 34  SER A C   1 
ATOM   157  O O   . SER A 1 20  ? -0.867  19.229  -0.871  1.00 30.66  ? 34  SER A O   1 
ATOM   158  C CB  . SER A 1 20  ? -3.309  17.660  0.117   1.00 32.12  ? 34  SER A CB  1 
ATOM   159  O OG  . SER A 1 20  ? -4.292  18.696  0.080   1.00 37.14  ? 34  SER A OG  1 
ATOM   160  N N   A HIS A 1 21  ? -1.753  20.573  0.687   0.35 25.17  ? 35  HIS A N   1 
ATOM   161  N N   B HIS A 1 21  ? -1.794  20.549  0.733   0.15 27.12  ? 35  HIS A N   1 
ATOM   162  C CA  A HIS A 1 21  ? -1.240  21.776  0.007   0.35 25.81  ? 35  HIS A CA  1 
ATOM   163  C CA  B HIS A 1 21  ? -1.374  21.836  0.173   0.15 26.93  ? 35  HIS A CA  1 
ATOM   164  C C   A HIS A 1 21  ? 0.120   22.228  0.540   0.35 25.38  ? 35  HIS A C   1 
ATOM   165  C C   B HIS A 1 21  ? 0.036   22.270  0.603   0.15 26.60  ? 35  HIS A C   1 
ATOM   166  O O   A HIS A 1 21  ? 0.740   23.116  -0.043  0.35 23.32  ? 35  HIS A O   1 
ATOM   167  O O   B HIS A 1 21  ? 0.598   23.192  0.008   0.15 25.70  ? 35  HIS A O   1 
ATOM   168  C CB  A HIS A 1 21  ? -2.188  22.932  0.181   0.35 26.73  ? 35  HIS A CB  1 
ATOM   169  C CB  B HIS A 1 21  ? -2.354  22.933  0.606   0.15 27.21  ? 35  HIS A CB  1 
ATOM   170  C CG  A HIS A 1 21  ? -1.963  23.662  1.462   0.35 28.58  ? 35  HIS A CG  1 
ATOM   171  C CG  B HIS A 1 21  ? -3.793  22.598  0.364   0.15 27.13  ? 35  HIS A CG  1 
ATOM   172  N ND1 A HIS A 1 21  ? -2.737  23.448  2.577   0.35 29.34  ? 35  HIS A ND1 1 
ATOM   173  N ND1 B HIS A 1 21  ? -4.463  21.617  1.065   0.15 26.53  ? 35  HIS A ND1 1 
ATOM   174  C CD2 A HIS A 1 21  ? -1.010  24.552  1.828   0.35 29.59  ? 35  HIS A CD2 1 
ATOM   175  C CD2 B HIS A 1 21  ? -4.696  23.129  -0.494  0.15 27.32  ? 35  HIS A CD2 1 
ATOM   176  C CE1 A HIS A 1 21  ? -2.292  24.191  3.569   0.35 27.60  ? 35  HIS A CE1 1 
ATOM   177  C CE1 B HIS A 1 21  ? -5.711  21.549  0.638   0.15 27.26  ? 35  HIS A CE1 1 
ATOM   178  N NE2 A HIS A 1 21  ? -1.247  24.876  3.140   0.35 29.96  ? 35  HIS A NE2 1 
ATOM   179  N NE2 B HIS A 1 21  ? -5.876  22.450  -0.314  0.15 26.85  ? 35  HIS A NE2 1 
ATOM   180  N N   . LEU A 1 22  ? 0.593   21.634  1.637   1.00 26.51  ? 36  LEU A N   1 
ATOM   181  C CA  . LEU A 1 22  ? 1.874   22.064  2.215   1.00 28.03  ? 36  LEU A CA  1 
ATOM   182  C C   . LEU A 1 22  ? 3.038   21.915  1.232   1.00 29.56  ? 36  LEU A C   1 
ATOM   183  O O   . LEU A 1 22  ? 3.066   20.978  0.423   1.00 30.10  ? 36  LEU A O   1 
ATOM   184  C CB  . LEU A 1 22  ? 2.181   21.324  3.519   1.00 28.17  ? 36  LEU A CB  1 
ATOM   185  C CG  . LEU A 1 22  ? 1.230   21.650  4.666   1.00 27.38  ? 36  LEU A CG  1 
ATOM   186  C CD1 . LEU A 1 22  ? 1.351   20.583  5.740   1.00 28.91  ? 36  LEU A CD1 1 
ATOM   187  C CD2 . LEU A 1 22  ? 1.508   23.043  5.230   1.00 31.29  ? 36  LEU A CD2 1 
ATOM   188  N N   . PRO A 1 23  ? 4.026   22.832  1.283   1.00 29.85  ? 37  PRO A N   1 
ATOM   189  C CA  . PRO A 1 23  ? 5.039   22.909  0.220   1.00 29.33  ? 37  PRO A CA  1 
ATOM   190  C C   . PRO A 1 23  ? 6.184   21.895  0.294   1.00 29.86  ? 37  PRO A C   1 
ATOM   191  O O   . PRO A 1 23  ? 7.345   22.252  0.395   1.00 33.00  ? 37  PRO A O   1 
ATOM   192  C CB  . PRO A 1 23  ? 5.542   24.373  0.369   1.00 31.46  ? 37  PRO A CB  1 
ATOM   193  C CG  . PRO A 1 23  ? 5.467   24.588  1.844   1.00 30.82  ? 37  PRO A CG  1 
ATOM   194  C CD  . PRO A 1 23  ? 4.196   23.906  2.289   1.00 31.15  ? 37  PRO A CD  1 
ATOM   195  N N   . TYR A 1 24  ? 5.857   20.595  0.252   1.00 27.43  ? 38  TYR A N   1 
ATOM   196  C CA  . TYR A 1 24  ? 6.838   19.540  0.303   1.00 26.19  ? 38  TYR A CA  1 
ATOM   197  C C   . TYR A 1 24  ? 7.149   18.976  -1.092  1.00 25.58  ? 38  TYR A C   1 
ATOM   198  O O   . TYR A 1 24  ? 6.396   19.225  -2.031  1.00 27.04  ? 38  TYR A O   1 
ATOM   199  C CB  . TYR A 1 24  ? 6.256   18.388  1.133   1.00 26.48  ? 38  TYR A CB  1 
ATOM   200  C CG  . TYR A 1 24  ? 6.258   18.653  2.610   1.00 26.06  ? 38  TYR A CG  1 
ATOM   201  C CD1 . TYR A 1 24  ? 7.423   18.519  3.317   1.00 28.31  ? 38  TYR A CD1 1 
ATOM   202  C CD2 . TYR A 1 24  ? 5.101   19.029  3.277   1.00 26.60  ? 38  TYR A CD2 1 
ATOM   203  C CE1 . TYR A 1 24  ? 7.454   18.734  4.692   1.00 27.48  ? 38  TYR A CE1 1 
ATOM   204  C CE2 . TYR A 1 24  ? 5.121   19.253  4.662   1.00 26.32  ? 38  TYR A CE2 1 
ATOM   205  C CZ  . TYR A 1 24  ? 6.300   19.118  5.336   1.00 26.18  ? 38  TYR A CZ  1 
ATOM   206  O OH  . TYR A 1 24  ? 6.339   19.339  6.710   1.00 28.67  ? 38  TYR A OH  1 
ATOM   207  N N   . ASN A 1 25  ? 8.223   18.211  -1.190  1.00 25.10  ? 39  ASN A N   1 
ATOM   208  C CA  . ASN A 1 25  ? 8.382   17.240  -2.299  1.00 27.73  ? 39  ASN A CA  1 
ATOM   209  C C   . ASN A 1 25  ? 7.353   16.155  -2.028  1.00 26.35  ? 39  ASN A C   1 
ATOM   210  O O   . ASN A 1 25  ? 7.378   15.556  -0.947  1.00 26.33  ? 39  ASN A O   1 
ATOM   211  C CB  . ASN A 1 25  ? 9.771   16.649  -2.319  1.00 29.67  ? 39  ASN A CB  1 
ATOM   212  C CG  . ASN A 1 25  ? 10.844  17.686  -2.617  1.00 35.45  ? 39  ASN A CG  1 
ATOM   213  O OD1 . ASN A 1 25  ? 10.739  18.439  -3.577  1.00 39.62  ? 39  ASN A OD1 1 
ATOM   214  N ND2 . ASN A 1 25  ? 11.866  17.732  -1.785  1.00 38.20  ? 39  ASN A ND2 1 
ATOM   215  N N   . LYS A 1 26  ? 6.446   15.921  -2.979  1.00 27.51  ? 40  LYS A N   1 
ATOM   216  C CA  . LYS A 1 26  ? 5.230   15.135  -2.716  1.00 25.91  ? 40  LYS A CA  1 
ATOM   217  C C   . LYS A 1 26  ? 5.232   13.798  -3.462  1.00 26.32  ? 40  LYS A C   1 
ATOM   218  O O   . LYS A 1 26  ? 5.450   13.745  -4.677  1.00 27.09  ? 40  LYS A O   1 
ATOM   219  C CB  . LYS A 1 26  ? 4.003   15.954  -3.035  1.00 26.97  ? 40  LYS A CB  1 
ATOM   220  C CG  . LYS A 1 26  ? 3.767   17.098  -2.039  1.00 28.77  ? 40  LYS A CG  1 
ATOM   221  C CD  . LYS A 1 26  ? 2.692   18.057  -2.470  1.00 30.09  ? 40  LYS A CD  1 
ATOM   222  C CE  . LYS A 1 26  ? 1.312   17.438  -2.493  1.00 28.98  ? 40  LYS A CE  1 
ATOM   223  N NZ  . LYS A 1 26  ? 0.962   16.666  -1.245  1.00 29.39  ? 40  LYS A NZ  1 
ATOM   224  N N   . TYR A 1 27  ? 4.999   12.731  -2.702  1.00 25.65  ? 41  TYR A N   1 
ATOM   225  C CA  . TYR A 1 27  ? 4.837   11.358  -3.232  1.00 24.57  ? 41  TYR A CA  1 
ATOM   226  C C   . TYR A 1 27  ? 3.552   10.793  -2.670  1.00 25.53  ? 41  TYR A C   1 
ATOM   227  O O   . TYR A 1 27  ? 3.143   11.158  -1.575  1.00 24.09  ? 41  TYR A O   1 
ATOM   228  C CB  . TYR A 1 27  ? 5.982   10.453  -2.785  1.00 25.49  ? 41  TYR A CB  1 
ATOM   229  C CG  . TYR A 1 27  ? 7.329   10.827  -3.331  1.00 27.24  ? 41  TYR A CG  1 
ATOM   230  C CD1 . TYR A 1 27  ? 8.021   11.933  -2.823  1.00 29.16  ? 41  TYR A CD1 1 
ATOM   231  C CD2 . TYR A 1 27  ? 7.932   10.081  -4.344  1.00 27.76  ? 41  TYR A CD2 1 
ATOM   232  C CE1 . TYR A 1 27  ? 9.266   12.283  -3.326  1.00 30.81  ? 41  TYR A CE1 1 
ATOM   233  C CE2 . TYR A 1 27  ? 9.183   10.426  -4.846  1.00 29.93  ? 41  TYR A CE2 1 
ATOM   234  C CZ  . TYR A 1 27  ? 9.848   11.523  -4.330  1.00 32.44  ? 41  TYR A CZ  1 
ATOM   235  O OH  . TYR A 1 27  ? 11.090  11.888  -4.832  1.00 35.11  ? 41  TYR A OH  1 
ATOM   236  N N   . SER A 1 28  ? 2.890   9.890   -3.424  1.00 22.65  ? 42  SER A N   1 
ATOM   237  C CA  . SER A 1 28  ? 1.735   9.154   -2.905  1.00 22.83  ? 42  SER A CA  1 
ATOM   238  C C   . SER A 1 28  ? 1.984   7.667   -3.047  1.00 23.38  ? 42  SER A C   1 
ATOM   239  O O   . SER A 1 28  ? 2.727   7.234   -3.934  1.00 23.50  ? 42  SER A O   1 
ATOM   240  C CB  . SER A 1 28  ? 0.430   9.516   -3.617  1.00 24.31  ? 42  SER A CB  1 
ATOM   241  O OG  . SER A 1 28  ? 0.106   10.898  -3.534  1.00 24.85  ? 42  SER A OG  1 
ATOM   242  N N   . VAL A 1 29  ? 1.355   6.890   -2.163  1.00 21.38  ? 43  VAL A N   1 
ATOM   243  C CA  . VAL A 1 29  ? 1.296   5.424   -2.315  1.00 22.95  ? 43  VAL A CA  1 
ATOM   244  C C   . VAL A 1 29  ? -0.149  4.968   -2.237  1.00 22.07  ? 43  VAL A C   1 
ATOM   245  O O   . VAL A 1 29  ? -1.008  5.611   -1.617  1.00 22.45  ? 43  VAL A O   1 
ATOM   246  C CB  . VAL A 1 29  ? 2.175   4.652   -1.313  1.00 24.52  ? 43  VAL A CB  1 
ATOM   247  C CG1 . VAL A 1 29  ? 3.653   4.988   -1.517  1.00 26.83  ? 43  VAL A CG1 1 
ATOM   248  C CG2 . VAL A 1 29  ? 1.739   4.909   0.128   1.00 25.24  ? 43  VAL A CG2 1 
ATOM   249  N N   . LEU A 1 30  ? -0.415  3.845   -2.923  1.00 22.29  ? 44  LEU A N   1 
ATOM   250  C CA  . LEU A 1 30  ? -1.694  3.162   -2.870  1.00 23.45  ? 44  LEU A CA  1 
ATOM   251  C C   . LEU A 1 30  ? -1.541  1.894   -2.043  1.00 21.97  ? 44  LEU A C   1 
ATOM   252  O O   . LEU A 1 30  ? -0.651  1.115   -2.295  1.00 22.19  ? 44  LEU A O   1 
ATOM   253  C CB  . LEU A 1 30  ? -2.176  2.800   -4.281  1.00 23.43  ? 44  LEU A CB  1 
ATOM   254  C CG  . LEU A 1 30  ? -3.545  2.123   -4.296  1.00 23.31  ? 44  LEU A CG  1 
ATOM   255  C CD1 . LEU A 1 30  ? -4.654  3.087   -3.929  1.00 24.92  ? 44  LEU A CD1 1 
ATOM   256  C CD2 . LEU A 1 30  ? -3.804  1.522   -5.671  1.00 25.89  ? 44  LEU A CD2 1 
ATOM   257  N N   . LEU A 1 31  ? -2.359  1.755   -1.009  1.00 22.06  ? 45  LEU A N   1 
ATOM   258  C CA  . LEU A 1 31  ? -2.440  0.549   -0.184  1.00 23.16  ? 45  LEU A CA  1 
ATOM   259  C C   . LEU A 1 31  ? -3.628  -0.272  -0.751  1.00 21.98  ? 45  LEU A C   1 
ATOM   260  O O   . LEU A 1 31  ? -4.766  0.062   -0.487  1.00 23.16  ? 45  LEU A O   1 
ATOM   261  C CB  . LEU A 1 31  ? -2.682  0.931   1.287   1.00 25.25  ? 45  LEU A CB  1 
ATOM   262  C CG  . LEU A 1 31  ? -1.480  1.429   2.126   1.00 31.19  ? 45  LEU A CG  1 
ATOM   263  C CD1 . LEU A 1 31  ? -0.425  2.204   1.402   1.00 29.77  ? 45  LEU A CD1 1 
ATOM   264  C CD2 . LEU A 1 31  ? -1.961  2.229   3.349   1.00 32.22  ? 45  LEU A CD2 1 
ATOM   265  N N   . PRO A 1 32  ? -3.356  -1.265  -1.617  1.00 21.62  ? 46  PRO A N   1 
ATOM   266  C CA  . PRO A 1 32  ? -4.440  -1.914  -2.365  1.00 22.37  ? 46  PRO A CA  1 
ATOM   267  C C   . PRO A 1 32  ? -4.960  -3.135  -1.603  1.00 21.21  ? 46  PRO A C   1 
ATOM   268  O O   . PRO A 1 32  ? -4.178  -4.063  -1.324  1.00 22.00  ? 46  PRO A O   1 
ATOM   269  C CB  . PRO A 1 32  ? -3.746  -2.326  -3.673  1.00 22.51  ? 46  PRO A CB  1 
ATOM   270  C CG  . PRO A 1 32  ? -2.308  -1.856  -3.570  1.00 23.06  ? 46  PRO A CG  1 
ATOM   271  C CD  . PRO A 1 32  ? -2.067  -1.765  -2.106  1.00 23.37  ? 46  PRO A CD  1 
ATOM   272  N N   . LEU A 1 33  ? -6.232  -3.074  -1.241  1.00 22.81  ? 47  LEU A N   1 
ATOM   273  C CA  . LEU A 1 33  ? -6.909  -4.150  -0.491  1.00 24.50  ? 47  LEU A CA  1 
ATOM   274  C C   . LEU A 1 33  ? -7.644  -5.041  -1.486  1.00 25.33  ? 47  LEU A C   1 
ATOM   275  O O   . LEU A 1 33  ? -8.477  -4.544  -2.249  1.00 25.50  ? 47  LEU A O   1 
ATOM   276  C CB  . LEU A 1 33  ? -7.952  -3.602  0.477   1.00 26.97  ? 47  LEU A CB  1 
ATOM   277  C CG  . LEU A 1 33  ? -7.396  -3.037  1.777   1.00 30.12  ? 47  LEU A CG  1 
ATOM   278  C CD1 . LEU A 1 33  ? -8.519  -2.311  2.523   1.00 30.35  ? 47  LEU A CD1 1 
ATOM   279  C CD2 . LEU A 1 33  ? -6.816  -4.155  2.640   1.00 29.75  ? 47  LEU A CD2 1 
ATOM   280  N N   . VAL A 1 34  ? -7.359  -6.323  -1.390  1.00 26.44  ? 48  VAL A N   1 
ATOM   281  C CA  . VAL A 1 34  ? -7.869  -7.358  -2.299  1.00 27.86  ? 48  VAL A CA  1 
ATOM   282  C C   . VAL A 1 34  ? -8.583  -8.383  -1.426  1.00 29.64  ? 48  VAL A C   1 
ATOM   283  O O   . VAL A 1 34  ? -8.021  -8.822  -0.427  1.00 28.35  ? 48  VAL A O   1 
ATOM   284  C CB  . VAL A 1 34  ? -6.675  -8.009  -3.015  1.00 30.09  ? 48  VAL A CB  1 
ATOM   285  C CG1 . VAL A 1 34  ? -7.089  -9.242  -3.802  1.00 32.76  ? 48  VAL A CG1 1 
ATOM   286  C CG2 . VAL A 1 34  ? -5.996  -6.999  -3.932  1.00 31.80  ? 48  VAL A CG2 1 
ATOM   287  N N   . ALA A 1 35  ? -9.815  -8.747  -1.793  1.00 27.82  ? 49  ALA A N   1 
ATOM   288  C CA  . ALA A 1 35  ? -10.538 -9.802  -1.077  1.00 30.12  ? 49  ALA A CA  1 
ATOM   289  C C   . ALA A 1 35  ? -10.374 -11.108 -1.842  1.00 33.78  ? 49  ALA A C   1 
ATOM   290  O O   . ALA A 1 35  ? -10.739 -11.154 -3.015  1.00 37.85  ? 49  ALA A O   1 
ATOM   291  C CB  . ALA A 1 35  ? -11.992 -9.448  -0.953  1.00 31.66  ? 49  ALA A CB  1 
ATOM   292  N N   . LYS A 1 36  ? -9.785  -12.125 -1.205  1.00 33.76  ? 50  LYS A N   1 
ATOM   293  C CA  . LYS A 1 36  ? -9.619  -13.482 -1.804  1.00 38.85  ? 50  LYS A CA  1 
ATOM   294  C C   . LYS A 1 36  ? -9.943  -14.498 -0.726  1.00 39.37  ? 50  LYS A C   1 
ATOM   295  O O   . LYS A 1 36  ? -9.552  -14.323 0.438   1.00 33.82  ? 50  LYS A O   1 
ATOM   296  C CB  . LYS A 1 36  ? -8.184  -13.751 -2.261  1.00 42.11  ? 50  LYS A CB  1 
ATOM   297  C CG  . LYS A 1 36  ? -7.644  -12.855 -3.353  1.00 49.24  ? 50  LYS A CG  1 
ATOM   298  C CD  . LYS A 1 36  ? -7.949  -13.335 -4.764  1.00 51.81  ? 50  LYS A CD  1 
ATOM   299  C CE  . LYS A 1 36  ? -7.163  -12.514 -5.783  1.00 53.12  ? 50  LYS A CE  1 
ATOM   300  N NZ  . LYS A 1 36  ? -7.768  -12.571 -7.144  1.00 57.17  ? 50  LYS A NZ  1 
ATOM   301  N N   . GLU A 1 37  ? -10.645 -15.571 -1.100  1.00 38.17  ? 51  GLU A N   1 
ATOM   302  C CA  . GLU A 1 37  ? -10.876 -16.701 -0.190  1.00 39.70  ? 51  GLU A CA  1 
ATOM   303  C C   . GLU A 1 37  ? -11.484 -16.268 1.121   1.00 36.39  ? 51  GLU A C   1 
ATOM   304  O O   . GLU A 1 37  ? -11.147 -16.784 2.189   1.00 38.09  ? 51  GLU A O   1 
ATOM   305  C CB  . GLU A 1 37  ? -9.567  -17.462 0.055   1.00 46.58  ? 51  GLU A CB  1 
ATOM   306  C CG  . GLU A 1 37  ? -8.851  -17.861 -1.225  1.00 53.77  ? 51  GLU A CG  1 
ATOM   307  C CD  . GLU A 1 37  ? -7.609  -18.692 -0.975  1.00 62.96  ? 51  GLU A CD  1 
ATOM   308  O OE1 . GLU A 1 37  ? -7.246  -19.493 -1.866  1.00 70.10  ? 51  GLU A OE1 1 
ATOM   309  O OE2 . GLU A 1 37  ? -6.992  -18.541 0.104   1.00 72.05  ? 51  GLU A OE2 1 
ATOM   310  N N   . GLY A 1 38  ? -12.392 -15.304 1.027   1.00 33.58  ? 52  GLY A N   1 
ATOM   311  C CA  . GLY A 1 38  ? -13.118 -14.792 2.149   1.00 33.26  ? 52  GLY A CA  1 
ATOM   312  C C   . GLY A 1 38  ? -12.326 -13.918 3.119   1.00 34.69  ? 52  GLY A C   1 
ATOM   313  O O   . GLY A 1 38  ? -12.825 -13.640 4.201   1.00 38.37  ? 52  GLY A O   1 
ATOM   314  N N   . LYS A 1 39  ? -11.122 -13.470 2.743   1.00 31.66  ? 53  LYS A N   1 
ATOM   315  C CA  . LYS A 1 39  ? -10.273 -12.654 3.658   1.00 32.55  ? 53  LYS A CA  1 
ATOM   316  C C   . LYS A 1 39  ? -9.687  -11.463 2.897   1.00 29.85  ? 53  LYS A C   1 
ATOM   317  O O   . LYS A 1 39  ? -9.503  -11.528 1.680   1.00 29.97  ? 53  LYS A O   1 
ATOM   318  C CB  . LYS A 1 39  ? -9.103  -13.479 4.180   1.00 35.46  ? 53  LYS A CB  1 
ATOM   319  C CG  . LYS A 1 39  ? -9.483  -14.822 4.790   1.00 41.71  ? 53  LYS A CG  1 
ATOM   320  C CD  . LYS A 1 39  ? -8.292  -15.649 5.270   1.00 46.50  ? 53  LYS A CD  1 
ATOM   321  C CE  . LYS A 1 39  ? -7.053  -15.599 4.368   1.00 49.20  ? 53  LYS A CE  1 
ATOM   322  N NZ  . LYS A 1 39  ? -5.938  -16.439 4.895   1.00 50.66  ? 53  LYS A NZ  1 
ATOM   323  N N   . LEU A 1 40  ? -9.355  -10.396 3.620   1.00 28.11  ? 54  LEU A N   1 
ATOM   324  C CA  . LEU A 1 40  ? -8.662  -9.257  3.000   1.00 27.00  ? 54  LEU A CA  1 
ATOM   325  C C   . LEU A 1 40  ? -7.154  -9.463  2.959   1.00 25.27  ? 54  LEU A C   1 
ATOM   326  O O   . LEU A 1 40  ? -6.561  -10.065 3.877   1.00 26.16  ? 54  LEU A O   1 
ATOM   327  C CB  . LEU A 1 40  ? -8.993  -7.955  3.732   1.00 28.36  ? 54  LEU A CB  1 
ATOM   328  C CG  . LEU A 1 40  ? -10.446 -7.502  3.609   1.00 29.93  ? 54  LEU A CG  1 
ATOM   329  C CD1 . LEU A 1 40  ? -10.732 -6.410  4.635   1.00 33.35  ? 54  LEU A CD1 1 
ATOM   330  C CD2 . LEU A 1 40  ? -10.760 -7.047  2.196   1.00 32.00  ? 54  LEU A CD2 1 
ATOM   331  N N   . HIS A 1 41  ? -6.544  -8.967  1.879   1.00 23.43  ? 55  HIS A N   1 
ATOM   332  C CA  . HIS A 1 41  ? -5.121  -9.055  1.624   1.00 23.77  ? 55  HIS A CA  1 
ATOM   333  C C   . HIS A 1 41  ? -4.638  -7.669  1.198   1.00 23.34  ? 55  HIS A C   1 
ATOM   334  O O   . HIS A 1 41  ? -5.424  -6.882  0.706   1.00 26.18  ? 55  HIS A O   1 
ATOM   335  C CB  . HIS A 1 41  ? -4.808  -10.000 0.478   1.00 25.01  ? 55  HIS A CB  1 
ATOM   336  C CG  . HIS A 1 41  ? -5.229  -11.402 0.735   1.00 26.74  ? 55  HIS A CG  1 
ATOM   337  N ND1 . HIS A 1 41  ? -6.551  -11.785 0.735   1.00 30.74  ? 55  HIS A ND1 1 
ATOM   338  C CD2 . HIS A 1 41  ? -4.506  -12.508 1.008   1.00 28.24  ? 55  HIS A CD2 1 
ATOM   339  C CE1 . HIS A 1 41  ? -6.622  -13.073 1.032   1.00 29.61  ? 55  HIS A CE1 1 
ATOM   340  N NE2 . HIS A 1 41  ? -5.399  -13.533 1.204   1.00 30.94  ? 55  HIS A NE2 1 
ATOM   341  N N   . LEU A 1 42  ? -3.367  -7.398  1.429   1.00 22.54  ? 56  LEU A N   1 
ATOM   342  C CA  . LEU A 1 42  ? -2.720  -6.240  0.839   1.00 23.01  ? 56  LEU A CA  1 
ATOM   343  C C   . LEU A 1 42  ? -1.825  -6.664  -0.300  1.00 22.19  ? 56  LEU A C   1 
ATOM   344  O O   . LEU A 1 42  ? -1.131  -7.675  -0.214  1.00 23.57  ? 56  LEU A O   1 
ATOM   345  C CB  . LEU A 1 42  ? -1.911  -5.466  1.899   1.00 24.44  ? 56  LEU A CB  1 
ATOM   346  C CG  . LEU A 1 42  ? -2.719  -4.519  2.799   1.00 25.53  ? 56  LEU A CG  1 
ATOM   347  C CD1 . LEU A 1 42  ? -1.882  -4.148  4.017   1.00 26.72  ? 56  LEU A CD1 1 
ATOM   348  C CD2 . LEU A 1 42  ? -3.154  -3.255  2.069   1.00 25.78  ? 56  LEU A CD2 1 
ATOM   349  N N   . LEU A 1 43  ? -1.790  -5.845  -1.341  1.00 22.50  ? 57  LEU A N   1 
ATOM   350  C CA  . LEU A 1 43  ? -0.925  -6.061  -2.497  1.00 23.97  ? 57  LEU A CA  1 
ATOM   351  C C   . LEU A 1 43  ? 0.348   -5.239  -2.346  1.00 23.98  ? 57  LEU A C   1 
ATOM   352  O O   . LEU A 1 43  ? 0.271   -4.024  -2.101  1.00 24.23  ? 57  LEU A O   1 
ATOM   353  C CB  . LEU A 1 43  ? -1.658  -5.673  -3.777  1.00 24.26  ? 57  LEU A CB  1 
ATOM   354  C CG  . LEU A 1 43  ? -0.882  -5.852  -5.097  1.00 26.61  ? 57  LEU A CG  1 
ATOM   355  C CD1 . LEU A 1 43  ? -1.844  -6.153  -6.241  1.00 29.15  ? 57  LEU A CD1 1 
ATOM   356  C CD2 . LEU A 1 43  ? -0.064  -4.634  -5.462  1.00 28.14  ? 57  LEU A CD2 1 
ATOM   357  N N   . PHE A 1 44  ? 1.485   -5.909  -2.494  1.00 23.73  ? 58  PHE A N   1 
ATOM   358  C CA  . PHE A 1 44  ? 2.807   -5.302  -2.393  1.00 24.02  ? 58  PHE A CA  1 
ATOM   359  C C   . PHE A 1 44  ? 3.540   -5.454  -3.723  1.00 26.63  ? 58  PHE A C   1 
ATOM   360  O O   . PHE A 1 44  ? 3.217   -6.364  -4.521  1.00 27.29  ? 58  PHE A O   1 
ATOM   361  C CB  . PHE A 1 44  ? 3.617   -5.983  -1.308  1.00 24.42  ? 58  PHE A CB  1 
ATOM   362  C CG  . PHE A 1 44  ? 3.046   -5.815  0.071   1.00 25.45  ? 58  PHE A CG  1 
ATOM   363  C CD1 . PHE A 1 44  ? 2.037   -6.647  0.543   1.00 24.34  ? 58  PHE A CD1 1 
ATOM   364  C CD2 . PHE A 1 44  ? 3.497   -4.793  0.892   1.00 24.33  ? 58  PHE A CD2 1 
ATOM   365  C CE1 . PHE A 1 44  ? 1.510   -6.491  1.817   1.00 24.93  ? 58  PHE A CE1 1 
ATOM   366  C CE2 . PHE A 1 44  ? 2.966   -4.617  2.162   1.00 24.79  ? 58  PHE A CE2 1 
ATOM   367  C CZ  . PHE A 1 44  ? 1.987   -5.481  2.642   1.00 24.04  ? 58  PHE A CZ  1 
ATOM   368  N N   . THR A 1 45  ? 4.520   -4.570  -3.954  1.00 26.48  ? 59  THR A N   1 
ATOM   369  C CA  . THR A 1 45  ? 5.491   -4.723  -5.056  1.00 27.13  ? 59  THR A CA  1 
ATOM   370  C C   . THR A 1 45  ? 6.872   -5.042  -4.507  1.00 28.58  ? 59  THR A C   1 
ATOM   371  O O   . THR A 1 45  ? 7.160   -4.786  -3.339  1.00 29.81  ? 59  THR A O   1 
ATOM   372  C CB  . THR A 1 45  ? 5.619   -3.442  -5.905  1.00 28.32  ? 59  THR A CB  1 
ATOM   373  O OG1 . THR A 1 45  ? 6.194   -2.383  -5.122  1.00 30.72  ? 59  THR A OG1 1 
ATOM   374  C CG2 . THR A 1 45  ? 4.298   -3.001  -6.418  1.00 27.62  ? 59  THR A CG2 1 
ATOM   375  N N   . VAL A 1 46  ? 7.714   -5.648  -5.339  1.00 28.38  ? 60  VAL A N   1 
ATOM   376  C CA  . VAL A 1 46  ? 9.144   -5.617  -5.135  1.00 28.90  ? 60  VAL A CA  1 
ATOM   377  C C   . VAL A 1 46  ? 9.655   -4.725  -6.256  1.00 30.13  ? 60  VAL A C   1 
ATOM   378  O O   . VAL A 1 46  ? 9.456   -5.024  -7.440  1.00 30.79  ? 60  VAL A O   1 
ATOM   379  C CB  . VAL A 1 46  ? 9.782   -7.018  -5.186  1.00 30.99  ? 60  VAL A CB  1 
ATOM   380  C CG1 . VAL A 1 46  ? 11.292  -6.935  -4.944  1.00 32.46  ? 60  VAL A CG1 1 
ATOM   381  C CG2 . VAL A 1 46  ? 9.122   -7.931  -4.170  1.00 31.52  ? 60  VAL A CG2 1 
ATOM   382  N N   . ARG A 1 47  ? 10.297  -3.623  -5.885  1.00 29.73  ? 61  ARG A N   1 
ATOM   383  C CA  . ARG A 1 47  ? 10.708  -2.615  -6.853  1.00 30.39  ? 61  ARG A CA  1 
ATOM   384  C C   . ARG A 1 47  ? 11.904  -3.104  -7.660  1.00 32.66  ? 61  ARG A C   1 
ATOM   385  O O   . ARG A 1 47  ? 12.726  -3.847  -7.159  1.00 34.18  ? 61  ARG A O   1 
ATOM   386  C CB  . ARG A 1 47  ? 11.033  -1.293  -6.142  1.00 31.50  ? 61  ARG A CB  1 
ATOM   387  C CG  . ARG A 1 47  ? 9.786   -0.606  -5.607  1.00 30.76  ? 61  ARG A CG  1 
ATOM   388  C CD  . ARG A 1 47  ? 10.085  0.542   -4.636  1.00 31.76  ? 61  ARG A CD  1 
ATOM   389  N NE  . ARG A 1 47  ? 10.636  1.707   -5.324  1.00 31.62  ? 61  ARG A NE  1 
ATOM   390  C CZ  . ARG A 1 47  ? 9.950   2.578   -6.059  1.00 32.92  ? 61  ARG A CZ  1 
ATOM   391  N NH1 . ARG A 1 47  ? 8.638   2.473   -6.254  1.00 33.16  ? 61  ARG A NH1 1 
ATOM   392  N NH2 . ARG A 1 47  ? 10.603  3.602   -6.618  1.00 36.70  ? 61  ARG A NH2 1 
ATOM   393  N N   . SER A 1 48  ? 11.952  -2.721  -8.930  1.00 33.84  ? 62  SER A N   1 
ATOM   394  C CA  . SER A 1 48  ? 13.075  -3.074  -9.788  1.00 39.42  ? 62  SER A CA  1 
ATOM   395  C C   . SER A 1 48  ? 14.391  -2.551  -9.193  1.00 43.09  ? 62  SER A C   1 
ATOM   396  O O   . SER A 1 48  ? 14.430  -1.463  -8.605  1.00 43.30  ? 62  SER A O   1 
ATOM   397  C CB  . SER A 1 48  ? 12.908  -2.470  -11.178 1.00 40.69  ? 62  SER A CB  1 
ATOM   398  O OG  . SER A 1 48  ? 14.156  -2.518  -11.856 1.00 44.02  ? 62  SER A OG  1 
ATOM   399  N N   . GLU A 1 49  ? 15.453  -3.332  -9.363  1.00 50.67  ? 63  GLU A N   1 
ATOM   400  C CA  . GLU A 1 49  ? 16.809  -2.886  -9.010  1.00 57.23  ? 63  GLU A CA  1 
ATOM   401  C C   . GLU A 1 49  ? 17.278  -1.655  -9.802  1.00 57.96  ? 63  GLU A C   1 
ATOM   402  O O   . GLU A 1 49  ? 18.088  -0.885  -9.298  1.00 63.94  ? 63  GLU A O   1 
ATOM   403  C CB  . GLU A 1 49  ? 17.808  -4.031  -9.168  1.00 59.69  ? 63  GLU A CB  1 
ATOM   404  C CG  . GLU A 1 49  ? 17.644  -5.126  -8.121  1.00 64.26  ? 63  GLU A CG  1 
ATOM   405  C CD  . GLU A 1 49  ? 18.116  -4.730  -6.720  1.00 69.10  ? 63  GLU A CD  1 
ATOM   406  O OE1 . GLU A 1 49  ? 18.663  -3.616  -6.523  1.00 73.81  ? 63  GLU A OE1 1 
ATOM   407  O OE2 . GLU A 1 49  ? 17.937  -5.557  -5.798  1.00 71.47  ? 63  GLU A OE2 1 
ATOM   408  N N   . LYS A 1 50  ? 16.750  -1.462  -11.010 1.00 59.89  ? 64  LYS A N   1 
ATOM   409  C CA  . LYS A 1 50  ? 17.082  -0.303  -11.861 1.00 63.03  ? 64  LYS A CA  1 
ATOM   410  C C   . LYS A 1 50  ? 16.639  1.075   -11.347 1.00 61.03  ? 64  LYS A C   1 
ATOM   411  O O   . LYS A 1 50  ? 17.136  2.092   -11.838 1.00 59.34  ? 64  LYS A O   1 
ATOM   412  C CB  . LYS A 1 50  ? 16.486  -0.478  -13.270 1.00 66.03  ? 64  LYS A CB  1 
ATOM   413  C CG  . LYS A 1 50  ? 17.086  -1.608  -14.091 1.00 71.22  ? 64  LYS A CG  1 
ATOM   414  C CD  . LYS A 1 50  ? 16.550  -1.596  -15.523 1.00 77.18  ? 64  LYS A CD  1 
ATOM   415  C CE  . LYS A 1 50  ? 17.503  -2.263  -16.508 1.00 81.09  ? 64  LYS A CE  1 
ATOM   416  N NZ  . LYS A 1 50  ? 18.752  -1.474  -16.731 1.00 83.74  ? 64  LYS A NZ  1 
ATOM   417  N N   . LEU A 1 51  ? 15.696  1.126   -10.407 1.00 58.79  ? 65  LEU A N   1 
ATOM   418  C CA  . LEU A 1 51  ? 15.139  2.409   -9.954  1.00 58.48  ? 65  LEU A CA  1 
ATOM   419  C C   . LEU A 1 51  ? 16.095  3.160   -9.023  1.00 63.89  ? 65  LEU A C   1 
ATOM   420  O O   . LEU A 1 51  ? 16.956  2.558   -8.373  1.00 61.87  ? 65  LEU A O   1 
ATOM   421  C CB  . LEU A 1 51  ? 13.790  2.198   -9.262  1.00 55.97  ? 65  LEU A CB  1 
ATOM   422  C CG  . LEU A 1 51  ? 12.672  1.546   -10.089 1.00 52.14  ? 65  LEU A CG  1 
ATOM   423  C CD1 . LEU A 1 51  ? 11.432  1.373   -9.228  1.00 48.17  ? 65  LEU A CD1 1 
ATOM   424  C CD2 . LEU A 1 51  ? 12.345  2.364   -11.333 1.00 51.17  ? 65  LEU A CD2 1 
ATOM   425  N N   . ARG A 1 52  ? 15.937  4.480   -8.979  1.00 69.02  ? 66  ARG A N   1 
ATOM   426  C CA  . ARG A 1 52  ? 16.749  5.335   -8.115  1.00 73.63  ? 66  ARG A CA  1 
ATOM   427  C C   . ARG A 1 52  ? 16.178  5.346   -6.698  1.00 69.13  ? 66  ARG A C   1 
ATOM   428  O O   . ARG A 1 52  ? 16.925  5.253   -5.722  1.00 67.79  ? 66  ARG A O   1 
ATOM   429  C CB  . ARG A 1 52  ? 16.801  6.762   -8.677  1.00 81.88  ? 66  ARG A CB  1 
ATOM   430  C CG  . ARG A 1 52  ? 17.928  7.632   -8.127  1.00 87.98  ? 66  ARG A CG  1 
ATOM   431  C CD  . ARG A 1 52  ? 19.298  6.993   -8.339  1.00 92.46  ? 66  ARG A CD  1 
ATOM   432  N NE  . ARG A 1 52  ? 20.392  7.965   -8.397  1.00 97.31  ? 66  ARG A NE  1 
ATOM   433  C CZ  . ARG A 1 52  ? 21.688  7.651   -8.481  1.00 100.17 ? 66  ARG A CZ  1 
ATOM   434  N NH1 . ARG A 1 52  ? 22.086  6.377   -8.510  1.00 101.87 ? 66  ARG A NH1 1 
ATOM   435  N NH2 . ARG A 1 52  ? 22.601  8.619   -8.535  1.00 99.58  ? 66  ARG A NH2 1 
ATOM   436  N N   . ARG A 1 53  ? 14.854  5.457   -6.614  1.00 60.85  ? 67  ARG A N   1 
ATOM   437  C CA  . ARG A 1 53  ? 14.119  5.481   -5.356  1.00 58.21  ? 67  ARG A CA  1 
ATOM   438  C C   . ARG A 1 53  ? 13.854  4.029   -4.911  1.00 55.71  ? 67  ARG A C   1 
ATOM   439  O O   . ARG A 1 53  ? 13.173  3.279   -5.615  1.00 50.14  ? 67  ARG A O   1 
ATOM   440  C CB  . ARG A 1 53  ? 12.793  6.226   -5.567  1.00 61.70  ? 67  ARG A CB  1 
ATOM   441  C CG  . ARG A 1 53  ? 12.231  6.967   -4.366  1.00 61.65  ? 67  ARG A CG  1 
ATOM   442  C CD  . ARG A 1 53  ? 12.747  8.403   -4.277  1.00 63.51  ? 67  ARG A CD  1 
ATOM   443  N NE  . ARG A 1 53  ? 13.667  8.596   -3.160  1.00 65.71  ? 67  ARG A NE  1 
ATOM   444  C CZ  . ARG A 1 53  ? 14.279  9.743   -2.864  1.00 64.37  ? 67  ARG A CZ  1 
ATOM   445  N NH1 . ARG A 1 53  ? 14.112  10.834  -3.612  1.00 62.42  ? 67  ARG A NH1 1 
ATOM   446  N NH2 . ARG A 1 53  ? 15.089  9.787   -1.811  1.00 65.55  ? 67  ARG A NH2 1 
ATOM   447  N N   . ALA A 1 54  ? 14.406  3.646   -3.759  1.00 48.77  ? 68  ALA A N   1 
ATOM   448  C CA  . ALA A 1 54  ? 14.133  2.355   -3.111  1.00 45.95  ? 68  ALA A CA  1 
ATOM   449  C C   . ALA A 1 54  ? 14.231  1.109   -4.023  1.00 46.85  ? 68  ALA A C   1 
ATOM   450  O O   . ALA A 1 54  ? 13.289  0.308   -4.085  1.00 40.29  ? 68  ALA A O   1 
ATOM   451  C CB  . ALA A 1 54  ? 12.761  2.413   -2.429  1.00 44.69  ? 68  ALA A CB  1 
ATOM   452  N N   . PRO A 1 55  ? 15.379  0.925   -4.712  1.00 47.54  ? 69  PRO A N   1 
ATOM   453  C CA  . PRO A 1 55  ? 15.580  -0.255  -5.578  1.00 45.97  ? 69  PRO A CA  1 
ATOM   454  C C   . PRO A 1 55  ? 15.572  -1.578  -4.842  1.00 44.93  ? 69  PRO A C   1 
ATOM   455  O O   . PRO A 1 55  ? 16.197  -1.687  -3.799  1.00 45.53  ? 69  PRO A O   1 
ATOM   456  C CB  . PRO A 1 55  ? 16.990  -0.040  -6.164  1.00 48.12  ? 69  PRO A CB  1 
ATOM   457  C CG  . PRO A 1 55  ? 17.664  0.889   -5.206  1.00 49.53  ? 69  PRO A CG  1 
ATOM   458  C CD  . PRO A 1 55  ? 16.571  1.798   -4.700  1.00 48.76  ? 69  PRO A CD  1 
ATOM   459  N N   . GLY A 1 56  ? 14.879  -2.576  -5.397  1.00 40.01  ? 70  GLY A N   1 
ATOM   460  C CA  . GLY A 1 56  ? 14.858  -3.921  -4.847  1.00 38.62  ? 70  GLY A CA  1 
ATOM   461  C C   . GLY A 1 56  ? 14.004  -4.137  -3.608  1.00 35.76  ? 70  GLY A C   1 
ATOM   462  O O   . GLY A 1 56  ? 13.932  -5.256  -3.097  1.00 36.84  ? 70  GLY A O   1 
ATOM   463  N N   . GLU A 1 57  ? 13.352  -3.082  -3.115  1.00 37.51  ? 71  GLU A N   1 
ATOM   464  C CA  . GLU A 1 57  ? 12.657  -3.158  -1.836  1.00 35.42  ? 71  GLU A CA  1 
ATOM   465  C C   . GLU A 1 57  ? 11.209  -3.553  -2.043  1.00 31.98  ? 71  GLU A C   1 
ATOM   466  O O   . GLU A 1 57  ? 10.593  -3.198  -3.058  1.00 31.34  ? 71  GLU A O   1 
ATOM   467  C CB  . GLU A 1 57  ? 12.682  -1.812  -1.106  1.00 37.73  ? 71  GLU A CB  1 
ATOM   468  C CG  . GLU A 1 57  ? 14.067  -1.307  -0.721  1.00 39.59  ? 71  GLU A CG  1 
ATOM   469  C CD  . GLU A 1 57  ? 14.039  -0.001  0.067   1.00 41.36  ? 71  GLU A CD  1 
ATOM   470  O OE1 . GLU A 1 57  ? 13.015  0.339   0.715   1.00 40.60  ? 71  GLU A OE1 1 
ATOM   471  O OE2 . GLU A 1 57  ? 15.058  0.710   0.026   1.00 41.83  ? 71  GLU A OE2 1 
ATOM   472  N N   . VAL A 1 58  ? 10.667  -4.234  -1.038  1.00 30.78  ? 72  VAL A N   1 
ATOM   473  C CA  . VAL A 1 58  ? 9.223   -4.394  -0.913  1.00 28.83  ? 72  VAL A CA  1 
ATOM   474  C C   . VAL A 1 58  ? 8.601   -3.017  -0.633  1.00 29.29  ? 72  VAL A C   1 
ATOM   475  O O   . VAL A 1 58  ? 9.052   -2.284  0.257   1.00 28.77  ? 72  VAL A O   1 
ATOM   476  C CB  . VAL A 1 58  ? 8.849   -5.427  0.162   1.00 31.01  ? 72  VAL A CB  1 
ATOM   477  C CG1 . VAL A 1 58  ? 7.364   -5.420  0.447   1.00 31.00  ? 72  VAL A CG1 1 
ATOM   478  C CG2 . VAL A 1 58  ? 9.296   -6.826  -0.256  1.00 31.44  ? 72  VAL A CG2 1 
ATOM   479  N N   . CYS A 1 59  ? 7.559   -2.667  -1.382  1.00 27.27  ? 73  CYS A N   1 
ATOM   480  C CA  . CYS A 1 59  ? 6.933   -1.364  -1.255  1.00 28.01  ? 73  CYS A CA  1 
ATOM   481  C C   . CYS A 1 59  ? 5.472   -1.476  -1.662  1.00 29.23  ? 73  CYS A C   1 
ATOM   482  O O   . CYS A 1 59  ? 5.021   -2.543  -2.038  1.00 34.43  ? 73  CYS A O   1 
ATOM   483  C CB  . CYS A 1 59  ? 7.696   -0.361  -2.113  1.00 30.57  ? 73  CYS A CB  1 
ATOM   484  S SG  . CYS A 1 59  ? 7.505   1.389   -1.681  1.00 32.32  ? 73  CYS A SG  1 
ATOM   485  N N   . PHE A 1 60  ? 4.718   -0.411  -1.479  1.00 24.71  ? 74  PHE A N   1 
ATOM   486  C CA  . PHE A 1 60  ? 3.410   -0.278  -2.098  1.00 23.99  ? 74  PHE A CA  1 
ATOM   487  C C   . PHE A 1 60  ? 3.567   0.428   -3.438  1.00 24.37  ? 74  PHE A C   1 
ATOM   488  O O   . PHE A 1 60  ? 4.526   1.159   -3.642  1.00 25.32  ? 74  PHE A O   1 
ATOM   489  C CB  . PHE A 1 60  ? 2.465   0.502   -1.196  1.00 23.42  ? 74  PHE A CB  1 
ATOM   490  C CG  . PHE A 1 60  ? 2.072   -0.244  0.038   1.00 24.43  ? 74  PHE A CG  1 
ATOM   491  C CD1 . PHE A 1 60  ? 1.277   -1.378  -0.063  1.00 25.02  ? 74  PHE A CD1 1 
ATOM   492  C CD2 . PHE A 1 60  ? 2.471   0.181   1.300   1.00 25.42  ? 74  PHE A CD2 1 
ATOM   493  C CE1 . PHE A 1 60  ? 0.916   -2.105  1.053   1.00 25.88  ? 74  PHE A CE1 1 
ATOM   494  C CE2 . PHE A 1 60  ? 2.096   -0.535  2.433   1.00 24.75  ? 74  PHE A CE2 1 
ATOM   495  C CZ  . PHE A 1 60  ? 1.316   -1.682  2.312   1.00 26.24  ? 74  PHE A CZ  1 
ATOM   496  N N   . PRO A 1 61  ? 2.618   0.229   -4.373  1.00 23.10  ? 75  PRO A N   1 
ATOM   497  C CA  . PRO A 1 61  ? 2.681   1.035   -5.603  1.00 24.54  ? 75  PRO A CA  1 
ATOM   498  C C   . PRO A 1 61  ? 2.585   2.536   -5.296  1.00 24.63  ? 75  PRO A C   1 
ATOM   499  O O   . PRO A 1 61  ? 1.857   2.936   -4.386  1.00 23.91  ? 75  PRO A O   1 
ATOM   500  C CB  . PRO A 1 61  ? 1.441   0.600   -6.387  1.00 25.58  ? 75  PRO A CB  1 
ATOM   501  C CG  . PRO A 1 61  ? 1.000   -0.666  -5.774  1.00 24.90  ? 75  PRO A CG  1 
ATOM   502  C CD  . PRO A 1 61  ? 1.488   -0.714  -4.367  1.00 23.57  ? 75  PRO A CD  1 
ATOM   503  N N   . GLY A 1 62  ? 3.293   3.345   -6.071  1.00 25.07  ? 76  GLY A N   1 
ATOM   504  C CA  . GLY A 1 62  ? 3.304   4.775   -5.812  1.00 24.63  ? 76  GLY A CA  1 
ATOM   505  C C   . GLY A 1 62  ? 4.460   5.462   -6.498  1.00 25.51  ? 76  GLY A C   1 
ATOM   506  O O   . GLY A 1 62  ? 5.244   4.841   -7.238  1.00 25.53  ? 76  GLY A O   1 
ATOM   507  N N   . GLY A 1 63  ? 4.590   6.754   -6.216  1.00 24.12  ? 77  GLY A N   1 
ATOM   508  C CA  . GLY A 1 63  ? 5.668   7.543   -6.771  1.00 25.32  ? 77  GLY A CA  1 
ATOM   509  C C   . GLY A 1 63  ? 5.443   9.022   -6.602  1.00 23.35  ? 77  GLY A C   1 
ATOM   510  O O   . GLY A 1 63  ? 4.534   9.459   -5.896  1.00 24.00  ? 77  GLY A O   1 
ATOM   511  N N   . LYS A 1 64  ? 6.224   9.804   -7.346  1.00 25.31  ? 78  LYS A N   1 
ATOM   512  C CA  . LYS A 1 64  ? 6.248   11.279  -7.185  1.00 26.46  ? 78  LYS A CA  1 
ATOM   513  C C   . LYS A 1 64  ? 5.104   11.934  -7.924  1.00 25.52  ? 78  LYS A C   1 
ATOM   514  O O   . LYS A 1 64  ? 4.775   11.573  -9.068  1.00 25.38  ? 78  LYS A O   1 
ATOM   515  C CB  . LYS A 1 64  ? 7.581   11.834  -7.696  1.00 29.40  ? 78  LYS A CB  1 
ATOM   516  C CG  . LYS A 1 64  ? 7.840   13.271  -7.280  1.00 33.58  ? 78  LYS A CG  1 
ATOM   517  C CD  . LYS A 1 64  ? 9.270   13.660  -7.621  1.00 38.18  ? 78  LYS A CD  1 
ATOM   518  C CE  . LYS A 1 64  ? 9.461   15.165  -7.644  1.00 43.26  ? 78  LYS A CE  1 
ATOM   519  N NZ  . LYS A 1 64  ? 9.156   15.775  -6.340  1.00 47.73  ? 78  LYS A NZ  1 
ATOM   520  N N   . ARG A 1 65  ? 4.476   12.913  -7.300  1.00 24.68  ? 79  ARG A N   1 
ATOM   521  C CA  . ARG A 1 65  ? 3.449   13.675  -7.934  1.00 25.51  ? 79  ARG A CA  1 
ATOM   522  C C   . ARG A 1 65  ? 4.044   14.394  -9.152  1.00 25.39  ? 79  ARG A C   1 
ATOM   523  O O   . ARG A 1 65  ? 5.221   14.768  -9.136  1.00 28.01  ? 79  ARG A O   1 
ATOM   524  C CB  . ARG A 1 65  ? 2.863   14.679  -6.965  1.00 27.34  ? 79  ARG A CB  1 
ATOM   525  C CG  . ARG A 1 65  ? 1.773   15.526  -7.569  1.00 28.08  ? 79  ARG A CG  1 
ATOM   526  C CD  . ARG A 1 65  ? 0.812   16.047  -6.528  1.00 30.02  ? 79  ARG A CD  1 
ATOM   527  N NE  . ARG A 1 65  ? -0.146  17.001  -7.069  1.00 30.08  ? 79  ARG A NE  1 
ATOM   528  C CZ  . ARG A 1 65  ? -1.127  17.576  -6.374  1.00 31.39  ? 79  ARG A CZ  1 
ATOM   529  N NH1 . ARG A 1 65  ? -1.317  17.276  -5.089  1.00 30.83  ? 79  ARG A NH1 1 
ATOM   530  N NH2 . ARG A 1 65  ? -1.932  18.449  -6.952  1.00 34.79  ? 79  ARG A NH2 1 
ATOM   531  N N   . ASP A 1 66  ? 3.245   14.501  -10.203 1.00 26.21  ? 80  ASP A N   1 
ATOM   532  C CA  . ASP A 1 66  ? 3.650   15.289  -11.399 1.00 26.20  ? 80  ASP A CA  1 
ATOM   533  C C   . ASP A 1 66  ? 2.591   16.306  -11.726 1.00 25.91  ? 80  ASP A C   1 
ATOM   534  O O   . ASP A 1 66  ? 1.506   16.297  -11.169 1.00 27.91  ? 80  ASP A O   1 
ATOM   535  C CB  . ASP A 1 66  ? 4.084   14.352  -12.556 1.00 26.10  ? 80  ASP A CB  1 
ATOM   536  C CG  . ASP A 1 66  ? 2.935   13.813  -13.398 1.00 24.54  ? 80  ASP A CG  1 
ATOM   537  O OD1 . ASP A 1 66  ? 1.777   14.235  -13.320 1.00 25.83  ? 80  ASP A OD1 1 
ATOM   538  O OD2 . ASP A 1 66  ? 3.255   12.915  -14.212 1.00 29.83  ? 80  ASP A OD2 1 
ATOM   539  N N   . PRO A 1 67  ? 2.879   17.245  -12.674 1.00 26.30  ? 81  PRO A N   1 
ATOM   540  C CA  . PRO A 1 67  ? 1.898   18.302  -12.904 1.00 27.64  ? 81  PRO A CA  1 
ATOM   541  C C   . PRO A 1 67  ? 0.564   17.888  -13.435 1.00 26.19  ? 81  PRO A C   1 
ATOM   542  O O   . PRO A 1 67  ? -0.381  18.637  -13.267 1.00 28.70  ? 81  PRO A O   1 
ATOM   543  C CB  . PRO A 1 67  ? 2.614   19.238  -13.921 1.00 28.12  ? 81  PRO A CB  1 
ATOM   544  C CG  . PRO A 1 67  ? 4.033   18.965  -13.712 1.00 27.72  ? 81  PRO A CG  1 
ATOM   545  C CD  . PRO A 1 67  ? 4.128   17.488  -13.394 1.00 28.20  ? 81  PRO A CD  1 
ATOM   546  N N   . THR A 1 68  ? 0.460   16.694  -14.048 1.00 28.89  ? 82  THR A N   1 
ATOM   547  C CA  . THR A 1 68  ? -0.817  16.212  -14.580 1.00 29.17  ? 82  THR A CA  1 
ATOM   548  C C   . THR A 1 68  ? -1.821  15.824  -13.489 1.00 28.99  ? 82  THR A C   1 
ATOM   549  O O   . THR A 1 68  ? -3.031  15.868  -13.712 1.00 31.78  ? 82  THR A O   1 
ATOM   550  C CB  . THR A 1 68  ? -0.679  14.982  -15.524 1.00 31.24  ? 82  THR A CB  1 
ATOM   551  O OG1 . THR A 1 68  ? -0.364  13.777  -14.790 1.00 31.54  ? 82  THR A OG1 1 
ATOM   552  C CG2 . THR A 1 68  ? 0.380   15.196  -16.574 1.00 31.95  ? 82  THR A CG2 1 
ATOM   553  N N   . ASP A 1 69  ? -1.312  15.457  -12.307 1.00 28.95  ? 83  ASP A N   1 
ATOM   554  C CA  . ASP A 1 69  ? -2.167  14.884  -11.270 1.00 27.46  ? 83  ASP A CA  1 
ATOM   555  C C   . ASP A 1 69  ? -3.132  15.947  -10.718 1.00 28.38  ? 83  ASP A C   1 
ATOM   556  O O   . ASP A 1 69  ? -2.701  17.029  -10.276 1.00 29.41  ? 83  ASP A O   1 
ATOM   557  C CB  . ASP A 1 69  ? -1.300  14.320  -10.116 1.00 25.82  ? 83  ASP A CB  1 
ATOM   558  C CG  . ASP A 1 69  ? -0.427  13.169  -10.520 1.00 25.33  ? 83  ASP A CG  1 
ATOM   559  O OD1 . ASP A 1 69  ? -0.873  12.337  -11.342 1.00 26.54  ? 83  ASP A OD1 1 
ATOM   560  O OD2 . ASP A 1 69  ? 0.700   13.009  -9.994  1.00 25.74  ? 83  ASP A OD2 1 
ATOM   561  N N   . MET A 1 70  ? -4.423  15.659  -10.752 1.00 28.72  ? 84  MET A N   1 
ATOM   562  C CA  . MET A 1 70  ? -5.435  16.563  -10.178 1.00 31.50  ? 84  MET A CA  1 
ATOM   563  C C   . MET A 1 70  ? -5.261  16.749  -8.667  1.00 31.24  ? 84  MET A C   1 
ATOM   564  O O   . MET A 1 70  ? -5.496  17.829  -8.121  1.00 31.43  ? 84  MET A O   1 
ATOM   565  C CB  . MET A 1 70  ? -6.841  16.044  -10.467 1.00 34.40  ? 84  MET A CB  1 
ATOM   566  C CG  . MET A 1 70  ? -7.276  16.167  -11.923 1.00 41.38  ? 84  MET A CG  1 
ATOM   567  S SD  . MET A 1 70  ? -7.390  17.883  -12.499 1.00 45.08  ? 84  MET A SD  1 
ATOM   568  C CE  . MET A 1 70  ? -8.718  18.525  -11.480 1.00 47.31  ? 84  MET A CE  1 
ATOM   569  N N   . ASP A 1 71  ? -4.827  15.678  -8.013  1.00 28.40  ? 85  ASP A N   1 
ATOM   570  C CA  . ASP A 1 71  ? -4.631  15.646  -6.565  1.00 28.79  ? 85  ASP A CA  1 
ATOM   571  C C   . ASP A 1 71  ? -3.693  14.487  -6.188  1.00 26.29  ? 85  ASP A C   1 
ATOM   572  O O   . ASP A 1 71  ? -3.187  13.757  -7.066  1.00 26.35  ? 85  ASP A O   1 
ATOM   573  C CB  . ASP A 1 71  ? -5.987  15.587  -5.843  1.00 30.55  ? 85  ASP A CB  1 
ATOM   574  C CG  . ASP A 1 71  ? -6.848  14.400  -6.254  1.00 30.87  ? 85  ASP A CG  1 
ATOM   575  O OD1 . ASP A 1 71  ? -6.343  13.390  -6.797  1.00 30.14  ? 85  ASP A OD1 1 
ATOM   576  O OD2 . ASP A 1 71  ? -8.061  14.468  -5.986  1.00 35.63  ? 85  ASP A OD2 1 
ATOM   577  N N   . ASP A 1 72  ? -3.453  14.314  -4.883  1.00 25.28  ? 86  ASP A N   1 
ATOM   578  C CA  . ASP A 1 72  ? -2.548  13.305  -4.401  1.00 24.54  ? 86  ASP A CA  1 
ATOM   579  C C   . ASP A 1 72  ? -3.045  11.878  -4.682  1.00 22.16  ? 86  ASP A C   1 
ATOM   580  O O   . ASP A 1 72  ? -2.223  11.006  -4.909  1.00 22.86  ? 86  ASP A O   1 
ATOM   581  C CB  . ASP A 1 72  ? -2.241  13.528  -2.895  1.00 24.45  ? 86  ASP A CB  1 
ATOM   582  C CG  . ASP A 1 72  ? -1.342  14.730  -2.664  1.00 28.88  ? 86  ASP A CG  1 
ATOM   583  O OD1 . ASP A 1 72  ? -0.482  15.039  -3.534  1.00 26.79  ? 86  ASP A OD1 1 
ATOM   584  O OD2 . ASP A 1 72  ? -1.486  15.359  -1.585  1.00 27.32  ? 86  ASP A OD2 1 
ATOM   585  N N   . ALA A 1 73  ? -4.352  11.670  -4.645  1.00 23.45  ? 87  ALA A N   1 
ATOM   586  C CA  . ALA A 1 73  ? -4.942  10.341  -4.962  1.00 23.64  ? 87  ALA A CA  1 
ATOM   587  C C   . ALA A 1 73  ? -4.633  9.980   -6.416  1.00 23.68  ? 87  ALA A C   1 
ATOM   588  O O   . ALA A 1 73  ? -4.254  8.833   -6.734  1.00 23.91  ? 87  ALA A O   1 
ATOM   589  C CB  . ALA A 1 73  ? -6.431  10.328  -4.701  1.00 24.19  ? 87  ALA A CB  1 
ATOM   590  N N   . ALA A 1 74  ? -4.730  10.973  -7.294  1.00 24.78  ? 88  ALA A N   1 
ATOM   591  C CA  . ALA A 1 74  ? -4.378  10.742  -8.699  1.00 25.87  ? 88  ALA A CA  1 
ATOM   592  C C   . ALA A 1 74  ? -2.956  10.273  -8.888  1.00 24.72  ? 88  ALA A C   1 
ATOM   593  O O   . ALA A 1 74  ? -2.694  9.404   -9.727  1.00 24.21  ? 88  ALA A O   1 
ATOM   594  C CB  . ALA A 1 74  ? -4.645  11.982  -9.543  1.00 27.38  ? 88  ALA A CB  1 
ATOM   595  N N   . THR A 1 75  ? -1.999  10.845  -8.145  1.00 22.04  ? 89  THR A N   1 
ATOM   596  C CA  . THR A 1 75  ? -0.641  10.334  -8.180  1.00 21.35  ? 89  THR A CA  1 
ATOM   597  C C   . THR A 1 75  ? -0.556  8.825   -7.912  1.00 23.28  ? 89  THR A C   1 
ATOM   598  O O   . THR A 1 75  ? 0.106   8.054   -8.651  1.00 23.16  ? 89  THR A O   1 
ATOM   599  C CB  . THR A 1 75  ? 0.243   11.074  -7.143  1.00 23.59  ? 89  THR A CB  1 
ATOM   600  O OG1 . THR A 1 75  ? 0.125   12.486  -7.359  1.00 24.73  ? 89  THR A OG1 1 
ATOM   601  C CG2 . THR A 1 75  ? 1.662   10.595  -7.181  1.00 23.35  ? 89  THR A CG2 1 
ATOM   602  N N   . ALA A 1 76  ? -1.200  8.415   -6.816  1.00 22.09  ? 90  ALA A N   1 
ATOM   603  C CA  . ALA A 1 76  ? -1.215  7.013   -6.428  1.00 22.79  ? 90  ALA A CA  1 
ATOM   604  C C   . ALA A 1 76  ? -1.778  6.095   -7.536  1.00 21.70  ? 90  ALA A C   1 
ATOM   605  O O   . ALA A 1 76  ? -1.177  5.058   -7.834  1.00 23.91  ? 90  ALA A O   1 
ATOM   606  C CB  . ALA A 1 76  ? -2.008  6.841   -5.147  1.00 22.51  ? 90  ALA A CB  1 
ATOM   607  N N   . LEU A 1 77  ? -2.881  6.512   -8.110  1.00 23.46  ? 91  LEU A N   1 
ATOM   608  C CA  . LEU A 1 77  ? -3.552  5.741   -9.162  1.00 25.10  ? 91  LEU A CA  1 
ATOM   609  C C   . LEU A 1 77  ? -2.752  5.700   -10.439 1.00 25.53  ? 91  LEU A C   1 
ATOM   610  O O   . LEU A 1 77  ? -2.626  4.649   -11.027 1.00 25.09  ? 91  LEU A O   1 
ATOM   611  C CB  . LEU A 1 77  ? -4.949  6.256   -9.440  1.00 26.12  ? 91  LEU A CB  1 
ATOM   612  C CG  . LEU A 1 77  ? -5.975  6.130   -8.304  1.00 30.14  ? 91  LEU A CG  1 
ATOM   613  C CD1 . LEU A 1 77  ? -7.363  6.471   -8.839  1.00 32.93  ? 91  LEU A CD1 1 
ATOM   614  C CD2 . LEU A 1 77  ? -5.943  4.751   -7.665  1.00 30.93  ? 91  LEU A CD2 1 
ATOM   615  N N   . ARG A 1 78  ? -2.160  6.830   -10.842 1.00 25.29  ? 92  ARG A N   1 
ATOM   616  C CA  . ARG A 1 78  ? -1.319  6.860   -12.049 1.00 24.26  ? 92  ARG A CA  1 
ATOM   617  C C   . ARG A 1 78  ? -0.144  5.914   -11.929 1.00 24.90  ? 92  ARG A C   1 
ATOM   618  O O   . ARG A 1 78  ? 0.182   5.129   -12.849 1.00 25.50  ? 92  ARG A O   1 
ATOM   619  C CB  . ARG A 1 78  ? -0.839  8.293   -12.328 1.00 25.19  ? 92  ARG A CB  1 
ATOM   620  C CG  . ARG A 1 78  ? 0.136   8.405   -13.498 1.00 26.57  ? 92  ARG A CG  1 
ATOM   621  C CD  . ARG A 1 78  ? 0.508   9.841   -13.838 1.00 27.30  ? 92  ARG A CD  1 
ATOM   622  N NE  . ARG A 1 78  ? 1.014   10.561  -12.662 1.00 24.70  ? 92  ARG A NE  1 
ATOM   623  C CZ  . ARG A 1 78  ? 2.214   10.421  -12.122 1.00 24.52  ? 92  ARG A CZ  1 
ATOM   624  N NH1 . ARG A 1 78  ? 3.120   9.583   -12.593 1.00 26.83  ? 92  ARG A NH1 1 
ATOM   625  N NH2 . ARG A 1 78  ? 2.515   11.128  -11.011 1.00 25.84  ? 92  ARG A NH2 1 
ATOM   626  N N   . GLU A 1 79  ? 0.517   5.957   -10.770 1.00 24.54  ? 93  GLU A N   1 
ATOM   627  C CA  . GLU A 1 79  ? 1.654   5.120   -10.540 1.00 24.85  ? 93  GLU A CA  1 
ATOM   628  C C   . GLU A 1 79  ? 1.276   3.636   -10.414 1.00 25.05  ? 93  GLU A C   1 
ATOM   629  O O   . GLU A 1 79  ? 1.996   2.777   -10.926 1.00 26.95  ? 93  GLU A O   1 
ATOM   630  C CB  . GLU A 1 79  ? 2.459   5.600   -9.317  1.00 27.54  ? 93  GLU A CB  1 
ATOM   631  C CG  . GLU A 1 79  ? 3.242   6.876   -9.602  1.00 29.84  ? 93  GLU A CG  1 
ATOM   632  C CD  . GLU A 1 79  ? 4.552   6.629   -10.351 1.00 32.10  ? 93  GLU A CD  1 
ATOM   633  O OE1 . GLU A 1 79  ? 4.806   5.526   -10.865 1.00 38.84  ? 93  GLU A OE1 1 
ATOM   634  O OE2 . GLU A 1 79  ? 5.334   7.563   -10.475 1.00 40.39  ? 93  GLU A OE2 1 
ATOM   635  N N   . ALA A 1 80  ? 0.159   3.322   -9.751  1.00 24.91  ? 94  ALA A N   1 
ATOM   636  C CA  . ALA A 1 80  ? -0.299  1.934   -9.672  1.00 25.32  ? 94  ALA A CA  1 
ATOM   637  C C   . ALA A 1 80  ? -0.575  1.363   -11.074 1.00 26.87  ? 94  ALA A C   1 
ATOM   638  O O   . ALA A 1 80  ? -0.260  0.200   -11.345 1.00 27.72  ? 94  ALA A O   1 
ATOM   639  C CB  . ALA A 1 80  ? -1.546  1.809   -8.809  1.00 25.71  ? 94  ALA A CB  1 
ATOM   640  N N   . GLN A 1 81  ? -1.154  2.181   -11.929 1.00 24.90  ? 95  GLN A N   1 
ATOM   641  C CA  . GLN A 1 81  ? -1.384  1.767   -13.332 1.00 28.42  ? 95  GLN A CA  1 
ATOM   642  C C   . GLN A 1 81  ? -0.063  1.461   -14.039 1.00 28.65  ? 95  GLN A C   1 
ATOM   643  O O   . GLN A 1 81  ? 0.102   0.390   -14.639 1.00 27.81  ? 95  GLN A O   1 
ATOM   644  C CB  . GLN A 1 81  ? -2.202  2.791   -14.101 1.00 29.58  ? 95  GLN A CB  1 
ATOM   645  C CG  . GLN A 1 81  ? -2.629  2.254   -15.482 1.00 31.55  ? 95  GLN A CG  1 
ATOM   646  C CD  . GLN A 1 81  ? -3.804  2.987   -16.123 1.00 34.25  ? 95  GLN A CD  1 
ATOM   647  O OE1 . GLN A 1 81  ? -4.382  3.927   -15.580 1.00 38.38  ? 95  GLN A OE1 1 
ATOM   648  N NE2 . GLN A 1 81  ? -4.161  2.540   -17.313 1.00 43.34  ? 95  GLN A NE2 1 
ATOM   649  N N   . GLU A 1 82  ? 0.910   2.355   -13.909 1.00 27.41  ? 96  GLU A N   1 
ATOM   650  C CA  . GLU A 1 82  ? 2.216   2.139   -14.533 1.00 28.92  ? 96  GLU A CA  1 
ATOM   651  C C   . GLU A 1 82  ? 2.925   0.904   -14.011 1.00 29.00  ? 96  GLU A C   1 
ATOM   652  O O   . GLU A 1 82  ? 3.563   0.185   -14.788 1.00 30.95  ? 96  GLU A O   1 
ATOM   653  C CB  . GLU A 1 82  ? 3.120   3.379   -14.357 1.00 33.45  ? 96  GLU A CB  1 
ATOM   654  C CG  . GLU A 1 82  ? 4.406   3.346   -15.181 1.00 38.05  ? 96  GLU A CG  1 
ATOM   655  C CD  . GLU A 1 82  ? 4.156   3.352   -16.695 1.00 43.11  ? 96  GLU A CD  1 
ATOM   656  O OE1 . GLU A 1 82  ? 3.075   3.790   -17.148 1.00 47.10  ? 96  GLU A OE1 1 
ATOM   657  O OE2 . GLU A 1 82  ? 5.052   2.911   -17.438 1.00 48.37  ? 96  GLU A OE2 1 
ATOM   658  N N   . GLU A 1 83  ? 2.827   0.631   -12.705 1.00 26.63  ? 97  GLU A N   1 
ATOM   659  C CA  . GLU A 1 83  ? 3.587   -0.456  -12.092 1.00 27.56  ? 97  GLU A CA  1 
ATOM   660  C C   . GLU A 1 83  ? 2.965   -1.838  -12.256 1.00 27.18  ? 97  GLU A C   1 
ATOM   661  O O   . GLU A 1 83  ? 3.689   -2.815  -12.446 1.00 28.44  ? 97  GLU A O   1 
ATOM   662  C CB  . GLU A 1 83  ? 3.772   -0.209  -10.598 1.00 29.22  ? 97  GLU A CB  1 
ATOM   663  C CG  . GLU A 1 83  ? 4.641   1.002   -10.314 1.00 30.83  ? 97  GLU A CG  1 
ATOM   664  C CD  . GLU A 1 83  ? 4.992   1.135   -8.840  1.00 37.58  ? 97  GLU A CD  1 
ATOM   665  O OE1 . GLU A 1 83  ? 4.754   0.184   -8.065  1.00 39.98  ? 97  GLU A OE1 1 
ATOM   666  O OE2 . GLU A 1 83  ? 5.565   2.181   -8.477  1.00 39.79  ? 97  GLU A OE2 1 
ATOM   667  N N   . VAL A 1 84  ? 1.650   -1.927  -12.072 1.00 27.52  ? 98  VAL A N   1 
ATOM   668  C CA  . VAL A 1 84  ? 0.969   -3.244  -12.024 1.00 27.54  ? 98  VAL A CA  1 
ATOM   669  C C   . VAL A 1 84  ? -0.259  -3.372  -12.934 1.00 26.90  ? 98  VAL A C   1 
ATOM   670  O O   . VAL A 1 84  ? -0.938  -4.414  -12.899 1.00 29.50  ? 98  VAL A O   1 
ATOM   671  C CB  . VAL A 1 84  ? 0.616   -3.645  -10.579 1.00 27.11  ? 98  VAL A CB  1 
ATOM   672  C CG1 . VAL A 1 84  ? 1.842   -3.550  -9.695  1.00 27.70  ? 98  VAL A CG1 1 
ATOM   673  C CG2 . VAL A 1 84  ? -0.529  -2.818  -10.008 1.00 28.38  ? 98  VAL A CG2 1 
ATOM   674  N N   . GLY A 1 85  ? -0.539  -2.351  -13.727 1.00 26.39  ? 99  GLY A N   1 
ATOM   675  C CA  . GLY A 1 85  ? -1.651  -2.379  -14.697 1.00 28.07  ? 99  GLY A CA  1 
ATOM   676  C C   . GLY A 1 85  ? -3.032  -2.105  -14.153 1.00 30.14  ? 99  GLY A C   1 
ATOM   677  O O   . GLY A 1 85  ? -4.036  -2.247  -14.873 1.00 30.41  ? 99  GLY A O   1 
ATOM   678  N N   . LEU A 1 86  ? -3.112  -1.661  -12.893 1.00 27.43  ? 100 LEU A N   1 
ATOM   679  C CA  . LEU A 1 86  ? -4.398  -1.347  -12.287 1.00 26.54  ? 100 LEU A CA  1 
ATOM   680  C C   . LEU A 1 86  ? -5.041  -0.135  -12.941 1.00 28.41  ? 100 LEU A C   1 
ATOM   681  O O   . LEU A 1 86  ? -4.475  0.966   -12.939 1.00 29.17  ? 100 LEU A O   1 
ATOM   682  C CB  . LEU A 1 86  ? -4.171  -1.086  -10.783 1.00 28.35  ? 100 LEU A CB  1 
ATOM   683  C CG  . LEU A 1 86  ? -5.395  -0.775  -9.948  1.00 28.54  ? 100 LEU A CG  1 
ATOM   684  C CD1 . LEU A 1 86  ? -6.233  -2.034  -9.731  1.00 28.20  ? 100 LEU A CD1 1 
ATOM   685  C CD2 . LEU A 1 86  ? -4.952  -0.170  -8.617  1.00 27.92  ? 100 LEU A CD2 1 
ATOM   686  N N   . ARG A 1 87  ? -6.239  -0.323  -13.491 1.00 28.75  ? 101 ARG A N   1 
ATOM   687  C CA  . ARG A 1 87  ? -6.955  0.696   -14.222 1.00 31.84  ? 101 ARG A CA  1 
ATOM   688  C C   . ARG A 1 87  ? -7.950  1.418   -13.305 1.00 33.31  ? 101 ARG A C   1 
ATOM   689  O O   . ARG A 1 87  ? -8.357  0.873   -12.289 1.00 30.28  ? 101 ARG A O   1 
ATOM   690  C CB  . ARG A 1 87  ? -7.660  0.084   -15.449 1.00 36.67  ? 101 ARG A CB  1 
ATOM   691  C CG  . ARG A 1 87  ? -6.673  -0.369  -16.527 1.00 40.02  ? 101 ARG A CG  1 
ATOM   692  C CD  . ARG A 1 87  ? -7.303  -1.274  -17.565 1.00 46.54  ? 101 ARG A CD  1 
ATOM   693  N NE  . ARG A 1 87  ? -8.279  -0.565  -18.401 1.00 52.15  ? 101 ARG A NE  1 
ATOM   694  C CZ  . ARG A 1 87  ? -9.154  -1.147  -19.234 1.00 57.13  ? 101 ARG A CZ  1 
ATOM   695  N NH1 . ARG A 1 87  ? -9.207  -2.479  -19.367 1.00 59.58  ? 101 ARG A NH1 1 
ATOM   696  N NH2 . ARG A 1 87  ? -9.994  -0.388  -19.941 1.00 55.78  ? 101 ARG A NH2 1 
HETATM 697  N N   . HYP A 1 88  ? -8.322  2.659   -13.639 1.00 38.36  ? 102 HYP A N   1 
HETATM 698  C CA  . HYP A 1 88  ? -9.208  3.447   -12.757 1.00 39.64  ? 102 HYP A CA  1 
HETATM 699  C C   . HYP A 1 88  ? -10.492 2.827   -12.325 1.00 35.00  ? 102 HYP A C   1 
HETATM 700  O O   . HYP A 1 88  ? -10.856 2.940   -11.138 1.00 36.00  ? 102 HYP A O   1 
HETATM 701  C CB  . HYP A 1 88  ? -9.511  4.720   -13.545 1.00 43.72  ? 102 HYP A CB  1 
HETATM 702  C CG  . HYP A 1 88  ? -8.240  4.902   -14.352 1.00 46.78  ? 102 HYP A CG  1 
HETATM 703  C CD  . HYP A 1 88  ? -7.775  3.500   -14.705 1.00 43.67  ? 102 HYP A CD  1 
HETATM 704  O OD1 . HYP A 1 88  ? -7.262  5.494   -13.486 1.00 56.86  ? 102 HYP A OD1 1 
ATOM   705  N N   . HIS A 1 89  ? -11.159 2.142   -13.251 1.00 32.60  ? 103 HIS A N   1 
ATOM   706  C CA  . HIS A 1 89  ? -12.429 1.477   -12.956 1.00 32.84  ? 103 HIS A CA  1 
ATOM   707  C C   . HIS A 1 89  ? -12.253 0.291   -11.993 1.00 28.98  ? 103 HIS A C   1 
ATOM   708  O O   . HIS A 1 89  ? -13.247 -0.220  -11.485 1.00 29.96  ? 103 HIS A O   1 
ATOM   709  C CB  . HIS A 1 89  ? -13.168 1.014   -14.240 1.00 32.31  ? 103 HIS A CB  1 
ATOM   710  C CG  . HIS A 1 89  ? -12.465 -0.071  -15.004 1.00 31.31  ? 103 HIS A CG  1 
ATOM   711  N ND1 . HIS A 1 89  ? -12.792 -1.403  -14.878 1.00 32.74  ? 103 HIS A ND1 1 
ATOM   712  C CD2 . HIS A 1 89  ? -11.471 -0.017  -15.925 1.00 30.83  ? 103 HIS A CD2 1 
ATOM   713  C CE1 . HIS A 1 89  ? -12.009 -2.121  -15.668 1.00 29.29  ? 103 HIS A CE1 1 
ATOM   714  N NE2 . HIS A 1 89  ? -11.201 -1.303  -16.315 1.00 33.09  ? 103 HIS A NE2 1 
ATOM   715  N N   . GLN A 1 90  ? -11.011 -0.134  -11.764 1.00 26.70  ? 104 GLN A N   1 
ATOM   716  C CA  . GLN A 1 90  ? -10.718 -1.328  -10.946 1.00 26.62  ? 104 GLN A CA  1 
ATOM   717  C C   . GLN A 1 90  ? -10.360 -0.998  -9.495  1.00 26.66  ? 104 GLN A C   1 
ATOM   718  O O   . GLN A 1 90  ? -10.055 -1.913  -8.735  1.00 25.98  ? 104 GLN A O   1 
ATOM   719  C CB  . GLN A 1 90  ? -9.570  -2.133  -11.557 1.00 26.57  ? 104 GLN A CB  1 
ATOM   720  C CG  . GLN A 1 90  ? -9.837  -2.576  -13.003 1.00 28.56  ? 104 GLN A CG  1 
ATOM   721  C CD  . GLN A 1 90  ? -8.766  -3.488  -13.544 1.00 31.32  ? 104 GLN A CD  1 
ATOM   722  O OE1 . GLN A 1 90  ? -9.018  -4.666  -13.860 1.00 34.03  ? 104 GLN A OE1 1 
ATOM   723  N NE2 . GLN A 1 90  ? -7.564  -2.977  -13.636 1.00 26.78  ? 104 GLN A NE2 1 
ATOM   724  N N   . VAL A 1 91  ? -10.428 0.277   -9.113  1.00 27.24  ? 105 VAL A N   1 
ATOM   725  C CA  . VAL A 1 91  ? -10.065 0.705   -7.765  1.00 26.68  ? 105 VAL A CA  1 
ATOM   726  C C   . VAL A 1 91  ? -11.012 1.787   -7.255  1.00 27.45  ? 105 VAL A C   1 
ATOM   727  O O   . VAL A 1 91  ? -11.366 2.715   -7.984  1.00 28.36  ? 105 VAL A O   1 
ATOM   728  C CB  . VAL A 1 91  ? -8.586  1.148   -7.697  1.00 28.95  ? 105 VAL A CB  1 
ATOM   729  C CG1 . VAL A 1 91  ? -8.261  2.167   -8.768  1.00 29.44  ? 105 VAL A CG1 1 
ATOM   730  C CG2 . VAL A 1 91  ? -8.243  1.679   -6.293  1.00 30.20  ? 105 VAL A CG2 1 
ATOM   731  N N   . GLU A 1 92  ? -11.442 1.623   -6.005  1.00 26.01  ? 106 GLU A N   1 
ATOM   732  C CA  . GLU A 1 92  ? -12.189 2.644   -5.285  1.00 29.09  ? 106 GLU A CA  1 
ATOM   733  C C   . GLU A 1 92  ? -11.277 3.164   -4.156  1.00 26.87  ? 106 GLU A C   1 
ATOM   734  O O   . GLU A 1 92  ? -10.968 2.415   -3.217  1.00 26.89  ? 106 GLU A O   1 
ATOM   735  C CB  . GLU A 1 92  ? -13.473 2.067   -4.698  1.00 31.94  ? 106 GLU A CB  1 
ATOM   736  C CG  . GLU A 1 92  ? -14.346 3.127   -4.022  1.00 35.93  ? 106 GLU A CG  1 
ATOM   737  C CD  . GLU A 1 92  ? -15.555 2.565   -3.295  1.00 37.49  ? 106 GLU A CD  1 
ATOM   738  O OE1 . GLU A 1 92  ? -15.772 1.328   -3.279  1.00 42.14  ? 106 GLU A OE1 1 
ATOM   739  O OE2 . GLU A 1 92  ? -16.285 3.389   -2.709  1.00 43.41  ? 106 GLU A OE2 1 
ATOM   740  N N   . VAL A 1 93  ? -10.862 4.429   -4.256  1.00 26.79  ? 107 VAL A N   1 
ATOM   741  C CA  . VAL A 1 93  ? -10.067 5.065   -3.195  1.00 27.67  ? 107 VAL A CA  1 
ATOM   742  C C   . VAL A 1 93  ? -11.018 5.428   -2.062  1.00 28.86  ? 107 VAL A C   1 
ATOM   743  O O   . VAL A 1 93  ? -11.980 6.171   -2.267  1.00 29.86  ? 107 VAL A O   1 
ATOM   744  C CB  . VAL A 1 93  ? -9.318  6.303   -3.714  1.00 29.34  ? 107 VAL A CB  1 
ATOM   745  C CG1 . VAL A 1 93  ? -8.575  7.005   -2.574  1.00 28.97  ? 107 VAL A CG1 1 
ATOM   746  C CG2 . VAL A 1 93  ? -8.355  5.901   -4.826  1.00 30.22  ? 107 VAL A CG2 1 
ATOM   747  N N   . VAL A 1 94  ? -10.759 4.870   -0.881  1.00 28.47  ? 108 VAL A N   1 
ATOM   748  C CA  . VAL A 1 94  ? -11.685 4.930   0.252   1.00 30.46  ? 108 VAL A CA  1 
ATOM   749  C C   . VAL A 1 94  ? -11.271 6.034   1.209   1.00 30.91  ? 108 VAL A C   1 
ATOM   750  O O   . VAL A 1 94  ? -12.139 6.683   1.803   1.00 34.34  ? 108 VAL A O   1 
ATOM   751  C CB  . VAL A 1 94  ? -11.698 3.588   1.024   1.00 32.66  ? 108 VAL A CB  1 
ATOM   752  C CG1 . VAL A 1 94  ? -12.623 3.653   2.226   1.00 37.18  ? 108 VAL A CG1 1 
ATOM   753  C CG2 . VAL A 1 94  ? -12.128 2.451   0.105   1.00 37.77  ? 108 VAL A CG2 1 
HETATM 754  N N   . CSO A 1 95  ? -9.964  6.203   1.395   1.00 27.89  ? 109 CSO A N   1 
HETATM 755  C CA  . CSO A 1 95  ? -9.465  7.240   2.278   1.00 30.07  ? 109 CSO A CA  1 
HETATM 756  C CB  . CSO A 1 95  ? -9.731  6.782   3.696   1.00 32.03  ? 109 CSO A CB  1 
HETATM 757  S SG  . CSO A 1 95  ? -8.703  5.435   4.118   1.00 33.77  ? 109 CSO A SG  1 
HETATM 758  C C   . CSO A 1 95  ? -8.007  7.546   2.128   1.00 29.38  ? 109 CSO A C   1 
HETATM 759  O O   . CSO A 1 95  ? -7.227  6.829   1.487   1.00 26.33  ? 109 CSO A O   1 
HETATM 760  O OD  . CSO A 1 95  ? -8.175  6.320   5.502   1.00 39.03  ? 109 CSO A OD  1 
ATOM   761  N N   . CYS A 1 96  ? -7.637  8.643   2.772   1.00 27.05  ? 110 CYS A N   1 
ATOM   762  C CA  . CYS A 1 96  ? -6.297  9.105   2.882   1.00 28.35  ? 110 CYS A CA  1 
ATOM   763  C C   . CYS A 1 96  ? -5.865  8.974   4.353   1.00 29.32  ? 110 CYS A C   1 
ATOM   764  O O   . CYS A 1 96  ? -6.480  9.584   5.225   1.00 31.12  ? 110 CYS A O   1 
ATOM   765  C CB  . CYS A 1 96  ? -6.313  10.581  2.475   1.00 33.69  ? 110 CYS A CB  1 
ATOM   766  S SG  . CYS A 1 96  ? -4.741  11.385  2.559   1.00 37.39  ? 110 CYS A SG  1 
ATOM   767  N N   . LEU A 1 97  ? -4.833  8.189   4.619   1.00 27.56  ? 111 LEU A N   1 
ATOM   768  C CA  . LEU A 1 97  ? -4.354  7.955   5.977   1.00 28.93  ? 111 LEU A CA  1 
ATOM   769  C C   . LEU A 1 97  ? -3.282  8.987   6.308   1.00 30.71  ? 111 LEU A C   1 
ATOM   770  O O   . LEU A 1 97  ? -2.840  9.753   5.445   1.00 28.15  ? 111 LEU A O   1 
ATOM   771  C CB  . LEU A 1 97  ? -3.819  6.521   6.154   1.00 30.31  ? 111 LEU A CB  1 
ATOM   772  C CG  . LEU A 1 97  ? -4.898  5.432   6.105   1.00 32.22  ? 111 LEU A CG  1 
ATOM   773  C CD1 . LEU A 1 97  ? -4.255  4.059   6.185   1.00 34.86  ? 111 LEU A CD1 1 
ATOM   774  C CD2 . LEU A 1 97  ? -5.905  5.580   7.221   1.00 33.25  ? 111 LEU A CD2 1 
ATOM   775  N N   . VAL A 1 98  ? -2.879  9.010   7.574   1.00 31.77  ? 112 VAL A N   1 
ATOM   776  C CA  . VAL A 1 98  ? -1.845  9.938   8.022   1.00 33.30  ? 112 VAL A CA  1 
ATOM   777  C C   . VAL A 1 98  ? -0.600  9.902   7.140   1.00 30.29  ? 112 VAL A C   1 
ATOM   778  O O   . VAL A 1 98  ? -0.058  8.849   6.866   1.00 29.56  ? 112 VAL A O   1 
ATOM   779  C CB  . VAL A 1 98  ? -1.434  9.707   9.501   1.00 36.78  ? 112 VAL A CB  1 
ATOM   780  C CG1 . VAL A 1 98  ? -2.530  10.214  10.423  1.00 41.12  ? 112 VAL A CG1 1 
ATOM   781  C CG2 . VAL A 1 98  ? -1.075  8.254   9.795   1.00 36.32  ? 112 VAL A CG2 1 
ATOM   782  N N   . PRO A 1 99  ? -0.135  11.080  6.692   1.00 29.87  ? 113 PRO A N   1 
ATOM   783  C CA  . PRO A 1 99  ? 1.056   11.071  5.860   1.00 30.90  ? 113 PRO A CA  1 
ATOM   784  C C   . PRO A 1 99  ? 2.352   10.846  6.622   1.00 30.02  ? 113 PRO A C   1 
ATOM   785  O O   . PRO A 1 99  ? 2.396   11.006  7.856   1.00 32.01  ? 113 PRO A O   1 
ATOM   786  C CB  . PRO A 1 99  ? 1.026   12.459  5.215   1.00 31.14  ? 113 PRO A CB  1 
ATOM   787  C CG  . PRO A 1 99  ? 0.386   13.305  6.235   1.00 33.58  ? 113 PRO A CG  1 
ATOM   788  C CD  . PRO A 1 99  ? -0.699  12.427  6.816   1.00 33.28  ? 113 PRO A CD  1 
ATOM   789  N N   . CYS A 1 100 ? 3.383   10.463  5.885   1.00 27.94  ? 114 CYS A N   1 
ATOM   790  C CA  . CYS A 1 100 ? 4.716   10.154  6.385   1.00 30.84  ? 114 CYS A CA  1 
ATOM   791  C C   . CYS A 1 100 ? 5.664   11.334  6.063   1.00 30.66  ? 114 CYS A C   1 
ATOM   792  O O   . CYS A 1 100 ? 5.848   11.688  4.891   1.00 26.43  ? 114 CYS A O   1 
ATOM   793  C CB  . CYS A 1 100 ? 5.252   8.885   5.676   1.00 32.07  ? 114 CYS A CB  1 
ATOM   794  S SG  . CYS A 1 100 ? 6.871   8.320   6.243   1.00 46.75  ? 114 CYS A SG  1 
ATOM   795  N N   . LEU A 1 101 ? 6.274   11.932  7.089   1.00 29.93  ? 115 LEU A N   1 
ATOM   796  C CA  . LEU A 1 101 ? 7.277   12.976  6.885   1.00 30.86  ? 115 LEU A CA  1 
ATOM   797  C C   . LEU A 1 101 ? 8.634   12.323  6.807   1.00 29.90  ? 115 LEU A C   1 
ATOM   798  O O   . LEU A 1 101 ? 8.987   11.581  7.714   1.00 31.47  ? 115 LEU A O   1 
ATOM   799  C CB  . LEU A 1 101 ? 7.286   13.945  8.079   1.00 31.12  ? 115 LEU A CB  1 
ATOM   800  C CG  . LEU A 1 101 ? 5.976   14.650  8.404   1.00 34.05  ? 115 LEU A CG  1 
ATOM   801  C CD1 . LEU A 1 101 ? 6.074   15.438  9.712   1.00 36.72  ? 115 LEU A CD1 1 
ATOM   802  C CD2 . LEU A 1 101 ? 5.583   15.558  7.250   1.00 38.26  ? 115 LEU A CD2 1 
ATOM   803  N N   . ILE A 1 102 ? 9.421   12.616  5.772   1.00 30.93  ? 116 ILE A N   1 
ATOM   804  C CA  . ILE A 1 102 ? 10.794  12.101  5.712   1.00 33.18  ? 116 ILE A CA  1 
ATOM   805  C C   . ILE A 1 102 ? 11.759  13.102  5.114   1.00 31.40  ? 116 ILE A C   1 
ATOM   806  O O   . ILE A 1 102 ? 11.366  14.003  4.355   1.00 32.14  ? 116 ILE A O   1 
ATOM   807  C CB  . ILE A 1 102 ? 10.954  10.722  4.997   1.00 40.11  ? 116 ILE A CB  1 
ATOM   808  C CG1 . ILE A 1 102 ? 10.618  10.798  3.516   1.00 39.89  ? 116 ILE A CG1 1 
ATOM   809  C CG2 . ILE A 1 102 ? 10.160  9.613   5.682   1.00 45.54  ? 116 ILE A CG2 1 
ATOM   810  C CD1 . ILE A 1 102 ? 9.173   11.010  3.202   1.00 43.59  ? 116 ILE A CD1 1 
ATOM   811  N N   . ASP A 1 103 ? 13.018  12.948  5.496   1.00 33.60  ? 117 ASP A N   1 
ATOM   812  C CA  . ASP A 1 103 ? 14.143  13.710  4.948   1.00 36.94  ? 117 ASP A CA  1 
ATOM   813  C C   . ASP A 1 103 ? 14.050  15.229  5.134   1.00 33.61  ? 117 ASP A C   1 
ATOM   814  O O   . ASP A 1 103 ? 14.762  15.945  4.455   1.00 35.33  ? 117 ASP A O   1 
ATOM   815  C CB  . ASP A 1 103 ? 14.345  13.390  3.446   1.00 40.89  ? 117 ASP A CB  1 
ATOM   816  C CG  . ASP A 1 103 ? 14.696  11.930  3.189   1.00 48.30  ? 117 ASP A CG  1 
ATOM   817  O OD1 . ASP A 1 103 ? 15.217  11.270  4.108   1.00 51.35  ? 117 ASP A OD1 1 
ATOM   818  O OD2 . ASP A 1 103 ? 14.457  11.441  2.057   1.00 51.60  ? 117 ASP A OD2 1 
ATOM   819  N N   . THR A 1 104 ? 13.163  15.688  6.030   1.00 31.11  ? 118 THR A N   1 
ATOM   820  C CA  . THR A 1 104 ? 12.878  17.106  6.311   1.00 30.95  ? 118 THR A CA  1 
ATOM   821  C C   . THR A 1 104 ? 12.109  17.879  5.233   1.00 31.22  ? 118 THR A C   1 
ATOM   822  O O   . THR A 1 104 ? 11.536  18.924  5.539   1.00 32.79  ? 118 THR A O   1 
ATOM   823  C CB  . THR A 1 104 ? 14.141  17.921  6.717   1.00 32.14  ? 118 THR A CB  1 
ATOM   824  O OG1 . THR A 1 104 ? 14.939  18.234  5.567   1.00 32.65  ? 118 THR A OG1 1 
ATOM   825  C CG2 . THR A 1 104 ? 14.973  17.175  7.738   1.00 33.44  ? 118 THR A CG2 1 
ATOM   826  N N   . ASP A 1 105 ? 12.061  17.374  3.990   1.00 28.65  ? 119 ASP A N   1 
ATOM   827  C CA  . ASP A 1 105 ? 11.471  18.111  2.884   1.00 29.66  ? 119 ASP A CA  1 
ATOM   828  C C   . ASP A 1 105 ? 10.461  17.304  2.043   1.00 28.19  ? 119 ASP A C   1 
ATOM   829  O O   . ASP A 1 105 ? 10.012  17.794  1.020   1.00 27.51  ? 119 ASP A O   1 
ATOM   830  C CB  . ASP A 1 105 ? 12.573  18.644  1.949   1.00 30.96  ? 119 ASP A CB  1 
ATOM   831  C CG  . ASP A 1 105 ? 13.411  17.533  1.293   1.00 35.70  ? 119 ASP A CG  1 
ATOM   832  O OD1 . ASP A 1 105 ? 13.073  16.320  1.386   1.00 35.12  ? 119 ASP A OD1 1 
ATOM   833  O OD2 . ASP A 1 105 ? 14.454  17.874  0.681   1.00 40.86  ? 119 ASP A OD2 1 
ATOM   834  N N   . THR A 1 106 ? 10.056  16.141  2.531   1.00 27.09  ? 120 THR A N   1 
ATOM   835  C CA  . THR A 1 106 ? 9.239   15.227  1.741   1.00 27.80  ? 120 THR A CA  1 
ATOM   836  C C   . THR A 1 106 ? 8.054   14.747  2.568   1.00 27.75  ? 120 THR A C   1 
ATOM   837  O O   . THR A 1 106 ? 8.177   14.512  3.794   1.00 27.23  ? 120 THR A O   1 
ATOM   838  C CB  . THR A 1 106 ? 10.097  14.058  1.252   1.00 29.49  ? 120 THR A CB  1 
ATOM   839  O OG1 . THR A 1 106 ? 11.188  14.590  0.502   1.00 29.42  ? 120 THR A OG1 1 
ATOM   840  C CG2 . THR A 1 106 ? 9.271   13.082  0.359   1.00 28.81  ? 120 THR A CG2 1 
ATOM   841  N N   . LEU A 1 107 ? 6.903   14.670  1.899   1.00 25.47  ? 121 LEU A N   1 
ATOM   842  C CA  . LEU A 1 107 ? 5.668   14.180  2.479   1.00 25.00  ? 121 LEU A CA  1 
ATOM   843  C C   . LEU A 1 107 ? 5.100   13.085  1.570   1.00 25.89  ? 121 LEU A C   1 
ATOM   844  O O   . LEU A 1 107 ? 4.844   13.337  0.391   1.00 25.26  ? 121 LEU A O   1 
ATOM   845  C CB  . LEU A 1 107 ? 4.673   15.314  2.634   1.00 27.41  ? 121 LEU A CB  1 
ATOM   846  C CG  . LEU A 1 107 ? 3.437   15.049  3.499   1.00 31.09  ? 121 LEU A CG  1 
ATOM   847  C CD1 . LEU A 1 107 ? 3.015   16.277  4.288   1.00 36.10  ? 121 LEU A CD1 1 
ATOM   848  C CD2 . LEU A 1 107 ? 2.267   14.608  2.664   1.00 33.59  ? 121 LEU A CD2 1 
ATOM   849  N N   . ILE A 1 108 ? 4.917   11.901  2.132   1.00 24.21  ? 122 ILE A N   1 
ATOM   850  C CA  . ILE A 1 108 ? 4.390   10.738  1.393   1.00 24.78  ? 122 ILE A CA  1 
ATOM   851  C C   . ILE A 1 108 ? 2.983   10.482  1.927   1.00 25.00  ? 122 ILE A C   1 
ATOM   852  O O   . ILE A 1 108 ? 2.818   10.158  3.123   1.00 24.04  ? 122 ILE A O   1 
ATOM   853  C CB  . ILE A 1 108 ? 5.263   9.492   1.576   1.00 24.93  ? 122 ILE A CB  1 
ATOM   854  C CG1 . ILE A 1 108 ? 6.713   9.761   1.152   1.00 26.96  ? 122 ILE A CG1 1 
ATOM   855  C CG2 . ILE A 1 108 ? 4.709   8.310   0.760   1.00 27.22  ? 122 ILE A CG2 1 
ATOM   856  C CD1 . ILE A 1 108 ? 7.668   8.638   1.486   1.00 30.02  ? 122 ILE A CD1 1 
ATOM   857  N N   . THR A 1 109 ? 1.986   10.574  1.053   1.00 22.82  ? 123 THR A N   1 
ATOM   858  C CA  . THR A 1 109 ? 0.582   10.469  1.406   1.00 23.59  ? 123 THR A CA  1 
ATOM   859  C C   . THR A 1 109 ? 0.063   9.084   0.977   1.00 24.41  ? 123 THR A C   1 
ATOM   860  O O   . THR A 1 109 ? 0.121   8.762   -0.206  1.00 23.28  ? 123 THR A O   1 
ATOM   861  C CB  . THR A 1 109 ? -0.272  11.555  0.738   1.00 26.64  ? 123 THR A CB  1 
ATOM   862  O OG1 . THR A 1 109 ? 0.222   12.862  1.111   1.00 28.94  ? 123 THR A OG1 1 
ATOM   863  C CG2 . THR A 1 109 ? -1.700  11.466  1.150   1.00 27.35  ? 123 THR A CG2 1 
ATOM   864  N N   . PRO A 1 110 ? -0.415  8.268   1.931   1.00 24.16  ? 124 PRO A N   1 
ATOM   865  C CA  . PRO A 1 110 ? -0.983  6.949   1.617   1.00 23.82  ? 124 PRO A CA  1 
ATOM   866  C C   . PRO A 1 110 ? -2.495  6.988   1.433   1.00 24.19  ? 124 PRO A C   1 
ATOM   867  O O   . PRO A 1 110 ? -3.232  7.623   2.205   1.00 26.01  ? 124 PRO A O   1 
ATOM   868  C CB  . PRO A 1 110 ? -0.596  6.110   2.823   1.00 24.23  ? 124 PRO A CB  1 
ATOM   869  C CG  . PRO A 1 110 ? -0.478  7.076   3.949   1.00 26.03  ? 124 PRO A CG  1 
ATOM   870  C CD  . PRO A 1 110 ? -0.284  8.455   3.393   1.00 24.04  ? 124 PRO A CD  1 
ATOM   871  N N   . PHE A 1 111 ? -2.975  6.293   0.396   1.00 22.13  ? 125 PHE A N   1 
ATOM   872  C CA  . PHE A 1 111 ? -4.387  6.144   0.127   1.00 22.63  ? 125 PHE A CA  1 
ATOM   873  C C   . PHE A 1 111 ? -4.737  4.669   0.149   1.00 22.84  ? 125 PHE A C   1 
ATOM   874  O O   . PHE A 1 111 ? -3.983  3.878   -0.367  1.00 24.46  ? 125 PHE A O   1 
ATOM   875  C CB  . PHE A 1 111 ? -4.719  6.694   -1.250  1.00 23.39  ? 125 PHE A CB  1 
ATOM   876  C CG  . PHE A 1 111 ? -4.570  8.178   -1.327  1.00 23.53  ? 125 PHE A CG  1 
ATOM   877  C CD1 . PHE A 1 111 ? -3.347  8.724   -1.634  1.00 23.87  ? 125 PHE A CD1 1 
ATOM   878  C CD2 . PHE A 1 111 ? -5.634  9.001   -1.041  1.00 24.88  ? 125 PHE A CD2 1 
ATOM   879  C CE1 . PHE A 1 111 ? -3.196  10.104  -1.661  1.00 24.48  ? 125 PHE A CE1 1 
ATOM   880  C CE2 . PHE A 1 111 ? -5.487  10.377  -1.078  1.00 25.86  ? 125 PHE A CE2 1 
ATOM   881  C CZ  . PHE A 1 111 ? -4.259  10.912  -1.372  1.00 24.27  ? 125 PHE A CZ  1 
ATOM   882  N N   . VAL A 1 112 ? -5.849  4.312   0.778   1.00 23.19  ? 126 VAL A N   1 
ATOM   883  C CA  . VAL A 1 112 ? -6.303  2.933   0.779   1.00 23.88  ? 126 VAL A CA  1 
ATOM   884  C C   . VAL A 1 112 ? -7.313  2.766   -0.347  1.00 23.67  ? 126 VAL A C   1 
ATOM   885  O O   . VAL A 1 112 ? -8.268  3.533   -0.467  1.00 24.41  ? 126 VAL A O   1 
ATOM   886  C CB  . VAL A 1 112 ? -6.917  2.501   2.108   1.00 24.07  ? 126 VAL A CB  1 
ATOM   887  C CG1 . VAL A 1 112 ? -7.320  1.010   2.028   1.00 25.27  ? 126 VAL A CG1 1 
ATOM   888  C CG2 . VAL A 1 112 ? -5.922  2.716   3.229   1.00 25.25  ? 126 VAL A CG2 1 
ATOM   889  N N   . GLY A 1 113 ? -7.109  1.720   -1.155  1.00 23.42  ? 127 GLY A N   1 
ATOM   890  C CA  . GLY A 1 113 ? -7.965  1.455   -2.310  1.00 24.70  ? 127 GLY A CA  1 
ATOM   891  C C   . GLY A 1 113 ? -8.520  0.052   -2.266  1.00 24.95  ? 127 GLY A C   1 
ATOM   892  O O   . GLY A 1 113 ? -7.783  -0.870  -1.954  1.00 26.57  ? 127 GLY A O   1 
ATOM   893  N N   . LEU A 1 114 ? -9.823  -0.090  -2.515  1.00 24.66  ? 128 LEU A N   1 
ATOM   894  C CA  . LEU A 1 114 ? -10.469 -1.403  -2.651  1.00 27.78  ? 128 LEU A CA  1 
ATOM   895  C C   . LEU A 1 114 ? -10.353 -1.839  -4.106  1.00 25.22  ? 128 LEU A C   1 
ATOM   896  O O   . LEU A 1 114 ? -10.739 -1.071  -4.999  1.00 26.48  ? 128 LEU A O   1 
ATOM   897  C CB  . LEU A 1 114 ? -11.951 -1.328  -2.309  1.00 31.66  ? 128 LEU A CB  1 
ATOM   898  C CG  . LEU A 1 114 ? -12.493 -1.024  -0.916  1.00 39.21  ? 128 LEU A CG  1 
ATOM   899  C CD1 . LEU A 1 114 ? -13.799 -1.805  -0.734  1.00 42.89  ? 128 LEU A CD1 1 
ATOM   900  C CD2 . LEU A 1 114 ? -11.503 -1.369  0.185   1.00 38.93  ? 128 LEU A CD2 1 
ATOM   901  N N   . ILE A 1 115 ? -9.810  -3.027  -4.329  1.00 24.26  ? 129 ILE A N   1 
ATOM   902  C CA  . ILE A 1 115 ? -9.473  -3.516  -5.682  1.00 23.98  ? 129 ILE A CA  1 
ATOM   903  C C   . ILE A 1 115 ? -10.550 -4.472  -6.179  1.00 24.99  ? 129 ILE A C   1 
ATOM   904  O O   . ILE A 1 115 ? -10.973 -5.374  -5.453  1.00 25.91  ? 129 ILE A O   1 
ATOM   905  C CB  . ILE A 1 115 ? -8.104  -4.189  -5.677  1.00 24.16  ? 129 ILE A CB  1 
ATOM   906  C CG1 . ILE A 1 115 ? -7.037  -3.193  -5.159  1.00 25.72  ? 129 ILE A CG1 1 
ATOM   907  C CG2 . ILE A 1 115 ? -7.713  -4.719  -7.049  1.00 25.61  ? 129 ILE A CG2 1 
ATOM   908  C CD1 . ILE A 1 115 ? -6.918  -1.911  -5.959  1.00 25.98  ? 129 ILE A CD1 1 
ATOM   909  N N   . ASP A 1 116 ? -10.980 -4.256  -7.418  1.00 26.10  ? 130 ASP A N   1 
ATOM   910  C CA  . ASP A 1 116 ? -11.954 -5.122  -8.065  1.00 26.56  ? 130 ASP A CA  1 
ATOM   911  C C   . ASP A 1 116 ? -11.520 -6.581  -8.118  1.00 26.27  ? 130 ASP A C   1 
ATOM   912  O O   . ASP A 1 116 ? -10.363 -6.903  -8.372  1.00 25.59  ? 130 ASP A O   1 
ATOM   913  C CB  . ASP A 1 116 ? -12.202 -4.645  -9.490  1.00 28.23  ? 130 ASP A CB  1 
ATOM   914  C CG  . ASP A 1 116 ? -13.382 -5.375  -10.137 1.00 30.76  ? 130 ASP A CG  1 
ATOM   915  O OD1 . ASP A 1 116 ? -14.530 -5.056  -9.807  1.00 36.60  ? 130 ASP A OD1 1 
ATOM   916  O OD2 . ASP A 1 116 ? -13.134 -6.309  -10.909 1.00 29.00  ? 130 ASP A OD2 1 
ATOM   917  N N   . HIS A 1 117 ? -12.472 -7.489  -7.904  1.00 27.26  ? 131 HIS A N   1 
ATOM   918  C CA  . HIS A 1 117 ? -12.157 -8.939  -7.947  1.00 28.30  ? 131 HIS A CA  1 
ATOM   919  C C   . HIS A 1 117 ? -11.663 -9.497  -9.290  1.00 27.45  ? 131 HIS A C   1 
ATOM   920  O O   . HIS A 1 117 ? -11.057 -10.554 -9.306  1.00 29.82  ? 131 HIS A O   1 
ATOM   921  C CB  . HIS A 1 117 ? -13.315 -9.777  -7.356  1.00 29.80  ? 131 HIS A CB  1 
ATOM   922  C CG  . HIS A 1 117 ? -14.504 -9.928  -8.262  1.00 32.04  ? 131 HIS A CG  1 
ATOM   923  N ND1 . HIS A 1 117 ? -15.145 -8.866  -8.860  1.00 33.33  ? 131 HIS A ND1 1 
ATOM   924  C CD2 . HIS A 1 117 ? -15.170 -11.039 -8.665  1.00 32.16  ? 131 HIS A CD2 1 
ATOM   925  C CE1 . HIS A 1 117 ? -16.149 -9.316  -9.595  1.00 29.43  ? 131 HIS A CE1 1 
ATOM   926  N NE2 . HIS A 1 117 ? -16.186 -10.627 -9.497  1.00 35.03  ? 131 HIS A NE2 1 
ATOM   927  N N   . ASN A 1 118 ? -11.900 -8.815  -10.408 1.00 28.51  ? 132 ASN A N   1 
ATOM   928  C CA  . ASN A 1 118 ? -11.399 -9.284  -11.705 1.00 29.19  ? 132 ASN A CA  1 
ATOM   929  C C   . ASN A 1 118 ? -10.030 -8.691  -12.074 1.00 31.49  ? 132 ASN A C   1 
ATOM   930  O O   . ASN A 1 118 ? -9.483  -8.999  -13.133 1.00 31.97  ? 132 ASN A O   1 
ATOM   931  C CB  . ASN A 1 118 ? -12.426 -9.022  -12.810 1.00 29.86  ? 132 ASN A CB  1 
ATOM   932  C CG  . ASN A 1 118 ? -13.648 -9.930  -12.682 1.00 32.05  ? 132 ASN A CG  1 
ATOM   933  O OD1 . ASN A 1 118 ? -14.798 -9.467  -12.683 1.00 34.79  ? 132 ASN A OD1 1 
ATOM   934  N ND2 . ASN A 1 118 ? -13.394 -11.222 -12.515 1.00 32.30  ? 132 ASN A ND2 1 
ATOM   935  N N   . PHE A 1 119 ? -9.463  -7.839  -11.211 1.00 29.38  ? 133 PHE A N   1 
ATOM   936  C CA  . PHE A 1 119 ? -8.119  -7.344  -11.469 1.00 29.50  ? 133 PHE A CA  1 
ATOM   937  C C   . PHE A 1 119 ? -7.112  -8.472  -11.392 1.00 28.73  ? 133 PHE A C   1 
ATOM   938  O O   . PHE A 1 119 ? -7.138  -9.265  -10.463 1.00 30.67  ? 133 PHE A O   1 
ATOM   939  C CB  . PHE A 1 119 ? -7.741  -6.258  -10.449 1.00 28.96  ? 133 PHE A CB  1 
ATOM   940  C CG  . PHE A 1 119 ? -6.270  -5.911  -10.449 1.00 29.28  ? 133 PHE A CG  1 
ATOM   941  C CD1 . PHE A 1 119 ? -5.720  -5.172  -11.486 1.00 30.29  ? 133 PHE A CD1 1 
ATOM   942  C CD2 . PHE A 1 119 ? -5.455  -6.333  -9.416  1.00 29.51  ? 133 PHE A CD2 1 
ATOM   943  C CE1 . PHE A 1 119 ? -4.364  -4.852  -11.477 1.00 30.77  ? 133 PHE A CE1 1 
ATOM   944  C CE2 . PHE A 1 119 ? -4.100  -6.006  -9.408  1.00 31.24  ? 133 PHE A CE2 1 
ATOM   945  C CZ  . PHE A 1 119 ? -3.571  -5.270  -10.435 1.00 29.28  ? 133 PHE A CZ  1 
ATOM   946  N N   . GLN A 1 120 ? -6.211  -8.522  -12.360 1.00 31.24  ? 134 GLN A N   1 
ATOM   947  C CA  . GLN A 1 120 ? -5.074  -9.437  -12.311 1.00 35.26  ? 134 GLN A CA  1 
ATOM   948  C C   . GLN A 1 120 ? -3.806  -8.642  -12.575 1.00 31.37  ? 134 GLN A C   1 
ATOM   949  O O   . GLN A 1 120 ? -3.706  -7.990  -13.609 1.00 30.65  ? 134 GLN A O   1 
ATOM   950  C CB  . GLN A 1 120 ? -5.239  -10.526 -13.356 1.00 41.06  ? 134 GLN A CB  1 
ATOM   951  C CG  . GLN A 1 120 ? -6.355  -11.499 -12.992 1.00 48.65  ? 134 GLN A CG  1 
ATOM   952  C CD  . GLN A 1 120 ? -5.865  -12.923 -12.927 1.00 54.45  ? 134 GLN A CD  1 
ATOM   953  O OE1 . GLN A 1 120 ? -5.929  -13.570 -11.877 1.00 65.35  ? 134 GLN A OE1 1 
ATOM   954  N NE2 . GLN A 1 120 ? -5.345  -13.413 -14.048 1.00 65.83  ? 134 GLN A NE2 1 
ATOM   955  N N   . ALA A 1 121 ? -2.860  -8.705  -11.641 1.00 33.68  ? 135 ALA A N   1 
ATOM   956  C CA  . ALA A 1 121 ? -1.653  -7.889  -11.740 1.00 35.29  ? 135 ALA A CA  1 
ATOM   957  C C   . ALA A 1 121 ? -0.872  -8.248  -12.974 1.00 35.84  ? 135 ALA A C   1 
ATOM   958  O O   . ALA A 1 121 ? -0.716  -9.435  -13.314 1.00 34.67  ? 135 ALA A O   1 
ATOM   959  C CB  . ALA A 1 121 ? -0.775  -8.046  -10.513 1.00 37.13  ? 135 ALA A CB  1 
ATOM   960  N N   . GLN A 1 122 ? -0.399  -7.206  -13.645 1.00 31.79  ? 136 GLN A N   1 
ATOM   961  C CA  . GLN A 1 122 ? 0.484   -7.319  -14.789 1.00 33.73  ? 136 GLN A CA  1 
ATOM   962  C C   . GLN A 1 122 ? 1.758   -6.554  -14.435 1.00 31.34  ? 136 GLN A C   1 
ATOM   963  O O   . GLN A 1 122 ? 1.869   -5.374  -14.772 1.00 31.72  ? 136 GLN A O   1 
ATOM   964  C CB  . GLN A 1 122 ? -0.217  -6.748  -16.023 1.00 37.88  ? 136 GLN A CB  1 
ATOM   965  C CG  . GLN A 1 122 ? -1.464  -7.561  -16.380 1.00 44.60  ? 136 GLN A CG  1 
ATOM   966  C CD  . GLN A 1 122 ? -2.293  -6.963  -17.500 1.00 49.93  ? 136 GLN A CD  1 
ATOM   967  O OE1 . GLN A 1 122 ? -2.567  -5.760  -17.527 1.00 56.64  ? 136 GLN A OE1 1 
ATOM   968  N NE2 . GLN A 1 122 ? -2.719  -7.816  -18.428 1.00 61.61  ? 136 GLN A NE2 1 
ATOM   969  N N   . PRO A 1 123 ? 2.710   -7.217  -13.741 1.00 31.04  ? 137 PRO A N   1 
ATOM   970  C CA  . PRO A 1 123 ? 3.934   -6.521  -13.348 1.00 30.75  ? 137 PRO A CA  1 
ATOM   971  C C   . PRO A 1 123 ? 4.683   -5.934  -14.539 1.00 34.25  ? 137 PRO A C   1 
ATOM   972  O O   . PRO A 1 123 ? 4.955   -6.641  -15.530 1.00 33.03  ? 137 PRO A O   1 
ATOM   973  C CB  . PRO A 1 123 ? 4.759   -7.606  -12.663 1.00 30.56  ? 137 PRO A CB  1 
ATOM   974  C CG  . PRO A 1 123 ? 3.761   -8.601  -12.195 1.00 31.38  ? 137 PRO A CG  1 
ATOM   975  C CD  . PRO A 1 123 ? 2.691   -8.596  -13.224 1.00 32.45  ? 137 PRO A CD  1 
ATOM   976  N N   . ASN A 1 124 ? 4.957   -4.636  -14.458 1.00 30.78  ? 138 ASN A N   1 
ATOM   977  C CA  . ASN A 1 124 ? 5.753   -3.931  -15.450 1.00 30.77  ? 138 ASN A CA  1 
ATOM   978  C C   . ASN A 1 124 ? 7.233   -4.062  -15.045 1.00 31.17  ? 138 ASN A C   1 
ATOM   979  O O   . ASN A 1 124 ? 7.674   -3.430  -14.090 1.00 28.68  ? 138 ASN A O   1 
ATOM   980  C CB  . ASN A 1 124 ? 5.308   -2.464  -15.509 1.00 30.34  ? 138 ASN A CB  1 
ATOM   981  C CG  . ASN A 1 124 ? 6.163   -1.618  -16.438 1.00 30.62  ? 138 ASN A CG  1 
ATOM   982  O OD1 . ASN A 1 124 ? 7.167   -2.089  -16.982 1.00 34.81  ? 138 ASN A OD1 1 
ATOM   983  N ND2 . ASN A 1 124 ? 5.777   -0.350  -16.613 1.00 33.28  ? 138 ASN A ND2 1 
ATOM   984  N N   . PRO A 1 125 ? 8.023   -4.877  -15.774 1.00 29.41  ? 139 PRO A N   1 
ATOM   985  C CA  . PRO A 1 125 ? 9.378   -5.162  -15.316 1.00 30.24  ? 139 PRO A CA  1 
ATOM   986  C C   . PRO A 1 125 ? 10.342  -3.959  -15.287 1.00 30.15  ? 139 PRO A C   1 
ATOM   987  O O   . PRO A 1 125 ? 11.352  -4.048  -14.601 1.00 33.29  ? 139 PRO A O   1 
ATOM   988  C CB  . PRO A 1 125 ? 9.872   -6.263  -16.283 1.00 30.79  ? 139 PRO A CB  1 
ATOM   989  C CG  . PRO A 1 125 ? 9.048   -6.097  -17.493 1.00 31.38  ? 139 PRO A CG  1 
ATOM   990  C CD  . PRO A 1 125 ? 7.723   -5.511  -17.079 1.00 30.99  ? 139 PRO A CD  1 
ATOM   991  N N   . ALA A 1 126 ? 10.014  -2.865  -15.976 1.00 31.42  ? 140 ALA A N   1 
ATOM   992  C CA  . ALA A 1 126 ? 10.790  -1.616  -15.857 1.00 34.71  ? 140 ALA A CA  1 
ATOM   993  C C   . ALA A 1 126 ? 10.617  -0.963  -14.473 1.00 34.51  ? 140 ALA A C   1 
ATOM   994  O O   . ALA A 1 126 ? 11.459  -0.160  -14.048 1.00 35.43  ? 140 ALA A O   1 
ATOM   995  C CB  . ALA A 1 126 ? 10.385  -0.634  -16.949 1.00 35.41  ? 140 ALA A CB  1 
ATOM   996  N N   . GLU A 1 127 ? 9.521   -1.292  -13.786 1.00 33.67  ? 141 GLU A N   1 
ATOM   997  C CA  . GLU A 1 127 ? 9.194   -0.697  -12.474 1.00 32.69  ? 141 GLU A CA  1 
ATOM   998  C C   . GLU A 1 127 ? 9.288   -1.698  -11.324 1.00 31.67  ? 141 GLU A C   1 
ATOM   999  O O   . GLU A 1 127 ? 9.747   -1.360  -10.242 1.00 30.48  ? 141 GLU A O   1 
ATOM   1000 C CB  . GLU A 1 127 ? 7.776   -0.127  -12.486 1.00 34.74  ? 141 GLU A CB  1 
ATOM   1001 C CG  . GLU A 1 127 ? 7.445   0.867   -13.601 1.00 38.33  ? 141 GLU A CG  1 
ATOM   1002 C CD  . GLU A 1 127 ? 8.140   2.201   -13.459 1.00 43.35  ? 141 GLU A CD  1 
ATOM   1003 O OE1 . GLU A 1 127 ? 8.396   2.634   -12.318 1.00 48.37  ? 141 GLU A OE1 1 
ATOM   1004 O OE2 . GLU A 1 127 ? 8.410   2.825   -14.506 1.00 49.11  ? 141 GLU A OE2 1 
ATOM   1005 N N   . VAL A 1 128 ? 8.818   -2.927  -11.531 1.00 29.38  ? 142 VAL A N   1 
ATOM   1006 C CA  . VAL A 1 128 ? 8.706   -3.881  -10.432 1.00 30.40  ? 142 VAL A CA  1 
ATOM   1007 C C   . VAL A 1 128 ? 9.190   -5.251  -10.871 1.00 30.16  ? 142 VAL A C   1 
ATOM   1008 O O   . VAL A 1 128 ? 8.886   -5.681  -11.991 1.00 30.80  ? 142 VAL A O   1 
ATOM   1009 C CB  . VAL A 1 128 ? 7.262   -3.990  -9.871  1.00 32.07  ? 142 VAL A CB  1 
ATOM   1010 C CG1 . VAL A 1 128 ? 6.792   -2.661  -9.302  1.00 32.34  ? 142 VAL A CG1 1 
ATOM   1011 C CG2 . VAL A 1 128 ? 6.283   -4.476  -10.915 1.00 32.59  ? 142 VAL A CG2 1 
ATOM   1012 N N   . LYS A 1 129 ? 9.927   -5.923  -9.995  1.00 31.61  ? 143 LYS A N   1 
ATOM   1013 C CA  . LYS A 1 129 ? 10.350  -7.297  -10.278 1.00 34.07  ? 143 LYS A CA  1 
ATOM   1014 C C   . LYS A 1 129 ? 9.376   -8.355  -9.774  1.00 33.22  ? 143 LYS A C   1 
ATOM   1015 O O   . LYS A 1 129 ? 9.467   -9.507  -10.185 1.00 32.52  ? 143 LYS A O   1 
ATOM   1016 C CB  . LYS A 1 129 ? 11.792  -7.590  -9.851  1.00 41.33  ? 143 LYS A CB  1 
ATOM   1017 C CG  . LYS A 1 129 ? 12.179  -7.434  -8.402  1.00 46.41  ? 143 LYS A CG  1 
ATOM   1018 C CD  . LYS A 1 129 ? 13.701  -7.434  -8.318  1.00 52.25  ? 143 LYS A CD  1 
ATOM   1019 C CE  . LYS A 1 129 ? 14.223  -7.571  -6.902  1.00 58.38  ? 143 LYS A CE  1 
ATOM   1020 N NZ  . LYS A 1 129 ? 15.716  -7.660  -6.858  1.00 62.85  ? 143 LYS A NZ  1 
ATOM   1021 N N   . ASP A 1 130 ? 8.427   -7.975  -8.917  1.00 29.90  ? 144 ASP A N   1 
ATOM   1022 C CA  . ASP A 1 130 ? 7.453   -8.932  -8.396  1.00 28.62  ? 144 ASP A CA  1 
ATOM   1023 C C   . ASP A 1 130 ? 6.264   -8.158  -7.804  1.00 28.12  ? 144 ASP A C   1 
ATOM   1024 O O   . ASP A 1 130 ? 6.380   -6.948  -7.530  1.00 28.95  ? 144 ASP A O   1 
ATOM   1025 C CB  . ASP A 1 130 ? 8.128   -9.822  -7.339  1.00 28.37  ? 144 ASP A CB  1 
ATOM   1026 C CG  . ASP A 1 130 ? 7.387   -11.128 -7.057  1.00 28.84  ? 144 ASP A CG  1 
ATOM   1027 O OD1 . ASP A 1 130 ? 6.312   -11.394 -7.632  1.00 29.23  ? 144 ASP A OD1 1 
ATOM   1028 O OD2 . ASP A 1 130 ? 7.899   -11.901 -6.202  1.00 31.96  ? 144 ASP A OD2 1 
ATOM   1029 N N   . VAL A 1 131 ? 5.132   -8.841  -7.707  1.00 27.70  ? 145 VAL A N   1 
ATOM   1030 C CA  . VAL A 1 131 ? 3.900   -8.350  -7.056  1.00 28.74  ? 145 VAL A CA  1 
ATOM   1031 C C   . VAL A 1 131 ? 3.391   -9.532  -6.232  1.00 29.30  ? 145 VAL A C   1 
ATOM   1032 O O   . VAL A 1 131 ? 3.431   -10.682 -6.686  1.00 30.20  ? 145 VAL A O   1 
ATOM   1033 C CB  . VAL A 1 131 ? 2.840   -7.905  -8.082  1.00 28.87  ? 145 VAL A CB  1 
ATOM   1034 C CG1 . VAL A 1 131 ? 1.525   -7.536  -7.408  1.00 32.25  ? 145 VAL A CG1 1 
ATOM   1035 C CG2 . VAL A 1 131 ? 3.349   -6.758  -8.943  1.00 30.13  ? 145 VAL A CG2 1 
ATOM   1036 N N   . PHE A 1 132 ? 2.955   -9.302  -5.000  1.00 26.11  ? 146 PHE A N   1 
ATOM   1037 C CA  . PHE A 1 132 ? 2.518   -10.398 -4.153  1.00 25.89  ? 146 PHE A CA  1 
ATOM   1038 C C   . PHE A 1 132 ? 1.492   -9.917  -3.145  1.00 28.22  ? 146 PHE A C   1 
ATOM   1039 O O   . PHE A 1 132 ? 1.445   -8.725  -2.829  1.00 26.74  ? 146 PHE A O   1 
ATOM   1040 C CB  . PHE A 1 132 ? 3.689   -11.095 -3.451  1.00 28.86  ? 146 PHE A CB  1 
ATOM   1041 C CG  . PHE A 1 132 ? 4.415   -10.245 -2.440  1.00 27.61  ? 146 PHE A CG  1 
ATOM   1042 C CD1 . PHE A 1 132 ? 5.375   -9.332  -2.854  1.00 29.71  ? 146 PHE A CD1 1 
ATOM   1043 C CD2 . PHE A 1 132 ? 4.159   -10.384 -1.075  1.00 28.44  ? 146 PHE A CD2 1 
ATOM   1044 C CE1 . PHE A 1 132 ? 6.064   -8.547  -1.924  1.00 27.96  ? 146 PHE A CE1 1 
ATOM   1045 C CE2 . PHE A 1 132 ? 4.845   -9.609  -0.142  1.00 29.31  ? 146 PHE A CE2 1 
ATOM   1046 C CZ  . PHE A 1 132 ? 5.790   -8.692  -0.569  1.00 29.20  ? 146 PHE A CZ  1 
ATOM   1047 N N   . LEU A 1 133 ? 0.674   -10.845 -2.673  1.00 27.31  ? 147 LEU A N   1 
ATOM   1048 C CA  . LEU A 1 133 ? -0.350  -10.561 -1.680  1.00 27.39  ? 147 LEU A CA  1 
ATOM   1049 C C   . LEU A 1 133 ? 0.068   -11.068 -0.326  1.00 29.24  ? 147 LEU A C   1 
ATOM   1050 O O   . LEU A 1 133 ? 0.745   -12.095 -0.227  1.00 29.06  ? 147 LEU A O   1 
ATOM   1051 C CB  . LEU A 1 133 ? -1.659  -11.236 -2.051  1.00 28.99  ? 147 LEU A CB  1 
ATOM   1052 C CG  . LEU A 1 133 ? -2.327  -10.853 -3.360  1.00 30.83  ? 147 LEU A CG  1 
ATOM   1053 C CD1 . LEU A 1 133 ? -3.602  -11.663 -3.502  1.00 34.03  ? 147 LEU A CD1 1 
ATOM   1054 C CD2 . LEU A 1 133 ? -2.634  -9.366  -3.442  1.00 31.83  ? 147 LEU A CD2 1 
ATOM   1055 N N   . VAL A 1 134 ? -0.363  -10.369 0.724   1.00 25.24  ? 148 VAL A N   1 
ATOM   1056 C CA  . VAL A 1 134 ? -0.212  -10.865 2.100   1.00 26.42  ? 148 VAL A CA  1 
ATOM   1057 C C   . VAL A 1 134 ? -1.552  -10.712 2.783   1.00 25.42  ? 148 VAL A C   1 
ATOM   1058 O O   . VAL A 1 134 ? -2.169  -9.651  2.723   1.00 24.92  ? 148 VAL A O   1 
ATOM   1059 C CB  . VAL A 1 134 ? 0.867   -10.087 2.910   1.00 26.15  ? 148 VAL A CB  1 
ATOM   1060 C CG1 . VAL A 1 134 ? 1.034   -10.690 4.309   1.00 27.31  ? 148 VAL A CG1 1 
ATOM   1061 C CG2 . VAL A 1 134 ? 2.199   -10.077 2.183   1.00 26.78  ? 148 VAL A CG2 1 
ATOM   1062 N N   . PRO A 1 135 ? -2.026  -11.764 3.485   1.00 24.90  ? 149 PRO A N   1 
ATOM   1063 C CA  . PRO A 1 135 ? -3.273  -11.565 4.190   1.00 24.91  ? 149 PRO A CA  1 
ATOM   1064 C C   . PRO A 1 135 ? -3.119  -10.460 5.237   1.00 23.35  ? 149 PRO A C   1 
ATOM   1065 O O   . PRO A 1 135 ? -2.110  -10.423 5.938   1.00 25.27  ? 149 PRO A O   1 
ATOM   1066 C CB  . PRO A 1 135 ? -3.509  -12.912 4.903   1.00 27.14  ? 149 PRO A CB  1 
ATOM   1067 C CG  . PRO A 1 135 ? -2.663  -13.892 4.165   1.00 28.42  ? 149 PRO A CG  1 
ATOM   1068 C CD  . PRO A 1 135 ? -1.499  -13.136 3.620   1.00 27.41  ? 149 PRO A CD  1 
ATOM   1069 N N   . LEU A 1 136 ? -4.128  -9.629  5.343   1.00 25.31  ? 150 LEU A N   1 
ATOM   1070 C CA  . LEU A 1 136 ? -4.090  -8.507  6.268   1.00 25.49  ? 150 LEU A CA  1 
ATOM   1071 C C   . LEU A 1 136 ? -3.876  -8.995  7.704   1.00 27.20  ? 150 LEU A C   1 
ATOM   1072 O O   . LEU A 1 136 ? -3.093  -8.410  8.466   1.00 27.72  ? 150 LEU A O   1 
ATOM   1073 C CB  . LEU A 1 136 ? -5.348  -7.676  6.109   1.00 27.80  ? 150 LEU A CB  1 
ATOM   1074 C CG  . LEU A 1 136 ? -5.404  -6.340  6.818   1.00 28.60  ? 150 LEU A CG  1 
ATOM   1075 C CD1 . LEU A 1 136 ? -4.309  -5.445  6.267   1.00 27.10  ? 150 LEU A CD1 1 
ATOM   1076 C CD2 . LEU A 1 136 ? -6.783  -5.752  6.596   1.00 29.08  ? 150 LEU A CD2 1 
ATOM   1077 N N   . ALA A 1 137 ? -4.488  -10.127 8.060   1.00 26.19  ? 151 ALA A N   1 
ATOM   1078 C CA  . ALA A 1 137 ? -4.327  -10.675 9.413   1.00 27.10  ? 151 ALA A CA  1 
ATOM   1079 C C   . ALA A 1 137 ? -2.891  -11.036 9.803   1.00 26.69  ? 151 ALA A C   1 
ATOM   1080 O O   . ALA A 1 137 ? -2.555  -11.061 10.992  1.00 29.87  ? 151 ALA A O   1 
ATOM   1081 C CB  . ALA A 1 137 ? -5.239  -11.882 9.598   1.00 28.98  ? 151 ALA A CB  1 
ATOM   1082 N N   . TYR A 1 138 ? -2.022  -11.294 8.829   1.00 25.91  ? 152 TYR A N   1 
ATOM   1083 C CA  . TYR A 1 138 ? -0.625  -11.580 9.098   1.00 26.15  ? 152 TYR A CA  1 
ATOM   1084 C C   . TYR A 1 138 ? 0.008   -10.475 9.970   1.00 27.19  ? 152 TYR A C   1 
ATOM   1085 O O   . TYR A 1 138 ? 0.850   -10.737 10.831  1.00 27.79  ? 152 TYR A O   1 
ATOM   1086 C CB  . TYR A 1 138 ? 0.175   -11.747 7.789   1.00 26.68  ? 152 TYR A CB  1 
ATOM   1087 C CG  . TYR A 1 138 ? 1.664   -11.737 7.996   1.00 27.36  ? 152 TYR A CG  1 
ATOM   1088 C CD1 . TYR A 1 138 ? 2.364   -12.878 8.364   1.00 28.48  ? 152 TYR A CD1 1 
ATOM   1089 C CD2 . TYR A 1 138 ? 2.375   -10.545 7.880   1.00 27.54  ? 152 TYR A CD2 1 
ATOM   1090 C CE1 . TYR A 1 138 ? 3.731   -12.830 8.596   1.00 29.03  ? 152 TYR A CE1 1 
ATOM   1091 C CE2 . TYR A 1 138 ? 3.733   -10.488 8.123   1.00 29.37  ? 152 TYR A CE2 1 
ATOM   1092 C CZ  . TYR A 1 138 ? 4.416   -11.630 8.475   1.00 29.56  ? 152 TYR A CZ  1 
ATOM   1093 O OH  . TYR A 1 138 ? 5.798   -11.529 8.708   1.00 32.47  ? 152 TYR A OH  1 
ATOM   1094 N N   . PHE A 1 139 ? -0.386  -9.233  9.711   1.00 26.35  ? 153 PHE A N   1 
ATOM   1095 C CA  . PHE A 1 139 ? 0.268   -8.086  10.353  1.00 26.79  ? 153 PHE A CA  1 
ATOM   1096 C C   . PHE A 1 139 ? -0.101  -7.908  11.830  1.00 31.02  ? 153 PHE A C   1 
ATOM   1097 O O   . PHE A 1 139 ? 0.508   -7.086  12.522  1.00 30.32  ? 153 PHE A O   1 
ATOM   1098 C CB  . PHE A 1 139 ? 0.050   -6.825  9.518   1.00 27.24  ? 153 PHE A CB  1 
ATOM   1099 C CG  . PHE A 1 139 ? 0.689   -6.929  8.168   1.00 25.25  ? 153 PHE A CG  1 
ATOM   1100 C CD1 . PHE A 1 139 ? 2.066   -6.779  8.025   1.00 26.19  ? 153 PHE A CD1 1 
ATOM   1101 C CD2 . PHE A 1 139 ? -0.068  -7.285  7.042   1.00 25.96  ? 153 PHE A CD2 1 
ATOM   1102 C CE1 . PHE A 1 139 ? 2.677   -6.941  6.799   1.00 26.23  ? 153 PHE A CE1 1 
ATOM   1103 C CE2 . PHE A 1 139 ? 0.545   -7.448  5.812   1.00 25.11  ? 153 PHE A CE2 1 
ATOM   1104 C CZ  . PHE A 1 139 ? 1.905   -7.271  5.682   1.00 25.89  ? 153 PHE A CZ  1 
ATOM   1105 N N   . LEU A 1 140 ? -1.063  -8.695  12.301  1.00 28.93  ? 154 LEU A N   1 
ATOM   1106 C CA  . LEU A 1 140 ? -1.356  -8.808  13.727  1.00 30.66  ? 154 LEU A CA  1 
ATOM   1107 C C   . LEU A 1 140 ? -0.436  -9.790  14.446  1.00 33.16  ? 154 LEU A C   1 
ATOM   1108 O O   . LEU A 1 140 ? -0.228  -9.662  15.646  1.00 32.90  ? 154 LEU A O   1 
ATOM   1109 C CB  . LEU A 1 140 ? -2.809  -9.206  13.939  1.00 29.75  ? 154 LEU A CB  1 
ATOM   1110 C CG  . LEU A 1 140 ? -3.857  -8.324  13.276  1.00 31.32  ? 154 LEU A CG  1 
ATOM   1111 C CD1 . LEU A 1 140 ? -5.229  -8.847  13.596  1.00 34.61  ? 154 LEU A CD1 1 
ATOM   1112 C CD2 . LEU A 1 140 ? -3.726  -6.865  13.690  1.00 32.34  ? 154 LEU A CD2 1 
ATOM   1113 N N   . HIS A 1 141 ? 0.095   -10.783 13.735  1.00 31.27  ? 155 HIS A N   1 
ATOM   1114 C CA  . HIS A 1 141 ? 1.024   -11.763 14.311  1.00 34.06  ? 155 HIS A CA  1 
ATOM   1115 C C   . HIS A 1 141 ? 2.123   -12.064 13.321  1.00 36.04  ? 155 HIS A C   1 
ATOM   1116 O O   . HIS A 1 141 ? 2.219   -13.190 12.814  1.00 35.49  ? 155 HIS A O   1 
ATOM   1117 C CB  . HIS A 1 141 ? 0.268   -13.031 14.679  1.00 35.24  ? 155 HIS A CB  1 
ATOM   1118 C CG  . HIS A 1 141 ? -0.774  -12.816 15.725  1.00 35.57  ? 155 HIS A CG  1 
ATOM   1119 N ND1 . HIS A 1 141 ? -0.455  -12.637 17.056  1.00 37.01  ? 155 HIS A ND1 1 
ATOM   1120 C CD2 . HIS A 1 141 ? -2.120  -12.701 15.640  1.00 34.89  ? 155 HIS A CD2 1 
ATOM   1121 C CE1 . HIS A 1 141 ? -1.565  -12.453 17.748  1.00 35.70  ? 155 HIS A CE1 1 
ATOM   1122 N NE2 . HIS A 1 141 ? -2.590  -12.485 16.916  1.00 36.48  ? 155 HIS A NE2 1 
ATOM   1123 N N   . PRO A 1 142 ? 2.948   -11.049 13.012  1.00 34.80  ? 156 PRO A N   1 
ATOM   1124 C CA  . PRO A 1 142 ? 3.988   -11.213 12.012  1.00 37.50  ? 156 PRO A CA  1 
ATOM   1125 C C   . PRO A 1 142 ? 5.171   -12.005 12.558  1.00 39.06  ? 156 PRO A C   1 
ATOM   1126 O O   . PRO A 1 142 ? 5.305   -12.161 13.777  1.00 39.84  ? 156 PRO A O   1 
ATOM   1127 C CB  . PRO A 1 142 ? 4.400   -9.769  11.708  1.00 37.85  ? 156 PRO A CB  1 
ATOM   1128 C CG  . PRO A 1 142 ? 4.181   -9.064  13.005  1.00 37.58  ? 156 PRO A CG  1 
ATOM   1129 C CD  . PRO A 1 142 ? 2.947   -9.683  13.583  1.00 35.94  ? 156 PRO A CD  1 
ATOM   1130 N N   . GLN A 1 143 ? 5.999   -12.508 11.653  1.00 40.18  ? 157 GLN A N   1 
ATOM   1131 C CA  . GLN A 1 143 ? 7.269   -13.133 12.004  1.00 44.67  ? 157 GLN A CA  1 
ATOM   1132 C C   . GLN A 1 143 ? 8.345   -12.047 11.954  1.00 46.32  ? 157 GLN A C   1 
ATOM   1133 O O   . GLN A 1 143 ? 8.741   -11.606 10.869  1.00 41.41  ? 157 GLN A O   1 
ATOM   1134 C CB  . GLN A 1 143 ? 7.589   -14.293 11.054  1.00 48.04  ? 157 GLN A CB  1 
ATOM   1135 C CG  . GLN A 1 143 ? 8.934   -14.956 11.318  1.00 55.06  ? 157 GLN A CG  1 
ATOM   1136 C CD  . GLN A 1 143 ? 9.116   -16.261 10.562  1.00 61.49  ? 157 GLN A CD  1 
ATOM   1137 O OE1 . GLN A 1 143 ? 8.269   -17.156 10.630  1.00 68.60  ? 157 GLN A OE1 1 
ATOM   1138 N NE2 . GLN A 1 143 ? 10.233  -16.384 9.844   1.00 62.57  ? 157 GLN A NE2 1 
ATOM   1139 N N   . VAL A 1 144 ? 8.800   -11.626 13.138  1.00 46.98  ? 158 VAL A N   1 
ATOM   1140 C CA  . VAL A 1 144 ? 9.684   -10.472 13.293  1.00 50.68  ? 158 VAL A CA  1 
ATOM   1141 C C   . VAL A 1 144 ? 11.145  -10.925 13.355  1.00 54.95  ? 158 VAL A C   1 
ATOM   1142 O O   . VAL A 1 144 ? 11.474  -11.882 14.060  1.00 53.95  ? 158 VAL A O   1 
ATOM   1143 C CB  . VAL A 1 144 ? 9.340   -9.671  14.576  1.00 52.89  ? 158 VAL A CB  1 
ATOM   1144 C CG1 . VAL A 1 144 ? 10.268  -8.466  14.740  1.00 53.90  ? 158 VAL A CG1 1 
ATOM   1145 C CG2 . VAL A 1 144 ? 7.881   -9.230  14.560  1.00 52.77  ? 158 VAL A CG2 1 
ATOM   1146 N N   . HIS A 1 145 ? 12.001  -10.234 12.607  1.00 57.52  ? 159 HIS A N   1 
ATOM   1147 C CA  . HIS A 1 145 ? 13.451  -10.431 12.642  1.00 63.89  ? 159 HIS A CA  1 
ATOM   1148 C C   . HIS A 1 145 ? 14.109  -9.079  12.864  1.00 64.24  ? 159 HIS A C   1 
ATOM   1149 O O   . HIS A 1 145 ? 13.808  -8.124  12.149  1.00 63.19  ? 159 HIS A O   1 
ATOM   1150 C CB  . HIS A 1 145 ? 13.937  -11.058 11.333  1.00 69.32  ? 159 HIS A CB  1 
ATOM   1151 C CG  . HIS A 1 145 ? 13.718  -12.536 11.264  1.00 78.60  ? 159 HIS A CG  1 
ATOM   1152 N ND1 . HIS A 1 145 ? 12.461  -13.104 11.277  1.00 84.11  ? 159 HIS A ND1 1 
ATOM   1153 C CD2 . HIS A 1 145 ? 14.595  -13.565 11.202  1.00 84.86  ? 159 HIS A CD2 1 
ATOM   1154 C CE1 . HIS A 1 145 ? 12.574  -14.419 11.221  1.00 85.67  ? 159 HIS A CE1 1 
ATOM   1155 N NE2 . HIS A 1 145 ? 13.858  -14.725 11.175  1.00 87.57  ? 159 HIS A NE2 1 
ATOM   1156 N N   . ASP A 1 146 ? 14.989  -8.992  13.858  1.00 66.07  ? 160 ASP A N   1 
ATOM   1157 C CA  . ASP A 1 146 ? 15.683  -7.744  14.173  1.00 68.75  ? 160 ASP A CA  1 
ATOM   1158 C C   . ASP A 1 146 ? 17.029  -7.691  13.440  1.00 69.55  ? 160 ASP A C   1 
ATOM   1159 O O   . ASP A 1 146 ? 17.893  -8.537  13.669  1.00 66.80  ? 160 ASP A O   1 
ATOM   1160 C CB  . ASP A 1 146 ? 15.856  -7.611  15.689  1.00 71.26  ? 160 ASP A CB  1 
ATOM   1161 C CG  . ASP A 1 146 ? 14.525  -7.504  16.428  1.00 74.61  ? 160 ASP A CG  1 
ATOM   1162 O OD1 . ASP A 1 146 ? 13.470  -7.354  15.773  1.00 77.88  ? 160 ASP A OD1 1 
ATOM   1163 O OD2 . ASP A 1 146 ? 14.530  -7.570  17.675  1.00 77.78  ? 160 ASP A OD2 1 
ATOM   1164 N N   . GLN A 1 147 ? 17.192  -6.705  12.552  1.00 70.47  ? 161 GLN A N   1 
ATOM   1165 C CA  . GLN A 1 147 ? 18.379  -6.609  11.688  1.00 72.69  ? 161 GLN A CA  1 
ATOM   1166 C C   . GLN A 1 147 ? 19.530  -5.921  12.407  1.00 74.01  ? 161 GLN A C   1 
ATOM   1167 O O   . GLN A 1 147 ? 19.374  -4.814  12.913  1.00 76.51  ? 161 GLN A O   1 
ATOM   1168 C CB  . GLN A 1 147 ? 18.052  -5.853  10.395  1.00 70.64  ? 161 GLN A CB  1 
ATOM   1169 N N   . ILE A 1 158 ? 19.487  -1.251  15.796  1.00 96.66  ? 172 ILE A N   1 
ATOM   1170 C CA  . ILE A 1 158 ? 18.753  -2.431  15.330  1.00 99.66  ? 172 ILE A CA  1 
ATOM   1171 C C   . ILE A 1 158 ? 17.261  -2.089  15.111  1.00 93.50  ? 172 ILE A C   1 
ATOM   1172 O O   . ILE A 1 158 ? 16.689  -1.297  15.863  1.00 91.91  ? 172 ILE A O   1 
ATOM   1173 C CB  . ILE A 1 158 ? 18.972  -3.630  16.304  1.00 101.99 ? 172 ILE A CB  1 
ATOM   1174 C CG1 . ILE A 1 158 ? 20.405  -4.185  16.136  1.00 100.77 ? 172 ILE A CG1 1 
ATOM   1175 C CG2 . ILE A 1 158 ? 17.932  -4.728  16.092  1.00 103.07 ? 172 ILE A CG2 1 
ATOM   1176 C CD1 . ILE A 1 158 ? 20.746  -5.402  16.977  1.00 97.50  ? 172 ILE A CD1 1 
ATOM   1177 N N   . ASN A 1 159 ? 16.656  -2.688  14.077  1.00 87.61  ? 173 ASN A N   1 
ATOM   1178 C CA  . ASN A 1 159 ? 15.274  -2.378  13.652  1.00 79.96  ? 173 ASN A CA  1 
ATOM   1179 C C   . ASN A 1 159 ? 14.462  -3.623  13.227  1.00 72.66  ? 173 ASN A C   1 
ATOM   1180 O O   . ASN A 1 159 ? 15.025  -4.625  12.775  1.00 69.20  ? 173 ASN A O   1 
ATOM   1181 C CB  . ASN A 1 159 ? 15.290  -1.321  12.530  1.00 79.69  ? 173 ASN A CB  1 
ATOM   1182 C CG  . ASN A 1 159 ? 15.450  -1.919  11.137  1.00 78.69  ? 173 ASN A CG  1 
ATOM   1183 O OD1 . ASN A 1 159 ? 14.684  -1.599  10.226  1.00 78.17  ? 173 ASN A OD1 1 
ATOM   1184 N ND2 . ASN A 1 159 ? 16.444  -2.787  10.964  1.00 78.36  ? 173 ASN A ND2 1 
ATOM   1185 N N   . HIS A 1 160 ? 13.139  -3.522  13.351  1.00 66.24  ? 174 HIS A N   1 
ATOM   1186 C CA  . HIS A 1 160 ? 12.221  -4.654  13.151  1.00 60.98  ? 174 HIS A CA  1 
ATOM   1187 C C   . HIS A 1 160 ? 11.832  -4.871  11.672  1.00 55.99  ? 174 HIS A C   1 
ATOM   1188 O O   . HIS A 1 160 ? 11.334  -3.956  11.012  1.00 55.45  ? 174 HIS A O   1 
ATOM   1189 C CB  . HIS A 1 160 ? 10.949  -4.461  13.991  1.00 63.59  ? 174 HIS A CB  1 
ATOM   1190 C CG  . HIS A 1 160 ? 11.198  -4.339  15.465  1.00 68.90  ? 174 HIS A CG  1 
ATOM   1191 N ND1 . HIS A 1 160 ? 12.165  -5.069  16.122  1.00 70.99  ? 174 HIS A ND1 1 
ATOM   1192 C CD2 . HIS A 1 160 ? 10.584  -3.592  16.415  1.00 70.42  ? 174 HIS A CD2 1 
ATOM   1193 C CE1 . HIS A 1 160 ? 12.148  -4.767  17.407  1.00 72.93  ? 174 HIS A CE1 1 
ATOM   1194 N NE2 . HIS A 1 160 ? 11.196  -3.874  17.612  1.00 74.15  ? 174 HIS A NE2 1 
ATOM   1195 N N   . ILE A 1 161 ? 12.049  -6.094  11.187  1.00 50.07  ? 175 ILE A N   1 
ATOM   1196 C CA  . ILE A 1 161 ? 11.721  -6.522  9.817   1.00 49.73  ? 175 ILE A CA  1 
ATOM   1197 C C   . ILE A 1 161 ? 10.716  -7.675  9.904   1.00 45.13  ? 175 ILE A C   1 
ATOM   1198 O O   . ILE A 1 161 ? 10.854  -8.550  10.762  1.00 46.38  ? 175 ILE A O   1 
ATOM   1199 C CB  . ILE A 1 161 ? 13.004  -6.990  9.081   1.00 51.96  ? 175 ILE A CB  1 
ATOM   1200 C CG1 . ILE A 1 161 ? 13.925  -5.787  8.814   1.00 54.95  ? 175 ILE A CG1 1 
ATOM   1201 C CG2 . ILE A 1 161 ? 12.697  -7.732  7.779   1.00 53.03  ? 175 ILE A CG2 1 
ATOM   1202 C CD1 . ILE A 1 161 ? 15.325  -6.169  8.359   1.00 56.68  ? 175 ILE A CD1 1 
ATOM   1203 N N   . PHE A 1 162 ? 9.715   -7.683  9.019   1.00 36.18  ? 176 PHE A N   1 
ATOM   1204 C CA  . PHE A 1 162 ? 8.774   -8.793  8.931   1.00 33.38  ? 176 PHE A CA  1 
ATOM   1205 C C   . PHE A 1 162 ? 9.227   -9.748  7.835   1.00 34.16  ? 176 PHE A C   1 
ATOM   1206 O O   . PHE A 1 162 ? 9.670   -9.298  6.794   1.00 34.27  ? 176 PHE A O   1 
ATOM   1207 C CB  . PHE A 1 162 ? 7.363   -8.310  8.589   1.00 33.16  ? 176 PHE A CB  1 
ATOM   1208 C CG  . PHE A 1 162 ? 6.744   -7.409  9.609   1.00 33.45  ? 176 PHE A CG  1 
ATOM   1209 C CD1 . PHE A 1 162 ? 7.144   -7.414  10.951  1.00 34.70  ? 176 PHE A CD1 1 
ATOM   1210 C CD2 . PHE A 1 162 ? 5.704   -6.572  9.238   1.00 32.36  ? 176 PHE A CD2 1 
ATOM   1211 C CE1 . PHE A 1 162 ? 6.522   -6.590  11.870  1.00 33.86  ? 176 PHE A CE1 1 
ATOM   1212 C CE2 . PHE A 1 162 ? 5.095   -5.742  10.158  1.00 33.23  ? 176 PHE A CE2 1 
ATOM   1213 C CZ  . PHE A 1 162 ? 5.493   -5.764  11.473  1.00 33.54  ? 176 PHE A CZ  1 
ATOM   1214 N N   . GLU A 1 163 ? 9.104   -11.052 8.079   1.00 34.79  ? 177 GLU A N   1 
ATOM   1215 C CA  . GLU A 1 163 ? 9.329   -12.084 7.051   1.00 36.77  ? 177 GLU A CA  1 
ATOM   1216 C C   . GLU A 1 163 ? 8.035   -12.806 6.751   1.00 33.27  ? 177 GLU A C   1 
ATOM   1217 O O   . GLU A 1 163 ? 7.443   -13.415 7.640   1.00 35.01  ? 177 GLU A O   1 
ATOM   1218 C CB  . GLU A 1 163 ? 10.362  -13.108 7.505   1.00 41.50  ? 177 GLU A CB  1 
ATOM   1219 C CG  . GLU A 1 163 ? 11.778  -12.562 7.597   1.00 48.86  ? 177 GLU A CG  1 
ATOM   1220 C CD  . GLU A 1 163 ? 12.855  -13.635 7.478   1.00 55.99  ? 177 GLU A CD  1 
ATOM   1221 O OE1 . GLU A 1 163 ? 12.539  -14.843 7.618   1.00 56.88  ? 177 GLU A OE1 1 
ATOM   1222 O OE2 . GLU A 1 163 ? 14.027  -13.257 7.236   1.00 60.08  ? 177 GLU A OE2 1 
ATOM   1223 N N   . TYR A 1 164 ? 7.584   -12.725 5.506   1.00 30.84  ? 178 TYR A N   1 
ATOM   1224 C CA  . TYR A 1 164 ? 6.366   -13.396 5.082   1.00 31.61  ? 178 TYR A CA  1 
ATOM   1225 C C   . TYR A 1 164 ? 6.723   -14.453 4.044   1.00 31.66  ? 178 TYR A C   1 
ATOM   1226 O O   . TYR A 1 164 ? 7.356   -14.148 3.029   1.00 32.68  ? 178 TYR A O   1 
ATOM   1227 C CB  . TYR A 1 164 ? 5.332   -12.423 4.490   1.00 31.63  ? 178 TYR A CB  1 
ATOM   1228 C CG  . TYR A 1 164 ? 4.136   -13.166 3.958   1.00 32.17  ? 178 TYR A CG  1 
ATOM   1229 C CD1 . TYR A 1 164 ? 3.214   -13.737 4.829   1.00 33.42  ? 178 TYR A CD1 1 
ATOM   1230 C CD2 . TYR A 1 164 ? 3.955   -13.371 2.580   1.00 32.40  ? 178 TYR A CD2 1 
ATOM   1231 C CE1 . TYR A 1 164 ? 2.134   -14.469 4.357   1.00 35.19  ? 178 TYR A CE1 1 
ATOM   1232 C CE2 . TYR A 1 164 ? 2.862   -14.083 2.104   1.00 32.15  ? 178 TYR A CE2 1 
ATOM   1233 C CZ  . TYR A 1 164 ? 1.969   -14.639 2.984   1.00 33.60  ? 178 TYR A CZ  1 
ATOM   1234 O OH  . TYR A 1 164 ? 0.894   -15.371 2.530   1.00 37.75  ? 178 TYR A OH  1 
ATOM   1235 N N   . THR A 1 165 ? 6.293   -15.681 4.296   1.00 31.90  ? 179 THR A N   1 
ATOM   1236 C CA  . THR A 1 165 ? 6.470   -16.782 3.353   1.00 32.41  ? 179 THR A CA  1 
ATOM   1237 C C   . THR A 1 165 ? 5.142   -17.108 2.683   1.00 32.92  ? 179 THR A C   1 
ATOM   1238 O O   . THR A 1 165 ? 4.168   -17.418 3.359   1.00 35.52  ? 179 THR A O   1 
ATOM   1239 C CB  . THR A 1 165 ? 6.996   -18.036 4.077   1.00 34.02  ? 179 THR A CB  1 
ATOM   1240 O OG1 . THR A 1 165 ? 8.173   -17.693 4.812   1.00 34.77  ? 179 THR A OG1 1 
ATOM   1241 C CG2 . THR A 1 165 ? 7.326   -19.156 3.083   1.00 33.82  ? 179 THR A CG2 1 
ATOM   1242 N N   . ASN A 1 166 ? 5.107   -17.033 1.354   1.00 31.78  ? 180 ASN A N   1 
ATOM   1243 C CA  . ASN A 1 166 ? 3.914   -17.363 0.593   1.00 32.04  ? 180 ASN A CA  1 
ATOM   1244 C C   . ASN A 1 166 ? 3.704   -18.894 0.614   1.00 34.06  ? 180 ASN A C   1 
ATOM   1245 O O   . ASN A 1 166 ? 4.543   -19.625 0.104   1.00 32.84  ? 180 ASN A O   1 
ATOM   1246 C CB  . ASN A 1 166 ? 4.104   -16.861 -0.838  1.00 33.06  ? 180 ASN A CB  1 
ATOM   1247 C CG  . ASN A 1 166 ? 2.890   -17.063 -1.717  1.00 33.00  ? 180 ASN A CG  1 
ATOM   1248 O OD1 . ASN A 1 166 ? 1.894   -17.669 -1.332  1.00 34.80  ? 180 ASN A OD1 1 
ATOM   1249 N ND2 . ASN A 1 166 ? 2.979   -16.538 -2.927  1.00 33.96  ? 180 ASN A ND2 1 
ATOM   1250 N N   . PRO A 1 167 ? 2.593   -19.383 1.203   1.00 35.69  ? 181 PRO A N   1 
ATOM   1251 C CA  . PRO A 1 167 ? 2.386   -20.854 1.241   1.00 36.89  ? 181 PRO A CA  1 
ATOM   1252 C C   . PRO A 1 167 ? 2.114   -21.504 -0.130  1.00 37.23  ? 181 PRO A C   1 
ATOM   1253 O O   . PRO A 1 167 ? 2.184   -22.722 -0.249  1.00 36.81  ? 181 PRO A O   1 
ATOM   1254 C CB  . PRO A 1 167 ? 1.176   -21.025 2.179   1.00 38.61  ? 181 PRO A CB  1 
ATOM   1255 C CG  . PRO A 1 167 ? 0.483   -19.711 2.171   1.00 39.70  ? 181 PRO A CG  1 
ATOM   1256 C CD  . PRO A 1 167 ? 1.463   -18.641 1.802   1.00 37.98  ? 181 PRO A CD  1 
ATOM   1257 N N   . GLU A 1 168 ? 1.807   -20.702 -1.145  1.00 36.20  ? 182 GLU A N   1 
ATOM   1258 C CA  . GLU A 1 168 ? 1.672   -21.189 -2.522  1.00 40.49  ? 182 GLU A CA  1 
ATOM   1259 C C   . GLU A 1 168 ? 2.963   -21.765 -3.061  1.00 38.42  ? 182 GLU A C   1 
ATOM   1260 O O   . GLU A 1 168 ? 2.935   -22.795 -3.756  1.00 35.01  ? 182 GLU A O   1 
ATOM   1261 C CB  . GLU A 1 168 ? 1.251   -20.053 -3.464  1.00 43.82  ? 182 GLU A CB  1 
ATOM   1262 C CG  . GLU A 1 168 ? -0.168  -19.558 -3.243  1.00 48.43  ? 182 GLU A CG  1 
ATOM   1263 C CD  . GLU A 1 168 ? -1.197  -20.611 -3.571  1.00 52.47  ? 182 GLU A CD  1 
ATOM   1264 O OE1 . GLU A 1 168 ? -1.202  -21.105 -4.734  1.00 53.94  ? 182 GLU A OE1 1 
ATOM   1265 O OE2 . GLU A 1 168 ? -1.987  -20.949 -2.663  1.00 56.20  ? 182 GLU A OE2 1 
ATOM   1266 N N   . ASP A 1 169 ? 4.073   -21.087 -2.767  1.00 33.98  ? 183 ASP A N   1 
ATOM   1267 C CA  . ASP A 1 169 ? 5.364   -21.419 -3.348  1.00 33.77  ? 183 ASP A CA  1 
ATOM   1268 C C   . ASP A 1 169 ? 6.586   -21.440 -2.426  1.00 33.44  ? 183 ASP A C   1 
ATOM   1269 O O   . ASP A 1 169 ? 7.685   -21.777 -2.875  1.00 32.32  ? 183 ASP A O   1 
ATOM   1270 C CB  . ASP A 1 169 ? 5.613   -20.510 -4.559  1.00 32.37  ? 183 ASP A CB  1 
ATOM   1271 C CG  . ASP A 1 169 ? 5.770   -19.042 -4.176  1.00 38.04  ? 183 ASP A CG  1 
ATOM   1272 O OD1 . ASP A 1 169 ? 5.878   -18.730 -2.968  1.00 35.51  ? 183 ASP A OD1 1 
ATOM   1273 O OD2 . ASP A 1 169 ? 5.821   -18.208 -5.101  1.00 39.78  ? 183 ASP A OD2 1 
ATOM   1274 N N   . GLY A 1 170 ? 6.427   -21.106 -1.139  1.00 33.48  ? 184 GLY A N   1 
ATOM   1275 C CA  . GLY A 1 170 ? 7.555   -21.063 -0.203  1.00 32.19  ? 184 GLY A CA  1 
ATOM   1276 C C   . GLY A 1 170 ? 8.511   -19.885 -0.291  1.00 32.33  ? 184 GLY A C   1 
ATOM   1277 O O   . GLY A 1 170 ? 9.540   -19.851 0.417   1.00 33.06  ? 184 GLY A O   1 
ATOM   1278 N N   . VAL A 1 171 ? 8.177   -18.898 -1.130  1.00 32.92  ? 185 VAL A N   1 
ATOM   1279 C CA  . VAL A 1 171 ? 9.036   -17.730 -1.320  1.00 33.84  ? 185 VAL A CA  1 
ATOM   1280 C C   . VAL A 1 171 ? 8.861   -16.791 -0.127  1.00 34.87  ? 185 VAL A C   1 
ATOM   1281 O O   . VAL A 1 171 ? 7.728   -16.521 0.297   1.00 32.64  ? 185 VAL A O   1 
ATOM   1282 C CB  . VAL A 1 171 ? 8.708   -16.990 -2.634  1.00 35.04  ? 185 VAL A CB  1 
ATOM   1283 C CG1 . VAL A 1 171 ? 9.504   -15.692 -2.765  1.00 35.49  ? 185 VAL A CG1 1 
ATOM   1284 C CG2 . VAL A 1 171 ? 9.004   -17.904 -3.819  1.00 36.15  ? 185 VAL A CG2 1 
ATOM   1285 N N   . THR A 1 172 ? 9.982   -16.321 0.399   1.00 35.17  ? 186 THR A N   1 
ATOM   1286 C CA  . THR A 1 172 ? 9.984   -15.419 1.551   1.00 36.40  ? 186 THR A CA  1 
ATOM   1287 C C   . THR A 1 172 ? 10.253  -13.987 1.097   1.00 36.23  ? 186 THR A C   1 
ATOM   1288 O O   . THR A 1 172 ? 11.099  -13.737 0.237   1.00 36.05  ? 186 THR A O   1 
ATOM   1289 C CB  . THR A 1 172 ? 10.985  -15.896 2.620   1.00 37.57  ? 186 THR A CB  1 
ATOM   1290 O OG1 . THR A 1 172 ? 10.583  -17.201 3.056   1.00 38.70  ? 186 THR A OG1 1 
ATOM   1291 C CG2 . THR A 1 172 ? 11.011  -14.954 3.828   1.00 39.31  ? 186 THR A CG2 1 
ATOM   1292 N N   . TYR A 1 173 ? 9.487   -13.056 1.660   1.00 33.13  ? 187 TYR A N   1 
ATOM   1293 C CA  . TYR A 1 173 ? 9.638   -11.625 1.409   1.00 33.47  ? 187 TYR A CA  1 
ATOM   1294 C C   . TYR A 1 173 ? 9.929   -10.923 2.735   1.00 33.71  ? 187 TYR A C   1 
ATOM   1295 O O   . TYR A 1 173 ? 9.372   -11.300 3.778   1.00 34.89  ? 187 TYR A O   1 
ATOM   1296 C CB  . TYR A 1 173 ? 8.334   -11.073 0.842   1.00 32.00  ? 187 TYR A CB  1 
ATOM   1297 C CG  . TYR A 1 173 ? 7.924   -11.683 -0.478  1.00 32.32  ? 187 TYR A CG  1 
ATOM   1298 C CD1 . TYR A 1 173 ? 8.355   -11.132 -1.671  1.00 32.17  ? 187 TYR A CD1 1 
ATOM   1299 C CD2 . TYR A 1 173 ? 7.103   -12.804 -0.526  1.00 32.88  ? 187 TYR A CD2 1 
ATOM   1300 C CE1 . TYR A 1 173 ? 7.992   -11.676 -2.888  1.00 31.65  ? 187 TYR A CE1 1 
ATOM   1301 C CE2 . TYR A 1 173 ? 6.717   -13.364 -1.739  1.00 31.79  ? 187 TYR A CE2 1 
ATOM   1302 C CZ  . TYR A 1 173 ? 7.168   -12.799 -2.922  1.00 33.21  ? 187 TYR A CZ  1 
ATOM   1303 O OH  . TYR A 1 173 ? 6.791   -13.347 -4.136  1.00 33.95  ? 187 TYR A OH  1 
ATOM   1304 N N   . GLN A 1 174 ? 10.810  -9.926  2.680   1.00 32.83  ? 188 GLN A N   1 
ATOM   1305 C CA  . GLN A 1 174 ? 11.125  -9.069  3.817   1.00 34.51  ? 188 GLN A CA  1 
ATOM   1306 C C   . GLN A 1 174 ? 10.386  -7.764  3.645   1.00 33.31  ? 188 GLN A C   1 
ATOM   1307 O O   . GLN A 1 174 ? 10.513  -7.112  2.619   1.00 32.84  ? 188 GLN A O   1 
ATOM   1308 C CB  . GLN A 1 174 ? 12.632  -8.828  3.915   1.00 38.46  ? 188 GLN A CB  1 
ATOM   1309 C CG  . GLN A 1 174 ? 13.389  -10.073 4.350   1.00 42.44  ? 188 GLN A CG  1 
ATOM   1310 C CD  . GLN A 1 174 ? 14.851  -9.804  4.631   1.00 48.88  ? 188 GLN A CD  1 
ATOM   1311 O OE1 . GLN A 1 174 ? 15.425  -8.813  4.168   1.00 53.80  ? 188 GLN A OE1 1 
ATOM   1312 N NE2 . GLN A 1 174 ? 15.469  -10.697 5.391   1.00 52.86  ? 188 GLN A NE2 1 
ATOM   1313 N N   . ILE A 1 175 ? 9.621   -7.379  4.655   1.00 30.39  ? 189 ILE A N   1 
ATOM   1314 C CA  . ILE A 1 175 ? 8.809   -6.173  4.580   1.00 31.66  ? 189 ILE A CA  1 
ATOM   1315 C C   . ILE A 1 175 ? 9.269   -5.281  5.732   1.00 31.32  ? 189 ILE A C   1 
ATOM   1316 O O   . ILE A 1 175 ? 9.302   -5.739  6.871   1.00 30.87  ? 189 ILE A O   1 
ATOM   1317 C CB  . ILE A 1 175 ? 7.303   -6.486  4.719   1.00 31.40  ? 189 ILE A CB  1 
ATOM   1318 C CG1 . ILE A 1 175 ? 6.879   -7.627  3.785   1.00 32.28  ? 189 ILE A CG1 1 
ATOM   1319 C CG2 . ILE A 1 175 ? 6.464   -5.238  4.452   1.00 31.02  ? 189 ILE A CG2 1 
ATOM   1320 C CD1 . ILE A 1 175 ? 5.435   -8.045  3.960   1.00 32.59  ? 189 ILE A CD1 1 
ATOM   1321 N N   . LYS A 1 176 ? 9.646   -4.042  5.432   1.00 31.49  ? 190 LYS A N   1 
ATOM   1322 C CA  . LYS A 1 176 ? 10.223  -3.187  6.472   1.00 33.30  ? 190 LYS A CA  1 
ATOM   1323 C C   . LYS A 1 176 ? 9.874   -1.721  6.304   1.00 31.80  ? 190 LYS A C   1 
ATOM   1324 O O   . LYS A 1 176 ? 9.223   -1.303  5.332   1.00 29.21  ? 190 LYS A O   1 
ATOM   1325 C CB  . LYS A 1 176 ? 11.740  -3.396  6.507   1.00 37.98  ? 190 LYS A CB  1 
ATOM   1326 C CG  . LYS A 1 176 ? 12.456  -2.958  5.258   1.00 41.35  ? 190 LYS A CG  1 
ATOM   1327 C CD  . LYS A 1 176 ? 13.900  -3.464  5.161   1.00 46.60  ? 190 LYS A CD  1 
ATOM   1328 C CE  . LYS A 1 176 ? 14.609  -2.716  4.030   1.00 50.75  ? 190 LYS A CE  1 
ATOM   1329 N NZ  . LYS A 1 176 ? 16.071  -2.982  3.913   1.00 55.71  ? 190 LYS A NZ  1 
ATOM   1330 N N   . GLY A 1 177 ? 10.284  -0.924  7.297   1.00 30.32  ? 191 GLY A N   1 
ATOM   1331 C CA  . GLY A 1 177 ? 10.146  0.527   7.215   1.00 29.12  ? 191 GLY A CA  1 
ATOM   1332 C C   . GLY A 1 177 ? 8.715   1.021   7.048   1.00 26.87  ? 191 GLY A C   1 
ATOM   1333 O O   . GLY A 1 177 ? 7.776   0.477   7.657   1.00 25.98  ? 191 GLY A O   1 
ATOM   1334 N N   . MET A 1 178 ? 8.552   2.066   6.236   1.00 27.42  ? 192 MET A N   1 
ATOM   1335 C CA  . MET A 1 178 ? 7.254   2.714   6.057   1.00 26.42  ? 192 MET A CA  1 
ATOM   1336 C C   . MET A 1 178 ? 6.200   1.705   5.620   1.00 25.52  ? 192 MET A C   1 
ATOM   1337 O O   . MET A 1 178 ? 5.047   1.762   6.053   1.00 24.08  ? 192 MET A O   1 
ATOM   1338 C CB  . MET A 1 178 ? 7.335   3.820   5.003   1.00 27.27  ? 192 MET A CB  1 
ATOM   1339 C CG  . MET A 1 178 ? 6.070   4.650   4.855   1.00 28.46  ? 192 MET A CG  1 
ATOM   1340 S SD  . MET A 1 178 ? 6.128   5.716   3.383   1.00 32.42  ? 192 MET A SD  1 
ATOM   1341 C CE  . MET A 1 178 ? 5.977   4.519   2.056   1.00 33.18  ? 192 MET A CE  1 
ATOM   1342 N N   . THR A 1 179 ? 6.606   0.835   4.702   1.00 25.71  ? 193 THR A N   1 
ATOM   1343 C CA  . THR A 1 179 ? 5.690   -0.181  4.134   1.00 24.40  ? 193 THR A CA  1 
ATOM   1344 C C   . THR A 1 179 ? 5.151   -1.103  5.228   1.00 24.37  ? 193 THR A C   1 
ATOM   1345 O O   . THR A 1 179 ? 3.930   -1.287  5.337   1.00 23.72  ? 193 THR A O   1 
ATOM   1346 C CB  . THR A 1 179 ? 6.410   -0.970  3.042   1.00 24.74  ? 193 THR A CB  1 
ATOM   1347 O OG1 . THR A 1 179 ? 6.816   -0.044  2.017   1.00 25.42  ? 193 THR A OG1 1 
ATOM   1348 C CG2 . THR A 1 179 ? 5.486   -2.026  2.429   1.00 25.25  ? 193 THR A CG2 1 
ATOM   1349 N N   . ALA A 1 180 ? 6.048   -1.615  6.063   1.00 24.32  ? 194 ALA A N   1 
ATOM   1350 C CA  . ALA A 1 180 ? 5.635   -2.444  7.223   1.00 24.12  ? 194 ALA A CA  1 
ATOM   1351 C C   . ALA A 1 180 ? 4.758   -1.666  8.196   1.00 23.90  ? 194 ALA A C   1 
ATOM   1352 O O   . ALA A 1 180 ? 3.720   -2.155  8.689   1.00 23.92  ? 194 ALA A O   1 
ATOM   1353 C CB  . ALA A 1 180 ? 6.853   -2.988  7.945   1.00 25.93  ? 194 ALA A CB  1 
ATOM   1354 N N   . ASN A 1 181 ? 5.158   -0.429  8.486   1.00 24.17  ? 195 ASN A N   1 
ATOM   1355 C CA  . ASN A 1 181 ? 4.351   0.366   9.390   1.00 24.43  ? 195 ASN A CA  1 
ATOM   1356 C C   . ASN A 1 181 ? 2.937   0.617   8.913   1.00 22.88  ? 195 ASN A C   1 
ATOM   1357 O O   . ASN A 1 181 ? 1.992   0.524   9.704   1.00 24.01  ? 195 ASN A O   1 
ATOM   1358 C CB  . ASN A 1 181 ? 5.069   1.669   9.775   1.00 26.61  ? 195 ASN A CB  1 
ATOM   1359 C CG  . ASN A 1 181 ? 6.161   1.407   10.792  1.00 30.80  ? 195 ASN A CG  1 
ATOM   1360 O OD1 . ASN A 1 181 ? 5.975   1.655   11.984  1.00 39.93  ? 195 ASN A OD1 1 
ATOM   1361 N ND2 . ASN A 1 181 ? 7.243   0.818   10.364  1.00 32.77  ? 195 ASN A ND2 1 
ATOM   1362 N N   . LEU A 1 182 ? 2.783   0.966   7.630   1.00 22.29  ? 196 LEU A N   1 
ATOM   1363 C CA  . LEU A 1 182 ? 1.458   1.199   7.072   1.00 22.40  ? 196 LEU A CA  1 
ATOM   1364 C C   . LEU A 1 182 ? 0.596   -0.068  7.038   1.00 21.75  ? 196 LEU A C   1 
ATOM   1365 O O   . LEU A 1 182 ? -0.619  0.009   7.242   1.00 22.46  ? 196 LEU A O   1 
ATOM   1366 C CB  . LEU A 1 182 ? 1.540   1.840   5.685   1.00 23.04  ? 196 LEU A CB  1 
ATOM   1367 C CG  . LEU A 1 182 ? 2.064   3.292   5.696   1.00 24.11  ? 196 LEU A CG  1 
ATOM   1368 C CD1 . LEU A 1 182 ? 2.450   3.708   4.294   1.00 25.03  ? 196 LEU A CD1 1 
ATOM   1369 C CD2 . LEU A 1 182 ? 1.009   4.227   6.256   1.00 25.15  ? 196 LEU A CD2 1 
ATOM   1370 N N   . ALA A 1 183 ? 1.227   -1.196  6.746   1.00 23.83  ? 197 ALA A N   1 
ATOM   1371 C CA  . ALA A 1 183 ? 0.500   -2.484  6.727   1.00 23.67  ? 197 ALA A CA  1 
ATOM   1372 C C   . ALA A 1 183 ? -0.114  -2.794  8.088   1.00 23.32  ? 197 ALA A C   1 
ATOM   1373 O O   . ALA A 1 183 ? -1.281  -3.163  8.182   1.00 23.90  ? 197 ALA A O   1 
ATOM   1374 C CB  . ALA A 1 183 ? 1.418   -3.609  6.267   1.00 22.96  ? 197 ALA A CB  1 
ATOM   1375 N N   . VAL A 1 184 ? 0.673   -2.580  9.138   1.00 23.88  ? 198 VAL A N   1 
ATOM   1376 C CA  . VAL A 1 184 ? 0.185   -2.779  10.522  1.00 24.93  ? 198 VAL A CA  1 
ATOM   1377 C C   . VAL A 1 184 ? -0.976  -1.840  10.815  1.00 22.66  ? 198 VAL A C   1 
ATOM   1378 O O   . VAL A 1 184 ? -1.988  -2.246  11.356  1.00 22.58  ? 198 VAL A O   1 
ATOM   1379 C CB  . VAL A 1 184 ? 1.320   -2.622  11.560  1.00 25.17  ? 198 VAL A CB  1 
ATOM   1380 C CG1 . VAL A 1 184 ? 0.745   -2.581  12.989  1.00 26.30  ? 198 VAL A CG1 1 
ATOM   1381 C CG2 . VAL A 1 184 ? 2.342   -3.730  11.414  1.00 27.07  ? 198 VAL A CG2 1 
ATOM   1382 N N   . LEU A 1 185 ? -0.832  -0.572  10.447  1.00 22.66  ? 199 LEU A N   1 
ATOM   1383 C CA  . LEU A 1 185 ? -1.890  0.411   10.650  1.00 22.52  ? 199 LEU A CA  1 
ATOM   1384 C C   . LEU A 1 185 ? -3.222  -0.004  10.018  1.00 23.26  ? 199 LEU A C   1 
ATOM   1385 O O   . LEU A 1 185 ? -4.257  0.037   10.649  1.00 22.90  ? 199 LEU A O   1 
ATOM   1386 C CB  . LEU A 1 185 ? -1.473  1.793   10.125  1.00 23.47  ? 199 LEU A CB  1 
ATOM   1387 C CG  . LEU A 1 185 ? -2.534  2.896   10.186  1.00 24.69  ? 199 LEU A CG  1 
ATOM   1388 C CD1 . LEU A 1 185 ? -2.963  3.214   11.615  1.00 25.72  ? 199 LEU A CD1 1 
ATOM   1389 C CD2 . LEU A 1 185 ? -2.041  4.155   9.498   1.00 26.77  ? 199 LEU A CD2 1 
ATOM   1390 N N   . VAL A 1 186 ? -3.174  -0.421  8.748   1.00 23.04  ? 200 VAL A N   1 
ATOM   1391 C CA  . VAL A 1 186 ? -4.367  -0.832  8.045   1.00 23.54  ? 200 VAL A CA  1 
ATOM   1392 C C   . VAL A 1 186 ? -4.991  -2.072  8.715   1.00 22.74  ? 200 VAL A C   1 
ATOM   1393 O O   . VAL A 1 186 ? -6.195  -2.103  8.915   1.00 23.46  ? 200 VAL A O   1 
ATOM   1394 C CB  . VAL A 1 186 ? -4.042  -1.108  6.552   1.00 24.27  ? 200 VAL A CB  1 
ATOM   1395 C CG1 . VAL A 1 186 ? -5.231  -1.724  5.828   1.00 25.77  ? 200 VAL A CG1 1 
ATOM   1396 C CG2 . VAL A 1 186 ? -3.677  0.189   5.887   1.00 26.16  ? 200 VAL A CG2 1 
ATOM   1397 N N   . ALA A 1 187 ? -4.149  -3.034  9.088   1.00 22.47  ? 201 ALA A N   1 
ATOM   1398 C CA  . ALA A 1 187 ? -4.621  -4.239  9.798   1.00 23.89  ? 201 ALA A CA  1 
ATOM   1399 C C   . ALA A 1 187 ? -5.321  -3.874  11.115  1.00 24.15  ? 201 ALA A C   1 
ATOM   1400 O O   . ALA A 1 187 ? -6.405  -4.364  11.411  1.00 24.07  ? 201 ALA A O   1 
ATOM   1401 C CB  . ALA A 1 187 ? -3.479  -5.205  10.033  1.00 24.36  ? 201 ALA A CB  1 
ATOM   1402 N N   . PHE A 1 188 ? -4.727  -2.981  11.906  1.00 23.40  ? 202 PHE A N   1 
ATOM   1403 C CA  . PHE A 1 188 ? -5.391  -2.542  13.156  1.00 24.23  ? 202 PHE A CA  1 
ATOM   1404 C C   . PHE A 1 188 ? -6.744  -1.872  12.874  1.00 23.84  ? 202 PHE A C   1 
ATOM   1405 O O   . PHE A 1 188 ? -7.750  -2.176  13.487  1.00 24.22  ? 202 PHE A O   1 
ATOM   1406 C CB  . PHE A 1 188 ? -4.527  -1.546  13.965  1.00 24.94  ? 202 PHE A CB  1 
ATOM   1407 C CG  . PHE A 1 188 ? -3.311  -2.115  14.652  1.00 26.09  ? 202 PHE A CG  1 
ATOM   1408 C CD1 . PHE A 1 188 ? -3.075  -3.476  14.817  1.00 26.95  ? 202 PHE A CD1 1 
ATOM   1409 C CD2 . PHE A 1 188 ? -2.382  -1.220  15.207  1.00 28.31  ? 202 PHE A CD2 1 
ATOM   1410 C CE1 . PHE A 1 188 ? -1.940  -3.930  15.465  1.00 28.62  ? 202 PHE A CE1 1 
ATOM   1411 C CE2 . PHE A 1 188 ? -1.254  -1.674  15.870  1.00 28.89  ? 202 PHE A CE2 1 
ATOM   1412 C CZ  . PHE A 1 188 ? -1.034  -3.031  16.016  1.00 29.19  ? 202 PHE A CZ  1 
ATOM   1413 N N   . ILE A 1 189 ? -6.779  -0.944  11.914  1.00 22.05  ? 203 ILE A N   1 
ATOM   1414 C CA  . ILE A 1 189 ? -7.992  -0.236  11.595  1.00 23.65  ? 203 ILE A CA  1 
ATOM   1415 C C   . ILE A 1 189 ? -9.124  -1.179  11.221  1.00 24.02  ? 203 ILE A C   1 
ATOM   1416 O O   . ILE A 1 189 ? -10.225 -1.045  11.708  1.00 24.88  ? 203 ILE A O   1 
ATOM   1417 C CB  . ILE A 1 189 ? -7.759  0.782   10.451  1.00 23.55  ? 203 ILE A CB  1 
ATOM   1418 C CG1 . ILE A 1 189 ? -6.915  1.954   10.992  1.00 24.78  ? 203 ILE A CG1 1 
ATOM   1419 C CG2 . ILE A 1 189 ? -9.058  1.302   9.894   1.00 23.81  ? 203 ILE A CG2 1 
ATOM   1420 C CD1 . ILE A 1 189 ? -6.286  2.814   9.903   1.00 26.27  ? 203 ILE A CD1 1 
ATOM   1421 N N   . ILE A 1 190 ? -8.815  -2.138  10.359  1.00 23.99  ? 204 ILE A N   1 
ATOM   1422 C CA  . ILE A 1 190 ? -9.852  -2.995  9.763   1.00 24.80  ? 204 ILE A CA  1 
ATOM   1423 C C   . ILE A 1 190 ? -10.207 -4.185  10.656  1.00 24.33  ? 204 ILE A C   1 
ATOM   1424 O O   . ILE A 1 190 ? -11.364 -4.581  10.692  1.00 26.98  ? 204 ILE A O   1 
ATOM   1425 C CB  . ILE A 1 190 ? -9.412  -3.458  8.357   1.00 25.52  ? 204 ILE A CB  1 
ATOM   1426 C CG1 . ILE A 1 190 ? -9.329  -2.224  7.438   1.00 25.83  ? 204 ILE A CG1 1 
ATOM   1427 C CG2 . ILE A 1 190 ? -10.368 -4.530  7.797   1.00 27.66  ? 204 ILE A CG2 1 
ATOM   1428 C CD1 . ILE A 1 190 ? -8.905  -2.530  6.023   1.00 26.93  ? 204 ILE A CD1 1 
ATOM   1429 N N   . LEU A 1 191 ? -9.232  -4.732  11.370  1.00 23.77  ? 205 LEU A N   1 
ATOM   1430 C CA  . LEU A 1 191 ? -9.424  -6.016  12.068  1.00 25.06  ? 205 LEU A CA  1 
ATOM   1431 C C   . LEU A 1 191 ? -9.600  -5.932  13.572  1.00 28.90  ? 205 LEU A C   1 
ATOM   1432 O O   . LEU A 1 191 ? -10.009 -6.930  14.197  1.00 27.56  ? 205 LEU A O   1 
ATOM   1433 C CB  . LEU A 1 191 ? -8.286  -6.955  11.745  1.00 25.44  ? 205 LEU A CB  1 
ATOM   1434 C CG  . LEU A 1 191 ? -8.104  -7.287  10.252  1.00 26.46  ? 205 LEU A CG  1 
ATOM   1435 C CD1 . LEU A 1 191 ? -6.878  -8.149  10.048  1.00 27.03  ? 205 LEU A CD1 1 
ATOM   1436 C CD2 . LEU A 1 191 ? -9.352  -7.959  9.685   1.00 28.28  ? 205 LEU A CD2 1 
ATOM   1437 N N   . GLU A 1 192 ? -9.286  -4.795  14.184  1.00 28.29  ? 206 GLU A N   1 
ATOM   1438 C CA  . GLU A 1 192 ? -9.469  -4.707  15.639  1.00 31.37  ? 206 GLU A CA  1 
ATOM   1439 C C   . GLU A 1 192 ? -10.930 -4.887  16.057  1.00 31.65  ? 206 GLU A C   1 
ATOM   1440 O O   . GLU A 1 192 ? -11.860 -4.462  15.369  1.00 31.08  ? 206 GLU A O   1 
ATOM   1441 C CB  . GLU A 1 192 ? -8.929  -3.387  16.198  1.00 31.76  ? 206 GLU A CB  1 
ATOM   1442 C CG  . GLU A 1 192 ? -9.769  -2.180  15.857  1.00 35.14  ? 206 GLU A CG  1 
ATOM   1443 C CD  . GLU A 1 192 ? -9.360  -0.916  16.608  1.00 40.78  ? 206 GLU A CD  1 
ATOM   1444 O OE1 . GLU A 1 192 ? -8.623  -1.016  17.619  1.00 40.18  ? 206 GLU A OE1 1 
ATOM   1445 O OE2 . GLU A 1 192 ? -9.820  0.170   16.182  1.00 44.98  ? 206 GLU A OE2 1 
ATOM   1446 N N   . LYS A 1 193 ? -11.121 -5.514  17.217  1.00 34.51  ? 207 LYS A N   1 
ATOM   1447 C CA  . LYS A 1 193 ? -12.442 -5.588  17.855  1.00 39.66  ? 207 LYS A CA  1 
ATOM   1448 C C   . LYS A 1 193 ? -13.500 -6.105  16.891  1.00 40.16  ? 207 LYS A C   1 
ATOM   1449 O O   . LYS A 1 193 ? -14.432 -5.384  16.546  1.00 42.75  ? 207 LYS A O   1 
ATOM   1450 C CB  . LYS A 1 193 ? -12.861 -4.221  18.402  1.00 44.35  ? 207 LYS A CB  1 
ATOM   1451 C CG  . LYS A 1 193 ? -11.895 -3.591  19.387  1.00 49.06  ? 207 LYS A CG  1 
ATOM   1452 C CD  . LYS A 1 193 ? -12.381 -2.191  19.755  1.00 53.80  ? 207 LYS A CD  1 
ATOM   1453 C CE  . LYS A 1 193 ? -11.275 -1.315  20.327  1.00 56.14  ? 207 LYS A CE  1 
ATOM   1454 N NZ  . LYS A 1 193 ? -11.644 0.125   20.218  1.00 58.90  ? 207 LYS A NZ  1 
ATOM   1455 N N   . LYS A 1 194 ? -13.326 -7.349  16.450  1.00 43.55  ? 208 LYS A N   1 
ATOM   1456 C CA  . LYS A 1 194 ? -14.232 -8.010  15.504  1.00 49.88  ? 208 LYS A CA  1 
ATOM   1457 C C   . LYS A 1 194 ? -14.729 -9.324  16.098  1.00 49.34  ? 208 LYS A C   1 
ATOM   1458 O O   . LYS A 1 194 ? -13.907 -10.143 16.501  1.00 43.78  ? 208 LYS A O   1 
ATOM   1459 C CB  . LYS A 1 194 ? -13.485 -8.332  14.211  1.00 54.82  ? 208 LYS A CB  1 
ATOM   1460 C CG  . LYS A 1 194 ? -13.145 -7.116  13.364  1.00 61.33  ? 208 LYS A CG  1 
ATOM   1461 C CD  . LYS A 1 194 ? -14.120 -6.923  12.214  1.00 64.11  ? 208 LYS A CD  1 
ATOM   1462 C CE  . LYS A 1 194 ? -13.814 -7.881  11.077  1.00 64.84  ? 208 LYS A CE  1 
ATOM   1463 N NZ  . LYS A 1 194 ? -14.550 -7.462  9.861   1.00 66.86  ? 208 LYS A NZ  1 
ATOM   1464 N N   . PRO A 1 195 ? -16.064 -9.543  16.131  1.00 56.06  ? 209 PRO A N   1 
ATOM   1465 C CA  . PRO A 1 195 ? -16.565 -10.882 16.519  1.00 58.97  ? 209 PRO A CA  1 
ATOM   1466 C C   . PRO A 1 195 ? -16.158 -11.987 15.524  1.00 61.63  ? 209 PRO A C   1 
ATOM   1467 O O   . PRO A 1 195 ? -15.868 -11.690 14.360  1.00 61.44  ? 209 PRO A O   1 
ATOM   1468 C CB  . PRO A 1 195 ? -18.097 -10.707 16.541  1.00 59.44  ? 209 PRO A CB  1 
ATOM   1469 C CG  . PRO A 1 195 ? -18.359 -9.238  16.483  1.00 59.46  ? 209 PRO A CG  1 
ATOM   1470 C CD  . PRO A 1 195 ? -17.162 -8.592  15.856  1.00 57.66  ? 209 PRO A CD  1 
ATOM   1471 N N   . THR A 1 196 ? -16.110 -13.238 15.991  1.00 64.53  ? 210 THR A N   1 
ATOM   1472 C CA  . THR A 1 196 ? -15.862 -14.403 15.123  1.00 68.61  ? 210 THR A CA  1 
ATOM   1473 C C   . THR A 1 196 ? -17.149 -15.211 14.932  1.00 72.14  ? 210 THR A C   1 
ATOM   1474 O O   . THR A 1 196 ? -17.906 -14.979 13.988  1.00 77.83  ? 210 THR A O   1 
ATOM   1475 C CB  . THR A 1 196 ? -14.769 -15.328 15.696  1.00 66.97  ? 210 THR A CB  1 
ATOM   1476 O OG1 . THR A 1 196 ? -15.188 -15.849 16.964  1.00 64.46  ? 210 THR A OG1 1 
ATOM   1477 C CG2 . THR A 1 196 ? -13.460 -14.574 15.861  1.00 66.72  ? 210 THR A CG2 1 
HETATM 1478 C C   . ACT B 2 .   ? 12.461  -8.986  -0.544  1.00 53.04  ? 301 ACT A C   1 
HETATM 1479 O O   . ACT B 2 .   ? 11.776  -9.257  -1.551  1.00 54.41  ? 301 ACT A O   1 
HETATM 1480 O OXT . ACT B 2 .   ? 12.449  -9.727  0.451   1.00 46.85  ? 301 ACT A OXT 1 
HETATM 1481 C CH3 . ACT B 2 .   ? 13.305  -7.747  -0.534  1.00 53.08  ? 301 ACT A CH3 1 
HETATM 1482 C C   . ACT C 2 .   ? -14.517 2.725   -8.682  1.00 64.23  ? 302 ACT A C   1 
HETATM 1483 O O   . ACT C 2 .   ? -13.833 3.206   -9.611  1.00 67.70  ? 302 ACT A O   1 
HETATM 1484 O OXT . ACT C 2 .   ? -14.595 1.489   -8.503  1.00 67.76  ? 302 ACT A OXT 1 
HETATM 1485 C CH3 . ACT C 2 .   ? -15.256 3.650   -7.765  1.00 61.87  ? 302 ACT A CH3 1 
HETATM 1486 S S   . DMS D 3 .   ? -5.985  -6.132  -15.659 1.00 60.69  ? 303 DMS A S   1 
HETATM 1487 O O   . DMS D 3 .   ? -6.811  -6.691  -14.550 1.00 41.27  ? 303 DMS A O   1 
HETATM 1488 C C1  . DMS D 3 .   ? -6.718  -4.728  -16.328 1.00 56.77  ? 303 DMS A C1  1 
HETATM 1489 C C2  . DMS D 3 .   ? -4.535  -5.381  -15.131 1.00 54.31  ? 303 DMS A C2  1 
HETATM 1490 S S   . DMS E 3 .   ? -15.824 -5.652  -6.730  1.00 52.08  ? 304 DMS A S   1 
HETATM 1491 O O   . DMS E 3 .   ? -14.716 -6.634  -6.601  1.00 38.17  ? 304 DMS A O   1 
HETATM 1492 C C1  . DMS E 3 .   ? -17.161 -6.353  -7.540  1.00 49.48  ? 304 DMS A C1  1 
HETATM 1493 C C2  . DMS E 3 .   ? -16.487 -5.344  -5.188  1.00 52.30  ? 304 DMS A C2  1 
HETATM 1494 C C4  . H31 F 4 .   ? 9.219   6.762   -1.873  0.58 22.11  ? 305 H31 A C4  1 
HETATM 1495 C C5  . H31 F 4 .   ? 9.669   5.494   -2.282  0.58 22.04  ? 305 H31 A C5  1 
HETATM 1496 C C6  . H31 F 4 .   ? 8.783   4.649   -2.965  0.58 21.62  ? 305 H31 A C6  1 
HETATM 1497 C C7  . H31 F 4 .   ? 10.144  7.636   -1.135  0.58 23.49  ? 305 H31 A C7  1 
HETATM 1498 C C8  . H31 F 4 .   ? 10.296  8.953   -1.575  0.58 24.47  ? 305 H31 A C8  1 
HETATM 1499 C C10 . H31 F 4 .   ? 11.950  9.394   0.148   0.58 25.75  ? 305 H31 A C10 1 
HETATM 1500 C C13 . H31 F 4 .   ? 9.581   5.410   1.177   0.58 25.67  ? 305 H31 A C13 1 
HETATM 1501 C C15 . H31 F 4 .   ? 11.312  3.726   1.223   0.58 26.16  ? 305 H31 A C15 1 
HETATM 1502 O O   . H31 F 4 .   ? 12.925  5.145   0.030   0.58 26.92  ? 305 H31 A O   1 
HETATM 1503 C C16 . H31 F 4 .   ? 11.814  4.976   0.519   0.58 25.71  ? 305 H31 A C16 1 
HETATM 1504 C C14 . H31 F 4 .   ? 9.802   3.903   1.301   0.58 25.16  ? 305 H31 A C14 1 
HETATM 1505 N N   . H31 F 4 .   ? 10.798  5.908   0.521   0.58 24.72  ? 305 H31 A N   1 
HETATM 1506 C C12 . H31 F 4 .   ? 10.911  7.206   -0.015  0.58 24.81  ? 305 H31 A C12 1 
HETATM 1507 C C11 . H31 F 4 .   ? 11.816  8.098   0.615   0.58 25.60  ? 305 H31 A C11 1 
HETATM 1508 C C9  . H31 F 4 .   ? 11.184  9.834   -0.947  0.58 25.38  ? 305 H31 A C9  1 
HETATM 1509 C C3  . H31 F 4 .   ? 7.899   7.176   -2.141  0.58 20.89  ? 305 H31 A C3  1 
HETATM 1510 C C2  . H31 F 4 .   ? 7.019   6.318   -2.832  0.58 21.26  ? 305 H31 A C2  1 
HETATM 1511 C C1  . H31 F 4 .   ? 7.463   5.070   -3.248  0.58 21.44  ? 305 H31 A C1  1 
HETATM 1512 C C   . H31 F 4 .   ? 6.540   4.181   -4.032  0.58 22.15  ? 305 H31 A C   1 
HETATM 1513 O O   . HOH G 5 .   ? 6.318   3.660   -10.230 1.00 42.52  ? 401 HOH A O   1 
HETATM 1514 O O   . HOH G 5 .   ? -2.460  21.182  3.644   1.00 35.70  ? 402 HOH A O   1 
HETATM 1515 O O   . HOH G 5 .   ? -16.590 -7.906  8.516   1.00 53.78  ? 403 HOH A O   1 
HETATM 1516 O O   . HOH G 5 .   ? -16.891 -4.401  -10.474 1.00 40.09  ? 404 HOH A O   1 
HETATM 1517 O O   . HOH G 5 .   ? 11.942  -0.722  2.807   1.00 49.62  ? 405 HOH A O   1 
HETATM 1518 O O   . HOH G 5 .   ? -19.903 -6.203  0.028   1.00 56.96  ? 406 HOH A O   1 
HETATM 1519 O O   . HOH G 5 .   ? 11.437  -1.699  9.737   1.00 42.20  ? 407 HOH A O   1 
HETATM 1520 O O   . HOH G 5 .   ? 2.485   11.651  -16.372 1.00 36.80  ? 408 HOH A O   1 
HETATM 1521 O O   . HOH G 5 .   ? -3.373  -12.961 12.613  1.00 43.18  ? 409 HOH A O   1 
HETATM 1522 O O   . HOH G 5 .   ? 14.844  3.456   0.644   1.00 47.81  ? 410 HOH A O   1 
HETATM 1523 O O   . HOH G 5 .   ? 11.951  -1.198  13.010  1.00 62.59  ? 411 HOH A O   1 
HETATM 1524 O O   . HOH G 5 .   ? 5.792   10.085  -11.084 1.00 43.50  ? 412 HOH A O   1 
HETATM 1525 O O   . HOH G 5 .   ? 4.138   1.751   13.872  1.00 33.48  ? 413 HOH A O   1 
HETATM 1526 O O   . HOH G 5 .   ? 5.465   -15.623 -4.256  1.00 41.59  ? 414 HOH A O   1 
HETATM 1527 O O   . HOH G 5 .   ? 0.717   -14.687 11.247  1.00 45.12  ? 415 HOH A O   1 
HETATM 1528 O O   . HOH G 5 .   ? 14.472  7.094   -0.851  1.00 49.88  ? 416 HOH A O   1 
HETATM 1529 O O   . HOH G 5 .   ? -19.315 1.016   4.063   1.00 45.43  ? 417 HOH A O   1 
HETATM 1530 O O   . HOH G 5 .   ? 8.567   18.222  7.600   1.00 32.90  ? 418 HOH A O   1 
HETATM 1531 O O   . HOH G 5 .   ? -17.428 5.355   8.718   1.00 47.02  ? 419 HOH A O   1 
HETATM 1532 O O   . HOH G 5 .   ? -15.286 -6.691  -12.414 1.00 29.43  ? 420 HOH A O   1 
HETATM 1533 O O   . HOH G 5 .   ? 12.312  -5.836  -12.884 1.00 44.30  ? 421 HOH A O   1 
HETATM 1534 O O   . HOH G 5 .   ? 9.276   18.496  -5.795  1.00 42.54  ? 422 HOH A O   1 
HETATM 1535 O O   . HOH G 5 .   ? 6.184   16.939  -7.937  1.00 46.28  ? 423 HOH A O   1 
HETATM 1536 O O   . HOH G 5 .   ? 1.452   -3.631  -16.740 1.00 45.85  ? 424 HOH A O   1 
HETATM 1537 O O   . HOH G 5 .   ? -13.899 -6.355  6.848   1.00 39.51  ? 425 HOH A O   1 
HETATM 1538 O O   . HOH G 5 .   ? -12.057 -11.196 14.893  1.00 41.95  ? 426 HOH A O   1 
HETATM 1539 O O   . HOH G 5 .   ? -2.166  11.891  -15.379 1.00 37.19  ? 427 HOH A O   1 
HETATM 1540 O O   . HOH G 5 .   ? 8.059   -2.312  -19.500 1.00 51.20  ? 428 HOH A O   1 
HETATM 1541 O O   . HOH G 5 .   ? -10.996 0.710   13.835  1.00 33.51  ? 429 HOH A O   1 
HETATM 1542 O O   . HOH G 5 .   ? 11.836  14.426  -4.393  1.00 48.71  ? 430 HOH A O   1 
HETATM 1543 O O   . HOH G 5 .   ? 10.072  -2.965  2.644   1.00 31.02  ? 431 HOH A O   1 
HETATM 1544 O O   . HOH G 5 .   ? -4.915  22.292  3.666   1.00 148.11 ? 432 HOH A O   1 
HETATM 1545 O O   . HOH G 5 .   ? 4.147   -11.522 16.127  1.00 52.04  ? 433 HOH A O   1 
HETATM 1546 O O   . HOH G 5 .   ? 10.510  -11.719 -5.500  1.00 50.67  ? 434 HOH A O   1 
HETATM 1547 O O   . HOH G 5 .   ? -6.081  5.333   -17.157 1.00 61.59  ? 435 HOH A O   1 
HETATM 1548 O O   . HOH G 5 .   ? -0.125  17.970  -9.793  1.00 29.44  ? 436 HOH A O   1 
HETATM 1549 O O   . HOH G 5 .   ? -11.196 -7.750  -4.164  1.00 36.52  ? 437 HOH A O   1 
HETATM 1550 O O   . HOH G 5 .   ? 4.665   -9.267  -16.158 1.00 35.32  ? 438 HOH A O   1 
HETATM 1551 O O   . HOH G 5 .   ? -5.391  22.128  6.422   1.00 44.89  ? 439 HOH A O   1 
HETATM 1552 O O   . HOH G 5 .   ? -8.107  11.843  -8.174  1.00 42.13  ? 440 HOH A O   1 
HETATM 1553 O O   . HOH G 5 .   ? 9.190   0.805   3.038   1.00 30.01  ? 441 HOH A O   1 
HETATM 1554 O O   . HOH G 5 .   ? 2.392   -13.909 -1.418  1.00 47.12  ? 442 HOH A O   1 
HETATM 1555 O O   . HOH G 5 .   ? -8.961  16.136  -4.019  1.00 54.36  ? 443 HOH A O   1 
HETATM 1556 O O   . HOH G 5 .   ? -3.881  15.441  3.472   1.00 43.69  ? 444 HOH A O   1 
HETATM 1557 O O   . HOH G 5 .   ? 1.637   13.159  -3.332  1.00 26.62  ? 445 HOH A O   1 
HETATM 1558 O O   . HOH G 5 .   ? 10.340  -22.019 -2.240  1.00 46.01  ? 446 HOH A O   1 
HETATM 1559 O O   . HOH G 5 .   ? -14.913 6.894   1.184   1.00 50.63  ? 447 HOH A O   1 
HETATM 1560 O O   . HOH G 5 .   ? -3.024  11.683  -12.928 1.00 33.25  ? 448 HOH A O   1 
HETATM 1561 O O   . HOH G 5 .   ? -4.907  2.986   -11.105 1.00 34.00  ? 449 HOH A O   1 
HETATM 1562 O O   . HOH G 5 .   ? 6.380   -19.300 -7.576  1.00 38.49  ? 450 HOH A O   1 
HETATM 1563 O O   . HOH G 5 .   ? -13.377 9.954   12.753  1.00 52.38  ? 451 HOH A O   1 
HETATM 1564 O O   . HOH G 5 .   ? 2.264   -12.577 17.589  1.00 50.05  ? 452 HOH A O   1 
HETATM 1565 O O   . HOH G 5 .   ? 7.942   4.928   -7.868  1.00 32.71  ? 453 HOH A O   1 
HETATM 1566 O O   . HOH G 5 .   ? -19.032 -10.463 4.256   1.00 45.19  ? 454 HOH A O   1 
HETATM 1567 O O   . HOH G 5 .   ? 1.014   -6.285  15.132  1.00 35.11  ? 455 HOH A O   1 
HETATM 1568 O O   . HOH G 5 .   ? 7.997   -16.312 7.216   1.00 48.89  ? 456 HOH A O   1 
HETATM 1569 O O   . HOH G 5 .   ? 4.753   21.175  -3.142  1.00 34.24  ? 457 HOH A O   1 
HETATM 1570 O O   . HOH G 5 .   ? 9.888   0.271   11.062  1.00 49.23  ? 458 HOH A O   1 
HETATM 1571 O O   . HOH G 5 .   ? 13.381  -12.525 1.295   1.00 59.78  ? 459 HOH A O   1 
HETATM 1572 O O   . HOH G 5 .   ? -9.442  11.379  1.376   1.00 57.91  ? 460 HOH A O   1 
HETATM 1573 O O   . HOH G 5 .   ? -3.753  -2.487  -17.646 1.00 44.27  ? 461 HOH A O   1 
HETATM 1574 O O   . HOH G 5 .   ? 8.475   -8.048  -13.428 1.00 32.96  ? 462 HOH A O   1 
HETATM 1575 O O   . HOH G 5 .   ? -4.350  9.327   -11.982 1.00 30.38  ? 463 HOH A O   1 
HETATM 1576 O O   . HOH G 5 .   ? 7.102   14.378  -11.175 1.00 46.51  ? 464 HOH A O   1 
HETATM 1577 O O   . HOH G 5 .   ? 0.296   3.428   -17.186 1.00 46.10  ? 465 HOH A O   1 
HETATM 1578 O O   . HOH G 5 .   ? 8.184   -12.866 15.575  1.00 46.76  ? 466 HOH A O   1 
HETATM 1579 O O   . HOH G 5 .   ? 1.709   18.390  1.005   1.00 28.21  ? 467 HOH A O   1 
HETATM 1580 O O   . HOH G 5 .   ? -9.065  2.135   -18.591 1.00 60.19  ? 468 HOH A O   1 
HETATM 1581 O O   . HOH G 5 .   ? -1.597  14.761  2.135   1.00 44.59  ? 469 HOH A O   1 
HETATM 1582 O O   . HOH G 5 .   ? 6.497   0.452   -5.543  1.00 34.39  ? 470 HOH A O   1 
HETATM 1583 O O   . HOH G 5 .   ? -17.402 -1.407  10.044  1.00 51.36  ? 471 HOH A O   1 
HETATM 1584 O O   . HOH G 5 .   ? 15.006  20.823  4.407   1.00 45.39  ? 472 HOH A O   1 
HETATM 1585 O O   . HOH G 5 .   ? 10.167  0.318   0.509   1.00 36.73  ? 473 HOH A O   1 
HETATM 1586 O O   . HOH G 5 .   ? -4.131  21.017  -2.042  1.00 64.72  ? 474 HOH A O   1 
HETATM 1587 O O   . HOH G 5 .   ? 1.619   -17.024 -5.387  1.00 42.99  ? 475 HOH A O   1 
HETATM 1588 O O   . HOH G 5 .   ? -10.709 -9.421  12.994  1.00 32.94  ? 476 HOH A O   1 
HETATM 1589 O O   . HOH G 5 .   ? -3.143  -9.872  -9.046  1.00 52.69  ? 477 HOH A O   1 
HETATM 1590 O O   . HOH G 5 .   ? -0.573  -16.814 4.516   1.00 42.82  ? 478 HOH A O   1 
HETATM 1591 O O   . HOH G 5 .   ? -13.747 -4.479  9.102   1.00 39.98  ? 479 HOH A O   1 
HETATM 1592 O O   . HOH G 5 .   ? 5.839   11.079  9.792   1.00 36.45  ? 480 HOH A O   1 
HETATM 1593 O O   . HOH G 5 .   ? -13.527 -11.355 19.081  1.00 32.27  ? 481 HOH A O   1 
HETATM 1594 O O   . HOH G 5 .   ? -0.802  -7.148  16.932  1.00 60.69  ? 482 HOH A O   1 
HETATM 1595 O O   . HOH G 5 .   ? -0.426  5.440   -15.650 1.00 32.45  ? 483 HOH A O   1 
HETATM 1596 O O   . HOH G 5 .   ? -10.655 5.184   -9.340  1.00 44.29  ? 484 HOH A O   1 
HETATM 1597 O O   . HOH G 5 .   ? -11.918 5.910   -6.495  1.00 41.65  ? 485 HOH A O   1 
HETATM 1598 O O   . HOH G 5 .   ? -15.352 -1.075  -4.840  1.00 43.58  ? 486 HOH A O   1 
HETATM 1599 O O   . HOH G 5 .   ? 8.316   8.737   -9.050  1.00 36.27  ? 487 HOH A O   1 
HETATM 1600 O O   . HOH G 5 .   ? 9.108   24.541  0.663   1.00 43.47  ? 488 HOH A O   1 
HETATM 1601 O O   . HOH G 5 .   ? -7.882  -8.832  -7.685  1.00 47.13  ? 489 HOH A O   1 
HETATM 1602 O O   . HOH G 5 .   ? 12.130  -5.056  1.344   1.00 37.68  ? 490 HOH A O   1 
HETATM 1603 O O   . HOH G 5 .   ? -13.196 -1.733  -6.418  1.00 40.11  ? 491 HOH A O   1 
HETATM 1604 O O   . HOH G 5 .   ? -6.627  -11.382 6.477   1.00 30.12  ? 492 HOH A O   1 
HETATM 1605 O O   . HOH G 5 .   ? 2.195   13.977  -0.737  1.00 24.11  ? 493 HOH A O   1 
HETATM 1606 O O   . HOH G 5 .   ? -7.484  -2.787  19.652  1.00 45.41  ? 494 HOH A O   1 
HETATM 1607 O O   . HOH G 5 .   ? -3.045  18.878  -3.345  1.00 54.97  ? 495 HOH A O   1 
HETATM 1608 O O   . HOH G 5 .   ? -10.028 -10.148 6.470   1.00 37.36  ? 496 HOH A O   1 
HETATM 1609 O O   . HOH G 5 .   ? 10.940  3.067   4.809   1.00 42.09  ? 497 HOH A O   1 
HETATM 1610 O O   . HOH G 5 .   ? 6.464   17.667  -5.370  1.00 33.11  ? 498 HOH A O   1 
HETATM 1611 O O   . HOH G 5 .   ? -4.293  16.446  -3.002  1.00 37.11  ? 499 HOH A O   1 
HETATM 1612 O O   . HOH G 5 .   ? 0.874   -13.436 -4.112  1.00 33.65  ? 500 HOH A O   1 
HETATM 1613 O O   . HOH G 5 .   ? -11.845 -5.514  -13.511 1.00 34.75  ? 501 HOH A O   1 
HETATM 1614 O O   . HOH G 5 .   ? -3.912  -16.093 1.551   1.00 54.19  ? 502 HOH A O   1 
HETATM 1615 O O   . HOH G 5 .   ? -6.308  13.352  -3.139  1.00 32.98  ? 503 HOH A O   1 
HETATM 1616 O O   . HOH G 5 .   ? 12.643  -17.233 -0.612  1.00 45.40  ? 504 HOH A O   1 
HETATM 1617 O O   . HOH G 5 .   ? 4.908   -16.342 6.870   1.00 37.61  ? 505 HOH A O   1 
HETATM 1618 O O   . HOH G 5 .   ? 13.351  11.366  8.024   1.00 45.23  ? 506 HOH A O   1 
HETATM 1619 O O   . HOH G 5 .   ? -13.866 -1.482  -8.826  1.00 49.70  ? 507 HOH A O   1 
HETATM 1620 O O   . HOH G 5 .   ? -4.658  19.363  -5.661  1.00 50.91  ? 508 HOH A O   1 
HETATM 1621 O O   . HOH G 5 .   ? -6.097  -14.159 6.889   1.00 41.00  ? 509 HOH A O   1 
HETATM 1622 O O   . HOH G 5 .   ? 1.571   -1.067  -16.892 1.00 39.52  ? 510 HOH A O   1 
HETATM 1623 O O   . HOH G 5 .   ? 3.224   7.689   -15.022 1.00 45.47  ? 511 HOH A O   1 
HETATM 1624 O O   . HOH G 5 .   ? 2.123   21.789  -2.468  1.00 49.40  ? 512 HOH A O   1 
HETATM 1625 O O   . HOH G 5 .   ? -0.978  -12.195 -11.935 1.00 60.04  ? 513 HOH A O   1 
HETATM 1626 O O   . HOH G 5 .   ? -14.991 -13.785 -11.807 1.00 50.67  ? 514 HOH A O   1 
HETATM 1627 O O   . HOH G 5 .   ? -12.880 -17.614 18.063  1.00 44.80  ? 515 HOH A O   1 
HETATM 1628 O O   . HOH G 5 .   ? 12.472  21.577  4.188   1.00 37.45  ? 516 HOH A O   1 
HETATM 1629 O O   . HOH G 5 .   ? 10.293  21.625  1.227   1.00 51.48  ? 517 HOH A O   1 
HETATM 1630 O O   . HOH G 5 .   ? 9.475   12.103  10.807  1.00 42.29  ? 518 HOH A O   1 
HETATM 1631 O O   . HOH G 5 .   ? -10.526 2.816   -16.363 1.00 51.81  ? 519 HOH A O   1 
HETATM 1632 O O   . HOH G 5 .   ? 14.753  -5.701  -11.472 1.00 52.51  ? 520 HOH A O   1 
HETATM 1633 O O   . HOH G 5 .   ? -12.217 4.925   15.050  1.00 58.18  ? 521 HOH A O   1 
HETATM 1634 O O   . HOH G 5 .   ? -19.126 4.910   6.460   1.00 57.74  ? 522 HOH A O   1 
HETATM 1635 O O   . HOH G 5 .   ? 14.881  -4.696  1.315   1.00 68.37  ? 523 HOH A O   1 
HETATM 1636 O O   . HOH G 5 .   ? -3.025  -17.609 3.585   1.00 50.90  ? 524 HOH A O   1 
HETATM 1637 O O   . HOH G 5 .   ? 4.029   18.393  -9.678  1.00 43.24  ? 525 HOH A O   1 
HETATM 1638 O O   . HOH G 5 .   ? 18.450  8.060   -11.209 1.00 78.14  ? 526 HOH A O   1 
HETATM 1639 O O   . HOH G 5 .   ? -13.036 -13.373 -9.297  1.00 54.13  ? 527 HOH A O   1 
HETATM 1640 O O   . HOH G 5 .   ? -15.906 -3.887  10.845  1.00 58.96  ? 528 HOH A O   1 
HETATM 1641 O O   . HOH G 5 .   ? -12.325 -8.604  7.374   1.00 51.06  ? 529 HOH A O   1 
HETATM 1642 O O   . HOH G 5 .   ? -5.562  14.403  -0.374  1.00 47.39  ? 530 HOH A O   1 
HETATM 1643 O O   . HOH G 5 .   ? -1.231  -23.682 -0.049  1.00 58.55  ? 531 HOH A O   1 
HETATM 1644 O O   . HOH G 5 .   ? -15.827 -12.871 19.526  1.00 53.80  ? 532 HOH A O   1 
HETATM 1645 O O   . HOH G 5 .   ? -2.809  7.125   -15.753 1.00 51.21  ? 533 HOH A O   1 
HETATM 1646 O O   . HOH G 5 .   ? 0.115   -13.026 20.560  1.00 73.03  ? 534 HOH A O   1 
HETATM 1647 O O   . HOH G 5 .   ? -14.550 -4.381  -13.933 1.00 33.39  ? 535 HOH A O   1 
HETATM 1648 O O   . HOH G 5 .   ? 5.948   -24.470 0.105   1.00 54.46  ? 536 HOH A O   1 
HETATM 1649 O O   . HOH G 5 .   ? -10.149 16.769  -7.967  1.00 62.88  ? 537 HOH A O   1 
HETATM 1650 O O   . HOH G 5 .   ? 0.420   20.683  -4.015  1.00 61.49  ? 538 HOH A O   1 
HETATM 1651 O O   . HOH G 5 .   ? -15.366 -15.218 20.621  1.00 45.36  ? 539 HOH A O   1 
HETATM 1652 O O   . HOH G 5 .   ? 4.749   19.780  -5.322  1.00 43.52  ? 540 HOH A O   1 
HETATM 1653 O O   . HOH G 5 .   ? 1.430   7.150   -16.715 1.00 49.57  ? 541 HOH A O   1 
HETATM 1654 O O   . HOH G 5 .   ? -3.149  -14.877 8.051   1.00 51.85  ? 542 HOH A O   1 
HETATM 1655 O O   . HOH G 5 .   ? -17.210 1.260   11.548  1.00 61.90  ? 543 HOH A O   1 
HETATM 1656 O O   . HOH G 5 .   ? -16.848 7.987   8.866   1.00 63.56  ? 544 HOH A O   1 
HETATM 1657 O O   . HOH G 5 .   ? 11.202  -8.311  -13.807 1.00 45.15  ? 545 HOH A O   1 
HETATM 1658 O O   . HOH G 5 .   ? -9.540  9.816   -0.568  1.00 46.50  ? 546 HOH A O   1 
HETATM 1659 O O   . HOH G 5 .   ? -1.018  -15.106 7.057   1.00 42.83  ? 547 HOH A O   1 
HETATM 1660 O O   . HOH G 5 .   ? -8.727  -11.406 8.523   1.00 50.01  ? 548 HOH A O   1 
HETATM 1661 O O   . HOH G 5 .   ? 8.543   6.335   7.764   1.00 67.71  ? 549 HOH A O   1 
HETATM 1662 O O   . HOH G 5 .   ? -7.509  -14.911 8.987   1.00 46.87  ? 550 HOH A O   1 
HETATM 1663 O O   . HOH G 5 .   ? -8.921  11.535  -2.438  1.00 56.32  ? 551 HOH A O   1 
HETATM 1664 O O   . HOH G 5 .   ? 0.541   -16.007 9.222   1.00 53.57  ? 552 HOH A O   1 
HETATM 1665 O O   . HOH G 5 .   ? 1.625   12.024  -18.906 1.00 48.93  ? 553 HOH A O   1 
HETATM 1666 O O   . HOH G 5 .   ? -9.455  9.073   -6.672  1.00 51.25  ? 554 HOH A O   1 
HETATM 1667 O O   . HOH G 5 .   ? -8.326  -11.152 11.772  1.00 38.46  ? 555 HOH A O   1 
HETATM 1668 O O   . HOH G 5 .   ? -6.769  -14.974 11.334  1.00 40.79  ? 556 HOH A O   1 
# 
loop_
_pdbx_poly_seq_scheme.asym_id 
_pdbx_poly_seq_scheme.entity_id 
_pdbx_poly_seq_scheme.seq_id 
_pdbx_poly_seq_scheme.mon_id 
_pdbx_poly_seq_scheme.ndb_seq_num 
_pdbx_poly_seq_scheme.pdb_seq_num 
_pdbx_poly_seq_scheme.auth_seq_num 
_pdbx_poly_seq_scheme.pdb_mon_id 
_pdbx_poly_seq_scheme.auth_mon_id 
_pdbx_poly_seq_scheme.pdb_strand_id 
_pdbx_poly_seq_scheme.pdb_ins_code 
_pdbx_poly_seq_scheme.hetero 
A 1 1   SER 1   15  15  SER SER A . n 
A 1 2   MET 2   16  16  MET MET A . n 
A 1 3   LEU 3   17  17  LEU LEU A . n 
A 1 4   ASP 4   18  18  ASP ASP A . n 
A 1 5   ASP 5   19  19  ASP ASP A . n 
A 1 6   ALA 6   20  20  ALA ALA A . n 
A 1 7   LYS 7   21  21  LYS LYS A . n 
A 1 8   ALA 8   22  22  ALA ALA A . n 
A 1 9   ARG 9   23  23  ARG ARG A . n 
A 1 10  LEU 10  24  24  LEU LEU A . n 
A 1 11  ARG 11  25  25  ARG ARG A . n 
A 1 12  LYS 12  26  26  LYS LYS A . n 
A 1 13  TYR 13  27  27  TYR TYR A . n 
A 1 14  ASP 14  28  28  ASP ASP A . n 
A 1 15  ILE 15  29  29  ILE ILE A . n 
A 1 16  GLY 16  30  30  GLY GLY A . n 
A 1 17  GLY 17  31  31  GLY GLY A . n 
A 1 18  LYS 18  32  32  LYS LYS A . n 
A 1 19  TYR 19  33  33  TYR TYR A . n 
A 1 20  SER 20  34  34  SER SER A . n 
A 1 21  HIS 21  35  35  HIS HIS A . n 
A 1 22  LEU 22  36  36  LEU LEU A . n 
A 1 23  PRO 23  37  37  PRO PRO A . n 
A 1 24  TYR 24  38  38  TYR TYR A . n 
A 1 25  ASN 25  39  39  ASN ASN A . n 
A 1 26  LYS 26  40  40  LYS LYS A . n 
A 1 27  TYR 27  41  41  TYR TYR A . n 
A 1 28  SER 28  42  42  SER SER A . n 
A 1 29  VAL 29  43  43  VAL VAL A . n 
A 1 30  LEU 30  44  44  LEU LEU A . n 
A 1 31  LEU 31  45  45  LEU LEU A . n 
A 1 32  PRO 32  46  46  PRO PRO A . n 
A 1 33  LEU 33  47  47  LEU LEU A . n 
A 1 34  VAL 34  48  48  VAL VAL A . n 
A 1 35  ALA 35  49  49  ALA ALA A . n 
A 1 36  LYS 36  50  50  LYS LYS A . n 
A 1 37  GLU 37  51  51  GLU GLU A . n 
A 1 38  GLY 38  52  52  GLY GLY A . n 
A 1 39  LYS 39  53  53  LYS LYS A . n 
A 1 40  LEU 40  54  54  LEU LEU A . n 
A 1 41  HIS 41  55  55  HIS HIS A . n 
A 1 42  LEU 42  56  56  LEU LEU A . n 
A 1 43  LEU 43  57  57  LEU LEU A . n 
A 1 44  PHE 44  58  58  PHE PHE A . n 
A 1 45  THR 45  59  59  THR THR A . n 
A 1 46  VAL 46  60  60  VAL VAL A . n 
A 1 47  ARG 47  61  61  ARG ARG A . n 
A 1 48  SER 48  62  62  SER SER A . n 
A 1 49  GLU 49  63  63  GLU GLU A . n 
A 1 50  LYS 50  64  64  LYS LYS A . n 
A 1 51  LEU 51  65  65  LEU LEU A . n 
A 1 52  ARG 52  66  66  ARG ARG A . n 
A 1 53  ARG 53  67  67  ARG ARG A . n 
A 1 54  ALA 54  68  68  ALA ALA A . n 
A 1 55  PRO 55  69  69  PRO PRO A . n 
A 1 56  GLY 56  70  70  GLY GLY A . n 
A 1 57  GLU 57  71  71  GLU GLU A . n 
A 1 58  VAL 58  72  72  VAL VAL A . n 
A 1 59  CYS 59  73  73  CYS CYS A . n 
A 1 60  PHE 60  74  74  PHE PHE A . n 
A 1 61  PRO 61  75  75  PRO PRO A . n 
A 1 62  GLY 62  76  76  GLY GLY A . n 
A 1 63  GLY 63  77  77  GLY GLY A . n 
A 1 64  LYS 64  78  78  LYS LYS A . n 
A 1 65  ARG 65  79  79  ARG ARG A . n 
A 1 66  ASP 66  80  80  ASP ASP A . n 
A 1 67  PRO 67  81  81  PRO PRO A . n 
A 1 68  THR 68  82  82  THR THR A . n 
A 1 69  ASP 69  83  83  ASP ASP A . n 
A 1 70  MET 70  84  84  MET MET A . n 
A 1 71  ASP 71  85  85  ASP ASP A . n 
A 1 72  ASP 72  86  86  ASP ASP A . n 
A 1 73  ALA 73  87  87  ALA ALA A . n 
A 1 74  ALA 74  88  88  ALA ALA A . n 
A 1 75  THR 75  89  89  THR THR A . n 
A 1 76  ALA 76  90  90  ALA ALA A . n 
A 1 77  LEU 77  91  91  LEU LEU A . n 
A 1 78  ARG 78  92  92  ARG ARG A . n 
A 1 79  GLU 79  93  93  GLU GLU A . n 
A 1 80  ALA 80  94  94  ALA ALA A . n 
A 1 81  GLN 81  95  95  GLN GLN A . n 
A 1 82  GLU 82  96  96  GLU GLU A . n 
A 1 83  GLU 83  97  97  GLU GLU A . n 
A 1 84  VAL 84  98  98  VAL VAL A . n 
A 1 85  GLY 85  99  99  GLY GLY A . n 
A 1 86  LEU 86  100 100 LEU LEU A . n 
A 1 87  ARG 87  101 101 ARG ARG A . n 
A 1 88  HYP 88  102 102 HYP HYP A . n 
A 1 89  HIS 89  103 103 HIS HIS A . n 
A 1 90  GLN 90  104 104 GLN GLN A . n 
A 1 91  VAL 91  105 105 VAL VAL A . n 
A 1 92  GLU 92  106 106 GLU GLU A . n 
A 1 93  VAL 93  107 107 VAL VAL A . n 
A 1 94  VAL 94  108 108 VAL VAL A . n 
A 1 95  CSO 95  109 109 CSO CSO A . n 
A 1 96  CYS 96  110 110 CYS CYS A . n 
A 1 97  LEU 97  111 111 LEU LEU A . n 
A 1 98  VAL 98  112 112 VAL VAL A . n 
A 1 99  PRO 99  113 113 PRO PRO A . n 
A 1 100 CYS 100 114 114 CYS CYS A . n 
A 1 101 LEU 101 115 115 LEU LEU A . n 
A 1 102 ILE 102 116 116 ILE ILE A . n 
A 1 103 ASP 103 117 117 ASP ASP A . n 
A 1 104 THR 104 118 118 THR THR A . n 
A 1 105 ASP 105 119 119 ASP ASP A . n 
A 1 106 THR 106 120 120 THR THR A . n 
A 1 107 LEU 107 121 121 LEU LEU A . n 
A 1 108 ILE 108 122 122 ILE ILE A . n 
A 1 109 THR 109 123 123 THR THR A . n 
A 1 110 PRO 110 124 124 PRO PRO A . n 
A 1 111 PHE 111 125 125 PHE PHE A . n 
A 1 112 VAL 112 126 126 VAL VAL A . n 
A 1 113 GLY 113 127 127 GLY GLY A . n 
A 1 114 LEU 114 128 128 LEU LEU A . n 
A 1 115 ILE 115 129 129 ILE ILE A . n 
A 1 116 ASP 116 130 130 ASP ASP A . n 
A 1 117 HIS 117 131 131 HIS HIS A . n 
A 1 118 ASN 118 132 132 ASN ASN A . n 
A 1 119 PHE 119 133 133 PHE PHE A . n 
A 1 120 GLN 120 134 134 GLN GLN A . n 
A 1 121 ALA 121 135 135 ALA ALA A . n 
A 1 122 GLN 122 136 136 GLN GLN A . n 
A 1 123 PRO 123 137 137 PRO PRO A . n 
A 1 124 ASN 124 138 138 ASN ASN A . n 
A 1 125 PRO 125 139 139 PRO PRO A . n 
A 1 126 ALA 126 140 140 ALA ALA A . n 
A 1 127 GLU 127 141 141 GLU GLU A . n 
A 1 128 VAL 128 142 142 VAL VAL A . n 
A 1 129 LYS 129 143 143 LYS LYS A . n 
A 1 130 ASP 130 144 144 ASP ASP A . n 
A 1 131 VAL 131 145 145 VAL VAL A . n 
A 1 132 PHE 132 146 146 PHE PHE A . n 
A 1 133 LEU 133 147 147 LEU LEU A . n 
A 1 134 VAL 134 148 148 VAL VAL A . n 
A 1 135 PRO 135 149 149 PRO PRO A . n 
A 1 136 LEU 136 150 150 LEU LEU A . n 
A 1 137 ALA 137 151 151 ALA ALA A . n 
A 1 138 TYR 138 152 152 TYR TYR A . n 
A 1 139 PHE 139 153 153 PHE PHE A . n 
A 1 140 LEU 140 154 154 LEU LEU A . n 
A 1 141 HIS 141 155 155 HIS HIS A . n 
A 1 142 PRO 142 156 156 PRO PRO A . n 
A 1 143 GLN 143 157 157 GLN GLN A . n 
A 1 144 VAL 144 158 158 VAL VAL A . n 
A 1 145 HIS 145 159 159 HIS HIS A . n 
A 1 146 ASP 146 160 160 ASP ASP A . n 
A 1 147 GLN 147 161 161 GLN GLN A . n 
A 1 148 HIS 148 162 ?   ?   ?   A . n 
A 1 149 TYR 149 163 ?   ?   ?   A . n 
A 1 150 VAL 150 164 ?   ?   ?   A . n 
A 1 151 THR 151 165 ?   ?   ?   A . n 
A 1 152 ARG 152 166 ?   ?   ?   A . n 
A 1 153 LEU 153 167 ?   ?   ?   A . n 
A 1 154 GLY 154 168 ?   ?   ?   A . n 
A 1 155 HIS 155 169 ?   ?   ?   A . n 
A 1 156 ARG 156 170 ?   ?   ?   A . n 
A 1 157 PHE 157 171 ?   ?   ?   A . n 
A 1 158 ILE 158 172 172 ILE ILE A . n 
A 1 159 ASN 159 173 173 ASN ASN A . n 
A 1 160 HIS 160 174 174 HIS HIS A . n 
A 1 161 ILE 161 175 175 ILE ILE A . n 
A 1 162 PHE 162 176 176 PHE PHE A . n 
A 1 163 GLU 163 177 177 GLU GLU A . n 
A 1 164 TYR 164 178 178 TYR TYR A . n 
A 1 165 THR 165 179 179 THR THR A . n 
A 1 166 ASN 166 180 180 ASN ASN A . n 
A 1 167 PRO 167 181 181 PRO PRO A . n 
A 1 168 GLU 168 182 182 GLU GLU A . n 
A 1 169 ASP 169 183 183 ASP ASP A . n 
A 1 170 GLY 170 184 184 GLY GLY A . n 
A 1 171 VAL 171 185 185 VAL VAL A . n 
A 1 172 THR 172 186 186 THR THR A . n 
A 1 173 TYR 173 187 187 TYR TYR A . n 
A 1 174 GLN 174 188 188 GLN GLN A . n 
A 1 175 ILE 175 189 189 ILE ILE A . n 
A 1 176 LYS 176 190 190 LYS LYS A . n 
A 1 177 GLY 177 191 191 GLY GLY A . n 
A 1 178 MET 178 192 192 MET MET A . n 
A 1 179 THR 179 193 193 THR THR A . n 
A 1 180 ALA 180 194 194 ALA ALA A . n 
A 1 181 ASN 181 195 195 ASN ASN A . n 
A 1 182 LEU 182 196 196 LEU LEU A . n 
A 1 183 ALA 183 197 197 ALA ALA A . n 
A 1 184 VAL 184 198 198 VAL VAL A . n 
A 1 185 LEU 185 199 199 LEU LEU A . n 
A 1 186 VAL 186 200 200 VAL VAL A . n 
A 1 187 ALA 187 201 201 ALA ALA A . n 
A 1 188 PHE 188 202 202 PHE PHE A . n 
A 1 189 ILE 189 203 203 ILE ILE A . n 
A 1 190 ILE 190 204 204 ILE ILE A . n 
A 1 191 LEU 191 205 205 LEU LEU A . n 
A 1 192 GLU 192 206 206 GLU GLU A . n 
A 1 193 LYS 193 207 207 LYS LYS A . n 
A 1 194 LYS 194 208 208 LYS LYS A . n 
A 1 195 PRO 195 209 209 PRO PRO A . n 
A 1 196 THR 196 210 210 THR THR A . n 
# 
loop_
_pdbx_nonpoly_scheme.asym_id 
_pdbx_nonpoly_scheme.entity_id 
_pdbx_nonpoly_scheme.mon_id 
_pdbx_nonpoly_scheme.ndb_seq_num 
_pdbx_nonpoly_scheme.pdb_seq_num 
_pdbx_nonpoly_scheme.auth_seq_num 
_pdbx_nonpoly_scheme.pdb_mon_id 
_pdbx_nonpoly_scheme.auth_mon_id 
_pdbx_nonpoly_scheme.pdb_strand_id 
_pdbx_nonpoly_scheme.pdb_ins_code 
B 2 ACT 1   301 1   ACT ACT A . 
C 2 ACT 1   302 2   ACT ACT A . 
D 3 DMS 1   303 1   DMS DMS A . 
E 3 DMS 1   304 2   DMS DMS A . 
F 4 H31 1   305 1   H31 LIG A . 
G 5 HOH 1   401 196 HOH HOH A . 
G 5 HOH 2   402 9   HOH HOH A . 
G 5 HOH 3   403 166 HOH HOH A . 
G 5 HOH 4   404 143 HOH HOH A . 
G 5 HOH 5   405 18  HOH HOH A . 
G 5 HOH 6   406 199 HOH HOH A . 
G 5 HOH 7   407 124 HOH HOH A . 
G 5 HOH 8   408 26  HOH HOH A . 
G 5 HOH 9   409 197 HOH HOH A . 
G 5 HOH 10  410 185 HOH HOH A . 
G 5 HOH 11  411 162 HOH HOH A . 
G 5 HOH 12  412 79  HOH HOH A . 
G 5 HOH 13  413 64  HOH HOH A . 
G 5 HOH 14  414 134 HOH HOH A . 
G 5 HOH 15  415 117 HOH HOH A . 
G 5 HOH 16  416 52  HOH HOH A . 
G 5 HOH 17  417 113 HOH HOH A . 
G 5 HOH 18  418 53  HOH HOH A . 
G 5 HOH 19  419 109 HOH HOH A . 
G 5 HOH 20  420 13  HOH HOH A . 
G 5 HOH 21  421 48  HOH HOH A . 
G 5 HOH 22  422 140 HOH HOH A . 
G 5 HOH 23  423 157 HOH HOH A . 
G 5 HOH 24  424 69  HOH HOH A . 
G 5 HOH 25  425 101 HOH HOH A . 
G 5 HOH 26  426 24  HOH HOH A . 
G 5 HOH 27  427 19  HOH HOH A . 
G 5 HOH 28  428 61  HOH HOH A . 
G 5 HOH 29  429 105 HOH HOH A . 
G 5 HOH 30  430 141 HOH HOH A . 
G 5 HOH 31  431 97  HOH HOH A . 
G 5 HOH 32  432 202 HOH HOH A . 
G 5 HOH 33  433 118 HOH HOH A . 
G 5 HOH 34  434 80  HOH HOH A . 
G 5 HOH 35  435 182 HOH HOH A . 
G 5 HOH 36  436 10  HOH HOH A . 
G 5 HOH 37  437 108 HOH HOH A . 
G 5 HOH 38  438 110 HOH HOH A . 
G 5 HOH 39  439 25  HOH HOH A . 
G 5 HOH 40  440 34  HOH HOH A . 
G 5 HOH 41  441 20  HOH HOH A . 
G 5 HOH 42  442 179 HOH HOH A . 
G 5 HOH 43  443 78  HOH HOH A . 
G 5 HOH 44  444 38  HOH HOH A . 
G 5 HOH 45  445 14  HOH HOH A . 
G 5 HOH 46  446 193 HOH HOH A . 
G 5 HOH 47  447 49  HOH HOH A . 
G 5 HOH 48  448 6   HOH HOH A . 
G 5 HOH 49  449 39  HOH HOH A . 
G 5 HOH 50  450 116 HOH HOH A . 
G 5 HOH 51  451 146 HOH HOH A . 
G 5 HOH 52  452 167 HOH HOH A . 
G 5 HOH 53  453 51  HOH HOH A . 
G 5 HOH 54  454 137 HOH HOH A . 
G 5 HOH 55  455 104 HOH HOH A . 
G 5 HOH 56  456 158 HOH HOH A . 
G 5 HOH 57  457 36  HOH HOH A . 
G 5 HOH 58  458 125 HOH HOH A . 
G 5 HOH 59  459 186 HOH HOH A . 
G 5 HOH 60  460 62  HOH HOH A . 
G 5 HOH 61  461 35  HOH HOH A . 
G 5 HOH 62  462 15  HOH HOH A . 
G 5 HOH 63  463 1   HOH HOH A . 
G 5 HOH 64  464 42  HOH HOH A . 
G 5 HOH 65  465 66  HOH HOH A . 
G 5 HOH 66  466 139 HOH HOH A . 
G 5 HOH 67  467 2   HOH HOH A . 
G 5 HOH 68  468 88  HOH HOH A . 
G 5 HOH 69  469 59  HOH HOH A . 
G 5 HOH 70  470 11  HOH HOH A . 
G 5 HOH 71  471 153 HOH HOH A . 
G 5 HOH 72  472 72  HOH HOH A . 
G 5 HOH 73  473 208 HOH HOH A . 
G 5 HOH 74  474 203 HOH HOH A . 
G 5 HOH 75  475 200 HOH HOH A . 
G 5 HOH 76  476 45  HOH HOH A . 
G 5 HOH 77  477 159 HOH HOH A . 
G 5 HOH 78  478 103 HOH HOH A . 
G 5 HOH 79  479 99  HOH HOH A . 
G 5 HOH 80  480 7   HOH HOH A . 
G 5 HOH 81  481 12  HOH HOH A . 
G 5 HOH 82  482 147 HOH HOH A . 
G 5 HOH 83  483 55  HOH HOH A . 
G 5 HOH 84  484 22  HOH HOH A . 
G 5 HOH 85  485 37  HOH HOH A . 
G 5 HOH 86  486 85  HOH HOH A . 
G 5 HOH 87  487 56  HOH HOH A . 
G 5 HOH 88  488 152 HOH HOH A . 
G 5 HOH 89  489 58  HOH HOH A . 
G 5 HOH 90  490 102 HOH HOH A . 
G 5 HOH 91  491 28  HOH HOH A . 
G 5 HOH 92  492 98  HOH HOH A . 
G 5 HOH 93  493 8   HOH HOH A . 
G 5 HOH 94  494 94  HOH HOH A . 
G 5 HOH 95  495 75  HOH HOH A . 
G 5 HOH 96  496 170 HOH HOH A . 
G 5 HOH 97  497 30  HOH HOH A . 
G 5 HOH 98  498 17  HOH HOH A . 
G 5 HOH 99  499 31  HOH HOH A . 
G 5 HOH 100 500 96  HOH HOH A . 
G 5 HOH 101 501 27  HOH HOH A . 
G 5 HOH 102 502 176 HOH HOH A . 
G 5 HOH 103 503 21  HOH HOH A . 
G 5 HOH 104 504 154 HOH HOH A . 
G 5 HOH 105 505 121 HOH HOH A . 
G 5 HOH 106 506 43  HOH HOH A . 
G 5 HOH 107 507 145 HOH HOH A . 
G 5 HOH 108 508 63  HOH HOH A . 
G 5 HOH 109 509 106 HOH HOH A . 
G 5 HOH 110 510 5   HOH HOH A . 
G 5 HOH 111 511 50  HOH HOH A . 
G 5 HOH 112 512 149 HOH HOH A . 
G 5 HOH 113 513 71  HOH HOH A . 
G 5 HOH 114 514 155 HOH HOH A . 
G 5 HOH 115 515 191 HOH HOH A . 
G 5 HOH 116 516 138 HOH HOH A . 
G 5 HOH 117 517 194 HOH HOH A . 
G 5 HOH 118 518 23  HOH HOH A . 
G 5 HOH 119 519 111 HOH HOH A . 
G 5 HOH 120 520 46  HOH HOH A . 
G 5 HOH 121 521 119 HOH HOH A . 
G 5 HOH 122 522 126 HOH HOH A . 
G 5 HOH 123 523 150 HOH HOH A . 
G 5 HOH 124 524 184 HOH HOH A . 
G 5 HOH 125 525 129 HOH HOH A . 
G 5 HOH 126 526 207 HOH HOH A . 
G 5 HOH 127 527 122 HOH HOH A . 
G 5 HOH 128 528 161 HOH HOH A . 
G 5 HOH 129 529 127 HOH HOH A . 
G 5 HOH 130 530 44  HOH HOH A . 
G 5 HOH 131 531 204 HOH HOH A . 
G 5 HOH 132 532 57  HOH HOH A . 
G 5 HOH 133 533 169 HOH HOH A . 
G 5 HOH 134 534 177 HOH HOH A . 
G 5 HOH 135 535 16  HOH HOH A . 
G 5 HOH 136 536 172 HOH HOH A . 
G 5 HOH 137 537 205 HOH HOH A . 
G 5 HOH 138 538 173 HOH HOH A . 
G 5 HOH 139 539 174 HOH HOH A . 
G 5 HOH 140 540 144 HOH HOH A . 
G 5 HOH 141 541 131 HOH HOH A . 
G 5 HOH 142 542 192 HOH HOH A . 
G 5 HOH 143 543 123 HOH HOH A . 
G 5 HOH 144 544 168 HOH HOH A . 
G 5 HOH 145 545 29  HOH HOH A . 
G 5 HOH 146 546 190 HOH HOH A . 
G 5 HOH 147 547 188 HOH HOH A . 
G 5 HOH 148 548 171 HOH HOH A . 
G 5 HOH 149 549 195 HOH HOH A . 
G 5 HOH 150 550 148 HOH HOH A . 
G 5 HOH 151 551 132 HOH HOH A . 
G 5 HOH 152 552 130 HOH HOH A . 
G 5 HOH 153 553 165 HOH HOH A . 
G 5 HOH 154 554 164 HOH HOH A . 
G 5 HOH 155 555 68  HOH HOH A . 
G 5 HOH 156 556 115 HOH HOH A . 
# 
loop_
_pdbx_struct_mod_residue.id 
_pdbx_struct_mod_residue.label_asym_id 
_pdbx_struct_mod_residue.label_comp_id 
_pdbx_struct_mod_residue.label_seq_id 
_pdbx_struct_mod_residue.auth_asym_id 
_pdbx_struct_mod_residue.auth_comp_id 
_pdbx_struct_mod_residue.auth_seq_id 
_pdbx_struct_mod_residue.PDB_ins_code 
_pdbx_struct_mod_residue.parent_comp_id 
_pdbx_struct_mod_residue.details 
1 A HYP 88 A HYP 102 ? PRO 'modified residue' 
2 A CSO 95 A CSO 109 ? CYS 'modified residue' 
# 
_pdbx_struct_assembly.id                   1 
_pdbx_struct_assembly.details              author_and_software_defined_assembly 
_pdbx_struct_assembly.method_details       PISA 
_pdbx_struct_assembly.oligomeric_details   monomeric 
_pdbx_struct_assembly.oligomeric_count     1 
# 
_pdbx_struct_assembly_gen.assembly_id       1 
_pdbx_struct_assembly_gen.oper_expression   1 
_pdbx_struct_assembly_gen.asym_id_list      A,B,C,D,E,F,G 
# 
loop_
_pdbx_struct_assembly_prop.biol_id 
_pdbx_struct_assembly_prop.type 
_pdbx_struct_assembly_prop.value 
_pdbx_struct_assembly_prop.details 
1 'ABSA (A^2)' 760   ? 
1 MORE         4     ? 
1 'SSA (A^2)'  10220 ? 
# 
_pdbx_struct_oper_list.id                   1 
_pdbx_struct_oper_list.type                 'identity operation' 
_pdbx_struct_oper_list.name                 1_555 
_pdbx_struct_oper_list.symmetry_operation   x,y,z 
_pdbx_struct_oper_list.matrix[1][1]         1.0000000000 
_pdbx_struct_oper_list.matrix[1][2]         0.0000000000 
_pdbx_struct_oper_list.matrix[1][3]         0.0000000000 
_pdbx_struct_oper_list.vector[1]            0.0000000000 
_pdbx_struct_oper_list.matrix[2][1]         0.0000000000 
_pdbx_struct_oper_list.matrix[2][2]         1.0000000000 
_pdbx_struct_oper_list.matrix[2][3]         0.0000000000 
_pdbx_struct_oper_list.vector[2]            0.0000000000 
_pdbx_struct_oper_list.matrix[3][1]         0.0000000000 
_pdbx_struct_oper_list.matrix[3][2]         0.0000000000 
_pdbx_struct_oper_list.matrix[3][3]         1.0000000000 
_pdbx_struct_oper_list.vector[3]            0.0000000000 
# 
loop_
_pdbx_audit_revision_history.ordinal 
_pdbx_audit_revision_history.data_content_type 
_pdbx_audit_revision_history.major_revision 
_pdbx_audit_revision_history.minor_revision 
_pdbx_audit_revision_history.revision_date 
1 'Structure model' 1 0 2019-03-27 
2 'Structure model' 1 1 2023-11-15 
# 
_pdbx_audit_revision_details.ordinal             1 
_pdbx_audit_revision_details.revision_ordinal    1 
_pdbx_audit_revision_details.data_content_type   'Structure model' 
_pdbx_audit_revision_details.provider            repository 
_pdbx_audit_revision_details.type                'Initial release' 
_pdbx_audit_revision_details.description         ? 
_pdbx_audit_revision_details.details             ? 
# 
loop_
_pdbx_audit_revision_group.ordinal 
_pdbx_audit_revision_group.revision_ordinal 
_pdbx_audit_revision_group.data_content_type 
_pdbx_audit_revision_group.group 
1 2 'Structure model' 'Data collection'     
2 2 'Structure model' 'Database references' 
# 
loop_
_pdbx_audit_revision_category.ordinal 
_pdbx_audit_revision_category.revision_ordinal 
_pdbx_audit_revision_category.data_content_type 
_pdbx_audit_revision_category.category 
1 2 'Structure model' chem_comp_atom 
2 2 'Structure model' chem_comp_bond 
3 2 'Structure model' database_2     
# 
loop_
_pdbx_audit_revision_item.ordinal 
_pdbx_audit_revision_item.revision_ordinal 
_pdbx_audit_revision_item.data_content_type 
_pdbx_audit_revision_item.item 
1 2 'Structure model' '_database_2.pdbx_DOI'                
2 2 'Structure model' '_database_2.pdbx_database_accession' 
# 
_phasing.method   MR 
# 
loop_
_software.pdbx_ordinal 
_software.name 
_software.version 
_software.date 
_software.type 
_software.contact_author 
_software.contact_author_email 
_software.classification 
_software.location 
_software.language 
_software.citation_id 
1 REFMAC      5.8.0189 ?               program 'Garib N. Murshudov' garib@ysbl.york.ac.uk    refinement        
http://www.ccp4.ac.uk/dist/html/refmac5.html        Fortran_77 ? 
2 Aimless     0.5.32   29/03/17        program 'Phil Evans'         ?                        'data scaling'    
http://www.mrc-lmb.cam.ac.uk/harry/pre/aimless.html ?          ? 
3 PDB_EXTRACT 3.23     'SEP. 23, 2016' package PDB                  deposit@deposit.rcsb.org 'data extraction' 
http://sw-tools.pdb.org/apps/PDB_EXTRACT/           C++        ? 
4 XDS         .        ?               program ?                    ?                        'data reduction'  ? ?          ? 
5 REFMAC      .        ?               program ?                    ?                        phasing           ? ?          ? 
# 
_pdbx_validate_symm_contact.id                1 
_pdbx_validate_symm_contact.PDB_model_num     1 
_pdbx_validate_symm_contact.auth_atom_id_1    NE2 
_pdbx_validate_symm_contact.auth_asym_id_1    A 
_pdbx_validate_symm_contact.auth_comp_id_1    GLN 
_pdbx_validate_symm_contact.auth_seq_id_1     134 
_pdbx_validate_symm_contact.PDB_ins_code_1    ? 
_pdbx_validate_symm_contact.label_alt_id_1    ? 
_pdbx_validate_symm_contact.site_symmetry_1   1_555 
_pdbx_validate_symm_contact.auth_atom_id_2    NE2 
_pdbx_validate_symm_contact.auth_asym_id_2    A 
_pdbx_validate_symm_contact.auth_comp_id_2    GLN 
_pdbx_validate_symm_contact.auth_seq_id_2     134 
_pdbx_validate_symm_contact.PDB_ins_code_2    ? 
_pdbx_validate_symm_contact.label_alt_id_2    ? 
_pdbx_validate_symm_contact.site_symmetry_2   2_545 
_pdbx_validate_symm_contact.dist              2.12 
# 
loop_
_pdbx_validate_torsion.id 
_pdbx_validate_torsion.PDB_model_num 
_pdbx_validate_torsion.auth_comp_id 
_pdbx_validate_torsion.auth_asym_id 
_pdbx_validate_torsion.auth_seq_id 
_pdbx_validate_torsion.PDB_ins_code 
_pdbx_validate_torsion.label_alt_id 
_pdbx_validate_torsion.phi 
_pdbx_validate_torsion.psi 
1 1 ASP A 117 ? ? 59.96 15.71  
2 1 THR A 118 ? ? 71.72 -17.93 
# 
loop_
_pdbx_unobs_or_zero_occ_atoms.id 
_pdbx_unobs_or_zero_occ_atoms.PDB_model_num 
_pdbx_unobs_or_zero_occ_atoms.polymer_flag 
_pdbx_unobs_or_zero_occ_atoms.occupancy_flag 
_pdbx_unobs_or_zero_occ_atoms.auth_asym_id 
_pdbx_unobs_or_zero_occ_atoms.auth_comp_id 
_pdbx_unobs_or_zero_occ_atoms.auth_seq_id 
_pdbx_unobs_or_zero_occ_atoms.PDB_ins_code 
_pdbx_unobs_or_zero_occ_atoms.auth_atom_id 
_pdbx_unobs_or_zero_occ_atoms.label_alt_id 
_pdbx_unobs_or_zero_occ_atoms.label_asym_id 
_pdbx_unobs_or_zero_occ_atoms.label_comp_id 
_pdbx_unobs_or_zero_occ_atoms.label_seq_id 
_pdbx_unobs_or_zero_occ_atoms.label_atom_id 
1 1 Y 1 A GLN 161 ? CG  ? A GLN 147 CG  
2 1 Y 1 A GLN 161 ? CD  ? A GLN 147 CD  
3 1 Y 1 A GLN 161 ? OE1 ? A GLN 147 OE1 
4 1 Y 1 A GLN 161 ? NE2 ? A GLN 147 NE2 
# 
loop_
_pdbx_unobs_or_zero_occ_residues.id 
_pdbx_unobs_or_zero_occ_residues.PDB_model_num 
_pdbx_unobs_or_zero_occ_residues.polymer_flag 
_pdbx_unobs_or_zero_occ_residues.occupancy_flag 
_pdbx_unobs_or_zero_occ_residues.auth_asym_id 
_pdbx_unobs_or_zero_occ_residues.auth_comp_id 
_pdbx_unobs_or_zero_occ_residues.auth_seq_id 
_pdbx_unobs_or_zero_occ_residues.PDB_ins_code 
_pdbx_unobs_or_zero_occ_residues.label_asym_id 
_pdbx_unobs_or_zero_occ_residues.label_comp_id 
_pdbx_unobs_or_zero_occ_residues.label_seq_id 
1  1 Y 1 A HIS 162 ? A HIS 148 
2  1 Y 1 A TYR 163 ? A TYR 149 
3  1 Y 1 A VAL 164 ? A VAL 150 
4  1 Y 1 A THR 165 ? A THR 151 
5  1 Y 1 A ARG 166 ? A ARG 152 
6  1 Y 1 A LEU 167 ? A LEU 153 
7  1 Y 1 A GLY 168 ? A GLY 154 
8  1 Y 1 A HIS 169 ? A HIS 155 
9  1 Y 1 A ARG 170 ? A ARG 156 
10 1 Y 1 A PHE 171 ? A PHE 157 
# 
loop_
_chem_comp_atom.comp_id 
_chem_comp_atom.atom_id 
_chem_comp_atom.type_symbol 
_chem_comp_atom.pdbx_aromatic_flag 
_chem_comp_atom.pdbx_stereo_config 
_chem_comp_atom.pdbx_ordinal 
ACT C    C N N 1   
ACT O    O N N 2   
ACT OXT  O N N 3   
ACT CH3  C N N 4   
ACT H1   H N N 5   
ACT H2   H N N 6   
ACT H3   H N N 7   
ALA N    N N N 8   
ALA CA   C N S 9   
ALA C    C N N 10  
ALA O    O N N 11  
ALA CB   C N N 12  
ALA OXT  O N N 13  
ALA H    H N N 14  
ALA H2   H N N 15  
ALA HA   H N N 16  
ALA HB1  H N N 17  
ALA HB2  H N N 18  
ALA HB3  H N N 19  
ALA HXT  H N N 20  
ARG N    N N N 21  
ARG CA   C N S 22  
ARG C    C N N 23  
ARG O    O N N 24  
ARG CB   C N N 25  
ARG CG   C N N 26  
ARG CD   C N N 27  
ARG NE   N N N 28  
ARG CZ   C N N 29  
ARG NH1  N N N 30  
ARG NH2  N N N 31  
ARG OXT  O N N 32  
ARG H    H N N 33  
ARG H2   H N N 34  
ARG HA   H N N 35  
ARG HB2  H N N 36  
ARG HB3  H N N 37  
ARG HG2  H N N 38  
ARG HG3  H N N 39  
ARG HD2  H N N 40  
ARG HD3  H N N 41  
ARG HE   H N N 42  
ARG HH11 H N N 43  
ARG HH12 H N N 44  
ARG HH21 H N N 45  
ARG HH22 H N N 46  
ARG HXT  H N N 47  
ASN N    N N N 48  
ASN CA   C N S 49  
ASN C    C N N 50  
ASN O    O N N 51  
ASN CB   C N N 52  
ASN CG   C N N 53  
ASN OD1  O N N 54  
ASN ND2  N N N 55  
ASN OXT  O N N 56  
ASN H    H N N 57  
ASN H2   H N N 58  
ASN HA   H N N 59  
ASN HB2  H N N 60  
ASN HB3  H N N 61  
ASN HD21 H N N 62  
ASN HD22 H N N 63  
ASN HXT  H N N 64  
ASP N    N N N 65  
ASP CA   C N S 66  
ASP C    C N N 67  
ASP O    O N N 68  
ASP CB   C N N 69  
ASP CG   C N N 70  
ASP OD1  O N N 71  
ASP OD2  O N N 72  
ASP OXT  O N N 73  
ASP H    H N N 74  
ASP H2   H N N 75  
ASP HA   H N N 76  
ASP HB2  H N N 77  
ASP HB3  H N N 78  
ASP HD2  H N N 79  
ASP HXT  H N N 80  
CSO N    N N N 81  
CSO CA   C N R 82  
CSO CB   C N N 83  
CSO SG   S N N 84  
CSO C    C N N 85  
CSO O    O N N 86  
CSO OXT  O N N 87  
CSO OD   O N N 88  
CSO H    H N N 89  
CSO H2   H N N 90  
CSO HA   H N N 91  
CSO HB2  H N N 92  
CSO HB3  H N N 93  
CSO HXT  H N N 94  
CSO HD   H N N 95  
CYS N    N N N 96  
CYS CA   C N R 97  
CYS C    C N N 98  
CYS O    O N N 99  
CYS CB   C N N 100 
CYS SG   S N N 101 
CYS OXT  O N N 102 
CYS H    H N N 103 
CYS H2   H N N 104 
CYS HA   H N N 105 
CYS HB2  H N N 106 
CYS HB3  H N N 107 
CYS HG   H N N 108 
CYS HXT  H N N 109 
DMS S    S N N 110 
DMS O    O N N 111 
DMS C1   C N N 112 
DMS C2   C N N 113 
DMS H11  H N N 114 
DMS H12  H N N 115 
DMS H13  H N N 116 
DMS H21  H N N 117 
DMS H22  H N N 118 
DMS H23  H N N 119 
GLN N    N N N 120 
GLN CA   C N S 121 
GLN C    C N N 122 
GLN O    O N N 123 
GLN CB   C N N 124 
GLN CG   C N N 125 
GLN CD   C N N 126 
GLN OE1  O N N 127 
GLN NE2  N N N 128 
GLN OXT  O N N 129 
GLN H    H N N 130 
GLN H2   H N N 131 
GLN HA   H N N 132 
GLN HB2  H N N 133 
GLN HB3  H N N 134 
GLN HG2  H N N 135 
GLN HG3  H N N 136 
GLN HE21 H N N 137 
GLN HE22 H N N 138 
GLN HXT  H N N 139 
GLU N    N N N 140 
GLU CA   C N S 141 
GLU C    C N N 142 
GLU O    O N N 143 
GLU CB   C N N 144 
GLU CG   C N N 145 
GLU CD   C N N 146 
GLU OE1  O N N 147 
GLU OE2  O N N 148 
GLU OXT  O N N 149 
GLU H    H N N 150 
GLU H2   H N N 151 
GLU HA   H N N 152 
GLU HB2  H N N 153 
GLU HB3  H N N 154 
GLU HG2  H N N 155 
GLU HG3  H N N 156 
GLU HE2  H N N 157 
GLU HXT  H N N 158 
GLY N    N N N 159 
GLY CA   C N N 160 
GLY C    C N N 161 
GLY O    O N N 162 
GLY OXT  O N N 163 
GLY H    H N N 164 
GLY H2   H N N 165 
GLY HA2  H N N 166 
GLY HA3  H N N 167 
GLY HXT  H N N 168 
H31 C4   C Y N 169 
H31 C5   C Y N 170 
H31 C6   C Y N 171 
H31 C7   C Y N 172 
H31 C8   C Y N 173 
H31 C10  C Y N 174 
H31 C13  C N N 175 
H31 C15  C N N 176 
H31 O    O N N 177 
H31 C16  C N N 178 
H31 C14  C N N 179 
H31 N    N N N 180 
H31 C12  C Y N 181 
H31 C11  C Y N 182 
H31 C9   C Y N 183 
H31 C3   C Y N 184 
H31 C2   C Y N 185 
H31 C1   C Y N 186 
H31 C    C N N 187 
H31 H1   H N N 188 
H31 H2   H N N 189 
H31 H3   H N N 190 
H31 H4   H N N 191 
H31 H5   H N N 192 
H31 H6   H N N 193 
H31 H7   H N N 194 
H31 H8   H N N 195 
H31 H9   H N N 196 
H31 H10  H N N 197 
H31 H11  H N N 198 
H31 H12  H N N 199 
H31 H13  H N N 200 
H31 H14  H N N 201 
H31 H15  H N N 202 
H31 H16  H N N 203 
H31 H17  H N N 204 
HIS N    N N N 205 
HIS CA   C N S 206 
HIS C    C N N 207 
HIS O    O N N 208 
HIS CB   C N N 209 
HIS CG   C Y N 210 
HIS ND1  N Y N 211 
HIS CD2  C Y N 212 
HIS CE1  C Y N 213 
HIS NE2  N Y N 214 
HIS OXT  O N N 215 
HIS H    H N N 216 
HIS H2   H N N 217 
HIS HA   H N N 218 
HIS HB2  H N N 219 
HIS HB3  H N N 220 
HIS HD1  H N N 221 
HIS HD2  H N N 222 
HIS HE1  H N N 223 
HIS HE2  H N N 224 
HIS HXT  H N N 225 
HOH O    O N N 226 
HOH H1   H N N 227 
HOH H2   H N N 228 
HYP N    N N N 229 
HYP CA   C N S 230 
HYP C    C N N 231 
HYP O    O N N 232 
HYP CB   C N N 233 
HYP CG   C N R 234 
HYP CD   C N N 235 
HYP OD1  O N N 236 
HYP OXT  O N N 237 
HYP H    H N N 238 
HYP HA   H N N 239 
HYP HB2  H N N 240 
HYP HB3  H N N 241 
HYP HG   H N N 242 
HYP HD22 H N N 243 
HYP HD23 H N N 244 
HYP HD1  H N N 245 
HYP HXT  H N N 246 
ILE N    N N N 247 
ILE CA   C N S 248 
ILE C    C N N 249 
ILE O    O N N 250 
ILE CB   C N S 251 
ILE CG1  C N N 252 
ILE CG2  C N N 253 
ILE CD1  C N N 254 
ILE OXT  O N N 255 
ILE H    H N N 256 
ILE H2   H N N 257 
ILE HA   H N N 258 
ILE HB   H N N 259 
ILE HG12 H N N 260 
ILE HG13 H N N 261 
ILE HG21 H N N 262 
ILE HG22 H N N 263 
ILE HG23 H N N 264 
ILE HD11 H N N 265 
ILE HD12 H N N 266 
ILE HD13 H N N 267 
ILE HXT  H N N 268 
LEU N    N N N 269 
LEU CA   C N S 270 
LEU C    C N N 271 
LEU O    O N N 272 
LEU CB   C N N 273 
LEU CG   C N N 274 
LEU CD1  C N N 275 
LEU CD2  C N N 276 
LEU OXT  O N N 277 
LEU H    H N N 278 
LEU H2   H N N 279 
LEU HA   H N N 280 
LEU HB2  H N N 281 
LEU HB3  H N N 282 
LEU HG   H N N 283 
LEU HD11 H N N 284 
LEU HD12 H N N 285 
LEU HD13 H N N 286 
LEU HD21 H N N 287 
LEU HD22 H N N 288 
LEU HD23 H N N 289 
LEU HXT  H N N 290 
LYS N    N N N 291 
LYS CA   C N S 292 
LYS C    C N N 293 
LYS O    O N N 294 
LYS CB   C N N 295 
LYS CG   C N N 296 
LYS CD   C N N 297 
LYS CE   C N N 298 
LYS NZ   N N N 299 
LYS OXT  O N N 300 
LYS H    H N N 301 
LYS H2   H N N 302 
LYS HA   H N N 303 
LYS HB2  H N N 304 
LYS HB3  H N N 305 
LYS HG2  H N N 306 
LYS HG3  H N N 307 
LYS HD2  H N N 308 
LYS HD3  H N N 309 
LYS HE2  H N N 310 
LYS HE3  H N N 311 
LYS HZ1  H N N 312 
LYS HZ2  H N N 313 
LYS HZ3  H N N 314 
LYS HXT  H N N 315 
MET N    N N N 316 
MET CA   C N S 317 
MET C    C N N 318 
MET O    O N N 319 
MET CB   C N N 320 
MET CG   C N N 321 
MET SD   S N N 322 
MET CE   C N N 323 
MET OXT  O N N 324 
MET H    H N N 325 
MET H2   H N N 326 
MET HA   H N N 327 
MET HB2  H N N 328 
MET HB3  H N N 329 
MET HG2  H N N 330 
MET HG3  H N N 331 
MET HE1  H N N 332 
MET HE2  H N N 333 
MET HE3  H N N 334 
MET HXT  H N N 335 
PHE N    N N N 336 
PHE CA   C N S 337 
PHE C    C N N 338 
PHE O    O N N 339 
PHE CB   C N N 340 
PHE CG   C Y N 341 
PHE CD1  C Y N 342 
PHE CD2  C Y N 343 
PHE CE1  C Y N 344 
PHE CE2  C Y N 345 
PHE CZ   C Y N 346 
PHE OXT  O N N 347 
PHE H    H N N 348 
PHE H2   H N N 349 
PHE HA   H N N 350 
PHE HB2  H N N 351 
PHE HB3  H N N 352 
PHE HD1  H N N 353 
PHE HD2  H N N 354 
PHE HE1  H N N 355 
PHE HE2  H N N 356 
PHE HZ   H N N 357 
PHE HXT  H N N 358 
PRO N    N N N 359 
PRO CA   C N S 360 
PRO C    C N N 361 
PRO O    O N N 362 
PRO CB   C N N 363 
PRO CG   C N N 364 
PRO CD   C N N 365 
PRO OXT  O N N 366 
PRO H    H N N 367 
PRO HA   H N N 368 
PRO HB2  H N N 369 
PRO HB3  H N N 370 
PRO HG2  H N N 371 
PRO HG3  H N N 372 
PRO HD2  H N N 373 
PRO HD3  H N N 374 
PRO HXT  H N N 375 
SER N    N N N 376 
SER CA   C N S 377 
SER C    C N N 378 
SER O    O N N 379 
SER CB   C N N 380 
SER OG   O N N 381 
SER OXT  O N N 382 
SER H    H N N 383 
SER H2   H N N 384 
SER HA   H N N 385 
SER HB2  H N N 386 
SER HB3  H N N 387 
SER HG   H N N 388 
SER HXT  H N N 389 
THR N    N N N 390 
THR CA   C N S 391 
THR C    C N N 392 
THR O    O N N 393 
THR CB   C N R 394 
THR OG1  O N N 395 
THR CG2  C N N 396 
THR OXT  O N N 397 
THR H    H N N 398 
THR H2   H N N 399 
THR HA   H N N 400 
THR HB   H N N 401 
THR HG1  H N N 402 
THR HG21 H N N 403 
THR HG22 H N N 404 
THR HG23 H N N 405 
THR HXT  H N N 406 
TYR N    N N N 407 
TYR CA   C N S 408 
TYR C    C N N 409 
TYR O    O N N 410 
TYR CB   C N N 411 
TYR CG   C Y N 412 
TYR CD1  C Y N 413 
TYR CD2  C Y N 414 
TYR CE1  C Y N 415 
TYR CE2  C Y N 416 
TYR CZ   C Y N 417 
TYR OH   O N N 418 
TYR OXT  O N N 419 
TYR H    H N N 420 
TYR H2   H N N 421 
TYR HA   H N N 422 
TYR HB2  H N N 423 
TYR HB3  H N N 424 
TYR HD1  H N N 425 
TYR HD2  H N N 426 
TYR HE1  H N N 427 
TYR HE2  H N N 428 
TYR HH   H N N 429 
TYR HXT  H N N 430 
VAL N    N N N 431 
VAL CA   C N S 432 
VAL C    C N N 433 
VAL O    O N N 434 
VAL CB   C N N 435 
VAL CG1  C N N 436 
VAL CG2  C N N 437 
VAL OXT  O N N 438 
VAL H    H N N 439 
VAL H2   H N N 440 
VAL HA   H N N 441 
VAL HB   H N N 442 
VAL HG11 H N N 443 
VAL HG12 H N N 444 
VAL HG13 H N N 445 
VAL HG21 H N N 446 
VAL HG22 H N N 447 
VAL HG23 H N N 448 
VAL HXT  H N N 449 
# 
loop_
_chem_comp_bond.comp_id 
_chem_comp_bond.atom_id_1 
_chem_comp_bond.atom_id_2 
_chem_comp_bond.value_order 
_chem_comp_bond.pdbx_aromatic_flag 
_chem_comp_bond.pdbx_stereo_config 
_chem_comp_bond.pdbx_ordinal 
ACT C   O    doub N N 1   
ACT C   OXT  sing N N 2   
ACT C   CH3  sing N N 3   
ACT CH3 H1   sing N N 4   
ACT CH3 H2   sing N N 5   
ACT CH3 H3   sing N N 6   
ALA N   CA   sing N N 7   
ALA N   H    sing N N 8   
ALA N   H2   sing N N 9   
ALA CA  C    sing N N 10  
ALA CA  CB   sing N N 11  
ALA CA  HA   sing N N 12  
ALA C   O    doub N N 13  
ALA C   OXT  sing N N 14  
ALA CB  HB1  sing N N 15  
ALA CB  HB2  sing N N 16  
ALA CB  HB3  sing N N 17  
ALA OXT HXT  sing N N 18  
ARG N   CA   sing N N 19  
ARG N   H    sing N N 20  
ARG N   H2   sing N N 21  
ARG CA  C    sing N N 22  
ARG CA  CB   sing N N 23  
ARG CA  HA   sing N N 24  
ARG C   O    doub N N 25  
ARG C   OXT  sing N N 26  
ARG CB  CG   sing N N 27  
ARG CB  HB2  sing N N 28  
ARG CB  HB3  sing N N 29  
ARG CG  CD   sing N N 30  
ARG CG  HG2  sing N N 31  
ARG CG  HG3  sing N N 32  
ARG CD  NE   sing N N 33  
ARG CD  HD2  sing N N 34  
ARG CD  HD3  sing N N 35  
ARG NE  CZ   sing N N 36  
ARG NE  HE   sing N N 37  
ARG CZ  NH1  sing N N 38  
ARG CZ  NH2  doub N N 39  
ARG NH1 HH11 sing N N 40  
ARG NH1 HH12 sing N N 41  
ARG NH2 HH21 sing N N 42  
ARG NH2 HH22 sing N N 43  
ARG OXT HXT  sing N N 44  
ASN N   CA   sing N N 45  
ASN N   H    sing N N 46  
ASN N   H2   sing N N 47  
ASN CA  C    sing N N 48  
ASN CA  CB   sing N N 49  
ASN CA  HA   sing N N 50  
ASN C   O    doub N N 51  
ASN C   OXT  sing N N 52  
ASN CB  CG   sing N N 53  
ASN CB  HB2  sing N N 54  
ASN CB  HB3  sing N N 55  
ASN CG  OD1  doub N N 56  
ASN CG  ND2  sing N N 57  
ASN ND2 HD21 sing N N 58  
ASN ND2 HD22 sing N N 59  
ASN OXT HXT  sing N N 60  
ASP N   CA   sing N N 61  
ASP N   H    sing N N 62  
ASP N   H2   sing N N 63  
ASP CA  C    sing N N 64  
ASP CA  CB   sing N N 65  
ASP CA  HA   sing N N 66  
ASP C   O    doub N N 67  
ASP C   OXT  sing N N 68  
ASP CB  CG   sing N N 69  
ASP CB  HB2  sing N N 70  
ASP CB  HB3  sing N N 71  
ASP CG  OD1  doub N N 72  
ASP CG  OD2  sing N N 73  
ASP OD2 HD2  sing N N 74  
ASP OXT HXT  sing N N 75  
CSO N   CA   sing N N 76  
CSO N   H    sing N N 77  
CSO N   H2   sing N N 78  
CSO CA  CB   sing N N 79  
CSO CA  C    sing N N 80  
CSO CA  HA   sing N N 81  
CSO CB  SG   sing N N 82  
CSO CB  HB2  sing N N 83  
CSO CB  HB3  sing N N 84  
CSO SG  OD   sing N N 85  
CSO C   O    doub N N 86  
CSO C   OXT  sing N N 87  
CSO OXT HXT  sing N N 88  
CSO OD  HD   sing N N 89  
CYS N   CA   sing N N 90  
CYS N   H    sing N N 91  
CYS N   H2   sing N N 92  
CYS CA  C    sing N N 93  
CYS CA  CB   sing N N 94  
CYS CA  HA   sing N N 95  
CYS C   O    doub N N 96  
CYS C   OXT  sing N N 97  
CYS CB  SG   sing N N 98  
CYS CB  HB2  sing N N 99  
CYS CB  HB3  sing N N 100 
CYS SG  HG   sing N N 101 
CYS OXT HXT  sing N N 102 
DMS S   O    doub N N 103 
DMS S   C1   sing N N 104 
DMS S   C2   sing N N 105 
DMS C1  H11  sing N N 106 
DMS C1  H12  sing N N 107 
DMS C1  H13  sing N N 108 
DMS C2  H21  sing N N 109 
DMS C2  H22  sing N N 110 
DMS C2  H23  sing N N 111 
GLN N   CA   sing N N 112 
GLN N   H    sing N N 113 
GLN N   H2   sing N N 114 
GLN CA  C    sing N N 115 
GLN CA  CB   sing N N 116 
GLN CA  HA   sing N N 117 
GLN C   O    doub N N 118 
GLN C   OXT  sing N N 119 
GLN CB  CG   sing N N 120 
GLN CB  HB2  sing N N 121 
GLN CB  HB3  sing N N 122 
GLN CG  CD   sing N N 123 
GLN CG  HG2  sing N N 124 
GLN CG  HG3  sing N N 125 
GLN CD  OE1  doub N N 126 
GLN CD  NE2  sing N N 127 
GLN NE2 HE21 sing N N 128 
GLN NE2 HE22 sing N N 129 
GLN OXT HXT  sing N N 130 
GLU N   CA   sing N N 131 
GLU N   H    sing N N 132 
GLU N   H2   sing N N 133 
GLU CA  C    sing N N 134 
GLU CA  CB   sing N N 135 
GLU CA  HA   sing N N 136 
GLU C   O    doub N N 137 
GLU C   OXT  sing N N 138 
GLU CB  CG   sing N N 139 
GLU CB  HB2  sing N N 140 
GLU CB  HB3  sing N N 141 
GLU CG  CD   sing N N 142 
GLU CG  HG2  sing N N 143 
GLU CG  HG3  sing N N 144 
GLU CD  OE1  doub N N 145 
GLU CD  OE2  sing N N 146 
GLU OE2 HE2  sing N N 147 
GLU OXT HXT  sing N N 148 
GLY N   CA   sing N N 149 
GLY N   H    sing N N 150 
GLY N   H2   sing N N 151 
GLY CA  C    sing N N 152 
GLY CA  HA2  sing N N 153 
GLY CA  HA3  sing N N 154 
GLY C   O    doub N N 155 
GLY C   OXT  sing N N 156 
GLY OXT HXT  sing N N 157 
H31 C9  C8   doub Y N 158 
H31 C9  C10  sing Y N 159 
H31 C8  C7   sing Y N 160 
H31 C10 C11  doub Y N 161 
H31 C3  C2   doub Y N 162 
H31 C3  C4   sing Y N 163 
H31 C7  C4   sing N N 164 
H31 C7  C12  doub Y N 165 
H31 C2  C1   sing Y N 166 
H31 C4  C5   doub Y N 167 
H31 C1  C    sing N N 168 
H31 C1  C6   doub Y N 169 
H31 C5  C6   sing Y N 170 
H31 C11 C12  sing Y N 171 
H31 C12 N    sing N N 172 
H31 O   C16  doub N N 173 
H31 N   C16  sing N N 174 
H31 N   C13  sing N N 175 
H31 C16 C15  sing N N 176 
H31 C13 C14  sing N N 177 
H31 C15 C14  sing N N 178 
H31 C5  H1   sing N N 179 
H31 C6  H2   sing N N 180 
H31 C8  H3   sing N N 181 
H31 C10 H4   sing N N 182 
H31 C13 H5   sing N N 183 
H31 C13 H6   sing N N 184 
H31 C15 H7   sing N N 185 
H31 C15 H8   sing N N 186 
H31 C14 H9   sing N N 187 
H31 C14 H10  sing N N 188 
H31 C11 H11  sing N N 189 
H31 C9  H12  sing N N 190 
H31 C3  H13  sing N N 191 
H31 C2  H14  sing N N 192 
H31 C   H15  sing N N 193 
H31 C   H16  sing N N 194 
H31 C   H17  sing N N 195 
HIS N   CA   sing N N 196 
HIS N   H    sing N N 197 
HIS N   H2   sing N N 198 
HIS CA  C    sing N N 199 
HIS CA  CB   sing N N 200 
HIS CA  HA   sing N N 201 
HIS C   O    doub N N 202 
HIS C   OXT  sing N N 203 
HIS CB  CG   sing N N 204 
HIS CB  HB2  sing N N 205 
HIS CB  HB3  sing N N 206 
HIS CG  ND1  sing Y N 207 
HIS CG  CD2  doub Y N 208 
HIS ND1 CE1  doub Y N 209 
HIS ND1 HD1  sing N N 210 
HIS CD2 NE2  sing Y N 211 
HIS CD2 HD2  sing N N 212 
HIS CE1 NE2  sing Y N 213 
HIS CE1 HE1  sing N N 214 
HIS NE2 HE2  sing N N 215 
HIS OXT HXT  sing N N 216 
HOH O   H1   sing N N 217 
HOH O   H2   sing N N 218 
HYP N   CA   sing N N 219 
HYP N   CD   sing N N 220 
HYP N   H    sing N N 221 
HYP CA  C    sing N N 222 
HYP CA  CB   sing N N 223 
HYP CA  HA   sing N N 224 
HYP C   O    doub N N 225 
HYP C   OXT  sing N N 226 
HYP CB  CG   sing N N 227 
HYP CB  HB2  sing N N 228 
HYP CB  HB3  sing N N 229 
HYP CG  CD   sing N N 230 
HYP CG  OD1  sing N N 231 
HYP CG  HG   sing N N 232 
HYP CD  HD22 sing N N 233 
HYP CD  HD23 sing N N 234 
HYP OD1 HD1  sing N N 235 
HYP OXT HXT  sing N N 236 
ILE N   CA   sing N N 237 
ILE N   H    sing N N 238 
ILE N   H2   sing N N 239 
ILE CA  C    sing N N 240 
ILE CA  CB   sing N N 241 
ILE CA  HA   sing N N 242 
ILE C   O    doub N N 243 
ILE C   OXT  sing N N 244 
ILE CB  CG1  sing N N 245 
ILE CB  CG2  sing N N 246 
ILE CB  HB   sing N N 247 
ILE CG1 CD1  sing N N 248 
ILE CG1 HG12 sing N N 249 
ILE CG1 HG13 sing N N 250 
ILE CG2 HG21 sing N N 251 
ILE CG2 HG22 sing N N 252 
ILE CG2 HG23 sing N N 253 
ILE CD1 HD11 sing N N 254 
ILE CD1 HD12 sing N N 255 
ILE CD1 HD13 sing N N 256 
ILE OXT HXT  sing N N 257 
LEU N   CA   sing N N 258 
LEU N   H    sing N N 259 
LEU N   H2   sing N N 260 
LEU CA  C    sing N N 261 
LEU CA  CB   sing N N 262 
LEU CA  HA   sing N N 263 
LEU C   O    doub N N 264 
LEU C   OXT  sing N N 265 
LEU CB  CG   sing N N 266 
LEU CB  HB2  sing N N 267 
LEU CB  HB3  sing N N 268 
LEU CG  CD1  sing N N 269 
LEU CG  CD2  sing N N 270 
LEU CG  HG   sing N N 271 
LEU CD1 HD11 sing N N 272 
LEU CD1 HD12 sing N N 273 
LEU CD1 HD13 sing N N 274 
LEU CD2 HD21 sing N N 275 
LEU CD2 HD22 sing N N 276 
LEU CD2 HD23 sing N N 277 
LEU OXT HXT  sing N N 278 
LYS N   CA   sing N N 279 
LYS N   H    sing N N 280 
LYS N   H2   sing N N 281 
LYS CA  C    sing N N 282 
LYS CA  CB   sing N N 283 
LYS CA  HA   sing N N 284 
LYS C   O    doub N N 285 
LYS C   OXT  sing N N 286 
LYS CB  CG   sing N N 287 
LYS CB  HB2  sing N N 288 
LYS CB  HB3  sing N N 289 
LYS CG  CD   sing N N 290 
LYS CG  HG2  sing N N 291 
LYS CG  HG3  sing N N 292 
LYS CD  CE   sing N N 293 
LYS CD  HD2  sing N N 294 
LYS CD  HD3  sing N N 295 
LYS CE  NZ   sing N N 296 
LYS CE  HE2  sing N N 297 
LYS CE  HE3  sing N N 298 
LYS NZ  HZ1  sing N N 299 
LYS NZ  HZ2  sing N N 300 
LYS NZ  HZ3  sing N N 301 
LYS OXT HXT  sing N N 302 
MET N   CA   sing N N 303 
MET N   H    sing N N 304 
MET N   H2   sing N N 305 
MET CA  C    sing N N 306 
MET CA  CB   sing N N 307 
MET CA  HA   sing N N 308 
MET C   O    doub N N 309 
MET C   OXT  sing N N 310 
MET CB  CG   sing N N 311 
MET CB  HB2  sing N N 312 
MET CB  HB3  sing N N 313 
MET CG  SD   sing N N 314 
MET CG  HG2  sing N N 315 
MET CG  HG3  sing N N 316 
MET SD  CE   sing N N 317 
MET CE  HE1  sing N N 318 
MET CE  HE2  sing N N 319 
MET CE  HE3  sing N N 320 
MET OXT HXT  sing N N 321 
PHE N   CA   sing N N 322 
PHE N   H    sing N N 323 
PHE N   H2   sing N N 324 
PHE CA  C    sing N N 325 
PHE CA  CB   sing N N 326 
PHE CA  HA   sing N N 327 
PHE C   O    doub N N 328 
PHE C   OXT  sing N N 329 
PHE CB  CG   sing N N 330 
PHE CB  HB2  sing N N 331 
PHE CB  HB3  sing N N 332 
PHE CG  CD1  doub Y N 333 
PHE CG  CD2  sing Y N 334 
PHE CD1 CE1  sing Y N 335 
PHE CD1 HD1  sing N N 336 
PHE CD2 CE2  doub Y N 337 
PHE CD2 HD2  sing N N 338 
PHE CE1 CZ   doub Y N 339 
PHE CE1 HE1  sing N N 340 
PHE CE2 CZ   sing Y N 341 
PHE CE2 HE2  sing N N 342 
PHE CZ  HZ   sing N N 343 
PHE OXT HXT  sing N N 344 
PRO N   CA   sing N N 345 
PRO N   CD   sing N N 346 
PRO N   H    sing N N 347 
PRO CA  C    sing N N 348 
PRO CA  CB   sing N N 349 
PRO CA  HA   sing N N 350 
PRO C   O    doub N N 351 
PRO C   OXT  sing N N 352 
PRO CB  CG   sing N N 353 
PRO CB  HB2  sing N N 354 
PRO CB  HB3  sing N N 355 
PRO CG  CD   sing N N 356 
PRO CG  HG2  sing N N 357 
PRO CG  HG3  sing N N 358 
PRO CD  HD2  sing N N 359 
PRO CD  HD3  sing N N 360 
PRO OXT HXT  sing N N 361 
SER N   CA   sing N N 362 
SER N   H    sing N N 363 
SER N   H2   sing N N 364 
SER CA  C    sing N N 365 
SER CA  CB   sing N N 366 
SER CA  HA   sing N N 367 
SER C   O    doub N N 368 
SER C   OXT  sing N N 369 
SER CB  OG   sing N N 370 
SER CB  HB2  sing N N 371 
SER CB  HB3  sing N N 372 
SER OG  HG   sing N N 373 
SER OXT HXT  sing N N 374 
THR N   CA   sing N N 375 
THR N   H    sing N N 376 
THR N   H2   sing N N 377 
THR CA  C    sing N N 378 
THR CA  CB   sing N N 379 
THR CA  HA   sing N N 380 
THR C   O    doub N N 381 
THR C   OXT  sing N N 382 
THR CB  OG1  sing N N 383 
THR CB  CG2  sing N N 384 
THR CB  HB   sing N N 385 
THR OG1 HG1  sing N N 386 
THR CG2 HG21 sing N N 387 
THR CG2 HG22 sing N N 388 
THR CG2 HG23 sing N N 389 
THR OXT HXT  sing N N 390 
TYR N   CA   sing N N 391 
TYR N   H    sing N N 392 
TYR N   H2   sing N N 393 
TYR CA  C    sing N N 394 
TYR CA  CB   sing N N 395 
TYR CA  HA   sing N N 396 
TYR C   O    doub N N 397 
TYR C   OXT  sing N N 398 
TYR CB  CG   sing N N 399 
TYR CB  HB2  sing N N 400 
TYR CB  HB3  sing N N 401 
TYR CG  CD1  doub Y N 402 
TYR CG  CD2  sing Y N 403 
TYR CD1 CE1  sing Y N 404 
TYR CD1 HD1  sing N N 405 
TYR CD2 CE2  doub Y N 406 
TYR CD2 HD2  sing N N 407 
TYR CE1 CZ   doub Y N 408 
TYR CE1 HE1  sing N N 409 
TYR CE2 CZ   sing Y N 410 
TYR CE2 HE2  sing N N 411 
TYR CZ  OH   sing N N 412 
TYR OH  HH   sing N N 413 
TYR OXT HXT  sing N N 414 
VAL N   CA   sing N N 415 
VAL N   H    sing N N 416 
VAL N   H2   sing N N 417 
VAL CA  C    sing N N 418 
VAL CA  CB   sing N N 419 
VAL CA  HA   sing N N 420 
VAL C   O    doub N N 421 
VAL C   OXT  sing N N 422 
VAL CB  CG1  sing N N 423 
VAL CB  CG2  sing N N 424 
VAL CB  HB   sing N N 425 
VAL CG1 HG11 sing N N 426 
VAL CG1 HG12 sing N N 427 
VAL CG1 HG13 sing N N 428 
VAL CG2 HG21 sing N N 429 
VAL CG2 HG22 sing N N 430 
VAL CG2 HG23 sing N N 431 
VAL OXT HXT  sing N N 432 
# 
_pdbx_deposit_group.group_id            G_1002045 
_pdbx_deposit_group.group_description   
;human NUDT7 screened against the 3D-Fragment Consortium Library by X-ray Crystallography at the XChem facility of Diamond Light Source beamline I04-1
;
_pdbx_deposit_group.group_title         'PanDDA analysis group deposition of models with modelled events (e.g. bound ligands)' 
_pdbx_deposit_group.group_type          'changed state' 
# 
loop_
_pdbx_entity_nonpoly.entity_id 
_pdbx_entity_nonpoly.name 
_pdbx_entity_nonpoly.comp_id 
2 'ACETATE ION'                                       ACT 
3 'DIMETHYL SULFOXIDE'                                DMS 
4 "1-(4'-methyl[1,1'-biphenyl]-2-yl)pyrrolidin-2-one" H31 
5 water                                               HOH 
# 
_pdbx_related_exp_data_set.ordinal              1 
_pdbx_related_exp_data_set.data_reference       10.5281/zenodo.1244111 
_pdbx_related_exp_data_set.metadata_reference   10.5281/zenodo.1244111 
_pdbx_related_exp_data_set.data_set_type        'other data' 
_pdbx_related_exp_data_set.details              'Complete PanDDA analysis' 
# 
